data_5FJ5
#
_entry.id   5FJ5
#
_cell.length_a   1.000
_cell.length_b   1.000
_cell.length_c   1.000
_cell.angle_alpha   90.00
_cell.angle_beta   90.00
_cell.angle_gamma   90.00
#
_symmetry.space_group_name_H-M   'P 1'
#
_entity_poly.entity_id   1
_entity_poly.type   'polypeptide(L)'
_entity_poly.pdbx_seq_one_letter_code
;GFNLKVKDLNGSARGLTQAFAIGELKNQLSVGALQLPLQFTRTFSASMTSELLWEVGKGNIDPVMYARLFFQYAQAGGAL
SVDELVNQFTEYHQSTACNPEIWRKLTAYITGSSNRAIKADAVGKVPPTAILEQLRTLAPSEHELFHHITTDFVCHVLSP
LGFILPDAAYVYRVGRTATYPNFYALVDCVRASDLRRMLTALSSVDSKMLQATFKAKGALAPALISQHLANAATTAFERS
RGNFDANAVVSSVLTILGRLWSPSTPKELDPSARLRNTNGIDQLRSNLALFIAYQDMVKQRGRAEVIFSDEELSSTIIPW
FIEAMSEVSPFKLRPINETTSYIGQTSAIDHMGQPSHVVVYEDWQFAKEITAFTPVKLANNSNQRFLDVEPGISDRMSAT
LAPIGNTFAVSAFVKNRTAVYEAVSQRGTVNSNGAEMTLGFPSVVERDYALDRDPMVAIAALRTGIVDESLEARASNDLK
RSMFNYYAAVMHYAVAHNPEVVVSEHQGVAAEQGSLYLVWNVRTELRIPVGYNAIEGGSIRTPEPLEAIAYNKPIQPSEV
LQAKVLDLANHTTSIHIWPWHEASTEFAYEDAYSVTIRNKRYTAEVKEFELLGLGQRRERVRILKPTVAHAIIQMWYSWF
VEDDRTLAAARRTSRDDAEKLAIDGRRMQNAVTLLRKIEMIGTTGIGASAVHLAQSRIVDQMAGRGLIDDSSDLHVGINR
HRIRIWAGLAVLQMMGLLSRSEAEALTKVLGDSNALGMVVA
;
_entity_poly.pdbx_strand_id   A,B
#
# COMPACT_ATOMS: atom_id res chain seq x y z
N GLY A 1 -1.55 -2.73 -30.69
CA GLY A 1 -2.68 -3.64 -30.72
C GLY A 1 -4.01 -2.92 -30.89
N PHE A 2 -4.95 -3.56 -31.58
CA PHE A 2 -6.26 -2.99 -31.80
C PHE A 2 -7.32 -4.05 -31.98
N ASN A 3 -8.53 -3.63 -32.34
CA ASN A 3 -9.62 -4.56 -32.52
C ASN A 3 -10.56 -4.23 -33.69
N LEU A 4 -11.31 -5.25 -34.09
CA LEU A 4 -12.08 -5.25 -35.31
C LEU A 4 -13.15 -6.33 -35.23
N LYS A 5 -14.25 -6.13 -35.94
CA LYS A 5 -15.30 -7.13 -35.99
C LYS A 5 -14.91 -8.29 -36.89
N VAL A 6 -15.43 -9.48 -36.59
CA VAL A 6 -15.11 -10.66 -37.38
C VAL A 6 -15.91 -10.73 -38.67
N LYS A 7 -17.23 -10.58 -38.56
CA LYS A 7 -18.09 -10.64 -39.73
C LYS A 7 -17.79 -9.49 -40.67
N ASP A 8 -17.34 -8.38 -40.10
CA ASP A 8 -17.25 -7.14 -40.83
C ASP A 8 -15.80 -6.72 -41.04
N LEU A 9 -14.88 -7.67 -40.85
CA LEU A 9 -13.46 -7.34 -40.88
C LEU A 9 -13.03 -6.78 -42.22
N ASN A 10 -13.68 -7.22 -43.29
CA ASN A 10 -13.47 -6.64 -44.60
C ASN A 10 -14.00 -5.22 -44.65
N GLY A 11 -15.03 -4.95 -43.86
CA GLY A 11 -15.52 -3.60 -43.72
C GLY A 11 -14.72 -2.88 -42.66
N SER A 12 -13.91 -3.67 -41.94
CA SER A 12 -13.11 -3.12 -40.86
C SER A 12 -11.66 -3.03 -41.29
N ALA A 13 -10.85 -3.99 -40.86
CA ALA A 13 -9.45 -4.00 -41.25
C ALA A 13 -9.34 -4.58 -42.65
N ARG A 14 -9.89 -3.82 -43.60
CA ARG A 14 -10.08 -4.29 -44.96
C ARG A 14 -8.77 -4.64 -45.63
N GLY A 15 -7.72 -3.94 -45.28
CA GLY A 15 -6.42 -4.25 -45.84
C GLY A 15 -5.90 -5.56 -45.29
N LEU A 16 -6.34 -5.91 -44.10
CA LEU A 16 -5.75 -7.04 -43.41
C LEU A 16 -6.36 -8.35 -43.83
N THR A 17 -7.34 -8.27 -44.72
CA THR A 17 -8.22 -9.40 -45.02
C THR A 17 -7.65 -10.37 -46.05
N GLN A 18 -6.37 -10.23 -46.36
CA GLN A 18 -5.66 -11.13 -47.27
C GLN A 18 -6.23 -11.09 -48.69
N ALA A 19 -7.53 -10.96 -48.80
CA ALA A 19 -8.14 -10.70 -50.08
C ALA A 19 -7.57 -9.40 -50.60
N PHE A 20 -7.22 -8.51 -49.68
CA PHE A 20 -6.57 -7.26 -50.00
C PHE A 20 -5.17 -7.45 -50.54
N ALA A 21 -4.53 -8.56 -50.19
CA ALA A 21 -3.19 -8.83 -50.69
C ALA A 21 -3.26 -8.95 -52.20
N ILE A 22 -4.44 -9.35 -52.65
CA ILE A 22 -4.76 -9.32 -54.05
C ILE A 22 -5.61 -8.08 -54.26
N GLY A 23 -5.79 -7.66 -55.51
CA GLY A 23 -6.47 -6.41 -55.79
C GLY A 23 -7.97 -6.55 -55.61
N GLU A 24 -8.37 -7.73 -55.13
CA GLU A 24 -9.77 -8.04 -54.92
C GLU A 24 -10.42 -7.04 -53.97
N LEU A 25 -11.62 -6.62 -54.36
CA LEU A 25 -12.54 -5.89 -53.50
C LEU A 25 -13.92 -6.41 -53.84
N LYS A 26 -14.42 -5.97 -54.99
CA LYS A 26 -15.59 -6.58 -55.62
C LYS A 26 -16.87 -6.57 -54.80
N ASN A 27 -17.95 -7.03 -55.43
CA ASN A 27 -19.13 -7.42 -54.70
C ASN A 27 -18.79 -8.65 -53.87
N GLN A 28 -17.81 -9.40 -54.35
CA GLN A 28 -17.47 -10.69 -53.77
C GLN A 28 -16.20 -10.62 -52.94
N LEU A 29 -16.17 -11.39 -51.86
CA LEU A 29 -15.01 -11.45 -51.00
C LEU A 29 -14.12 -12.60 -51.41
N SER A 30 -13.57 -12.49 -52.61
CA SER A 30 -12.68 -13.51 -53.15
C SER A 30 -13.35 -14.88 -53.11
N VAL A 31 -12.53 -15.91 -52.90
CA VAL A 31 -12.96 -17.28 -52.63
C VAL A 31 -13.95 -17.84 -53.66
N GLY A 32 -14.51 -19.00 -53.35
CA GLY A 32 -15.24 -19.82 -54.29
C GLY A 32 -14.81 -21.23 -53.92
N ALA A 33 -14.48 -22.04 -54.92
CA ALA A 33 -13.92 -23.35 -54.64
C ALA A 33 -13.17 -23.89 -55.85
N LEU A 34 -12.10 -24.63 -55.60
CA LEU A 34 -11.44 -25.34 -56.69
C LEU A 34 -10.49 -26.41 -56.13
N GLN A 35 -9.24 -26.43 -56.59
CA GLN A 35 -8.54 -27.71 -56.68
C GLN A 35 -7.28 -27.97 -55.86
N LEU A 36 -6.14 -27.85 -56.52
CA LEU A 36 -4.97 -28.69 -56.22
C LEU A 36 -4.32 -28.46 -54.87
N PRO A 37 -4.24 -29.53 -54.06
CA PRO A 37 -3.80 -29.47 -52.67
C PRO A 37 -2.37 -29.90 -52.39
N LEU A 38 -1.71 -29.16 -51.52
CA LEU A 38 -0.43 -29.55 -50.93
C LEU A 38 -0.08 -28.52 -49.86
N GLN A 39 0.06 -28.96 -48.62
CA GLN A 39 0.44 -28.03 -47.56
C GLN A 39 1.81 -27.47 -47.90
N PHE A 40 1.96 -26.16 -47.81
CA PHE A 40 3.06 -25.52 -48.51
C PHE A 40 4.38 -25.57 -47.75
N THR A 41 4.32 -26.00 -46.49
CA THR A 41 5.45 -26.50 -45.69
C THR A 41 6.84 -25.82 -45.71
N ARG A 42 7.62 -26.19 -44.69
CA ARG A 42 9.00 -25.76 -44.45
C ARG A 42 9.28 -24.27 -44.65
N THR A 43 8.93 -23.45 -43.67
CA THR A 43 9.22 -22.03 -43.76
C THR A 43 10.62 -21.62 -43.32
N PHE A 44 11.10 -20.53 -43.92
CA PHE A 44 12.36 -19.93 -43.51
C PHE A 44 12.29 -19.45 -42.07
N SER A 45 13.40 -19.61 -41.34
CA SER A 45 13.38 -19.74 -39.88
C SER A 45 13.06 -18.48 -39.08
N ALA A 46 13.76 -18.32 -37.96
CA ALA A 46 13.46 -17.26 -37.01
C ALA A 46 14.61 -16.27 -36.90
N SER A 47 14.47 -15.15 -37.60
CA SER A 47 15.49 -14.13 -37.56
C SER A 47 15.36 -13.27 -36.31
N MET A 48 14.28 -13.44 -35.56
CA MET A 48 14.10 -12.61 -34.37
C MET A 48 15.16 -12.99 -33.37
N THR A 49 15.33 -12.13 -32.37
CA THR A 49 16.45 -12.20 -31.43
C THR A 49 17.76 -12.56 -32.12
N SER A 50 18.60 -13.33 -31.42
CA SER A 50 19.89 -13.78 -31.94
C SER A 50 20.82 -12.63 -32.26
N GLU A 51 20.65 -11.51 -31.57
CA GLU A 51 21.55 -10.38 -31.74
C GLU A 51 22.93 -10.71 -31.21
N LEU A 52 23.96 -10.23 -31.89
CA LEU A 52 25.34 -10.44 -31.45
C LEU A 52 26.31 -9.57 -32.24
N LEU A 53 27.50 -9.35 -31.71
CA LEU A 53 28.56 -8.71 -32.46
C LEU A 53 29.12 -9.62 -33.54
N TRP A 54 29.60 -9.02 -34.62
CA TRP A 54 30.50 -9.75 -35.52
C TRP A 54 31.77 -8.94 -35.79
N GLU A 55 32.82 -9.65 -36.14
CA GLU A 55 34.11 -9.03 -36.43
C GLU A 55 34.43 -8.99 -37.90
N VAL A 56 34.51 -7.80 -38.45
CA VAL A 56 35.05 -7.62 -39.79
C VAL A 56 36.50 -8.04 -39.71
N GLY A 57 37.21 -7.40 -38.80
CA GLY A 57 38.55 -7.77 -38.43
C GLY A 57 39.54 -8.02 -39.54
N LYS A 58 39.89 -9.30 -39.71
CA LYS A 58 40.99 -9.73 -40.56
C LYS A 58 40.80 -9.43 -42.03
N GLY A 59 41.91 -9.23 -42.73
CA GLY A 59 41.89 -8.96 -44.14
C GLY A 59 41.75 -10.25 -44.92
N ASN A 60 41.70 -11.36 -44.19
CA ASN A 60 41.49 -12.68 -44.78
C ASN A 60 40.11 -12.75 -45.39
N ILE A 61 39.27 -11.79 -45.00
CA ILE A 61 38.00 -11.46 -45.64
C ILE A 61 37.05 -12.62 -45.92
N ASP A 62 35.97 -12.65 -45.15
CA ASP A 62 34.87 -13.54 -45.45
C ASP A 62 33.77 -12.71 -46.09
N PRO A 63 33.55 -12.91 -47.39
CA PRO A 63 32.50 -12.22 -48.12
C PRO A 63 31.13 -12.52 -47.53
N VAL A 64 30.99 -13.74 -47.05
CA VAL A 64 29.70 -14.23 -46.64
C VAL A 64 29.16 -13.34 -45.55
N MET A 65 29.95 -13.18 -44.49
CA MET A 65 29.50 -12.40 -43.36
C MET A 65 29.28 -10.98 -43.78
N TYR A 66 30.13 -10.50 -44.67
CA TYR A 66 30.02 -9.13 -45.08
C TYR A 66 28.71 -8.94 -45.81
N ALA A 67 28.27 -9.96 -46.52
CA ALA A 67 27.01 -9.87 -47.25
C ALA A 67 25.88 -9.66 -46.28
N ARG A 68 25.96 -10.45 -45.22
CA ARG A 68 24.97 -10.48 -44.18
C ARG A 68 24.91 -9.08 -43.63
N LEU A 69 26.09 -8.49 -43.50
CA LEU A 69 26.20 -7.14 -43.01
C LEU A 69 25.56 -6.17 -43.97
N PHE A 70 25.67 -6.44 -45.27
CA PHE A 70 25.17 -5.47 -46.23
C PHE A 70 23.69 -5.41 -46.12
N PHE A 71 23.05 -6.58 -46.05
CA PHE A 71 21.61 -6.55 -45.94
C PHE A 71 21.26 -5.89 -44.61
N GLN A 72 22.12 -6.14 -43.64
CA GLN A 72 21.86 -5.71 -42.28
C GLN A 72 21.76 -4.20 -42.18
N TYR A 73 22.86 -3.55 -42.53
CA TYR A 73 22.90 -2.11 -42.56
C TYR A 73 21.88 -1.57 -43.53
N ALA A 74 21.64 -2.30 -44.61
CA ALA A 74 20.77 -1.79 -45.65
C ALA A 74 19.41 -1.52 -45.09
N GLN A 75 18.85 -2.52 -44.42
CA GLN A 75 17.58 -2.30 -43.78
C GLN A 75 17.77 -1.27 -42.68
N ALA A 76 18.91 -1.32 -42.02
CA ALA A 76 19.13 -0.47 -40.88
C ALA A 76 19.61 0.93 -41.26
N GLY A 77 19.98 1.11 -42.51
CA GLY A 77 20.72 2.30 -42.90
C GLY A 77 19.91 3.49 -43.35
N GLY A 78 20.61 4.43 -43.99
CA GLY A 78 19.97 5.60 -44.57
C GLY A 78 19.66 5.46 -46.05
N ALA A 79 19.82 4.27 -46.62
CA ALA A 79 19.58 4.10 -48.05
C ALA A 79 19.09 2.71 -48.42
N LEU A 80 17.78 2.57 -48.56
CA LEU A 80 17.21 1.38 -49.15
C LEU A 80 17.47 1.44 -50.65
N SER A 81 17.58 0.29 -51.30
CA SER A 81 17.59 -1.01 -50.64
C SER A 81 18.99 -1.56 -50.78
N VAL A 82 19.13 -2.87 -50.60
CA VAL A 82 20.43 -3.46 -50.81
C VAL A 82 20.81 -3.27 -52.25
N ASP A 83 19.79 -3.29 -53.11
CA ASP A 83 20.02 -3.35 -54.55
C ASP A 83 20.84 -2.17 -55.02
N GLU A 84 20.35 -0.98 -54.71
CA GLU A 84 21.05 0.22 -55.09
C GLU A 84 22.39 0.25 -54.40
N LEU A 85 22.47 -0.30 -53.19
CA LEU A 85 23.72 -0.33 -52.46
C LEU A 85 24.76 -1.18 -53.16
N VAL A 86 24.30 -2.21 -53.83
CA VAL A 86 25.21 -3.10 -54.51
C VAL A 86 25.66 -2.40 -55.76
N ASN A 87 24.74 -1.68 -56.39
CA ASN A 87 25.14 -0.88 -57.53
C ASN A 87 26.23 0.08 -57.14
N GLN A 88 26.00 0.78 -56.03
CA GLN A 88 26.92 1.79 -55.55
C GLN A 88 28.25 1.16 -55.20
N PHE A 89 28.18 -0.07 -54.71
CA PHE A 89 29.39 -0.78 -54.40
C PHE A 89 30.17 -1.10 -55.65
N THR A 90 29.47 -1.50 -56.69
CA THR A 90 30.13 -1.82 -57.95
C THR A 90 30.77 -0.57 -58.50
N GLU A 91 30.09 0.55 -58.29
CA GLU A 91 30.58 1.83 -58.76
C GLU A 91 31.88 2.13 -58.07
N TYR A 92 31.86 1.95 -56.75
CA TYR A 92 33.03 2.20 -55.93
C TYR A 92 34.16 1.28 -56.32
N HIS A 93 33.78 0.06 -56.68
CA HIS A 93 34.74 -0.95 -57.00
C HIS A 93 35.42 -0.61 -58.29
N GLN A 94 34.69 0.06 -59.17
CA GLN A 94 35.30 0.60 -60.36
C GLN A 94 36.25 1.71 -59.97
N SER A 95 35.74 2.62 -59.16
CA SER A 95 36.43 3.86 -58.85
C SER A 95 37.69 3.55 -58.09
N THR A 96 37.77 2.35 -57.55
CA THR A 96 38.89 1.96 -56.75
C THR A 96 39.70 0.89 -57.47
N ALA A 97 39.18 -0.33 -57.47
CA ALA A 97 39.88 -1.46 -58.02
C ALA A 97 40.12 -1.29 -59.51
N CYS A 98 39.22 -0.62 -60.19
CA CYS A 98 39.35 -0.49 -61.63
C CYS A 98 40.00 0.85 -61.96
N ASN A 99 40.59 1.48 -60.95
CA ASN A 99 41.18 2.81 -61.13
C ASN A 99 42.62 2.80 -60.61
N PRO A 100 43.54 2.31 -61.44
CA PRO A 100 44.89 1.88 -61.07
C PRO A 100 45.76 2.94 -60.43
N GLU A 101 45.60 4.20 -60.83
CA GLU A 101 46.53 5.24 -60.41
C GLU A 101 46.51 5.37 -58.90
N ILE A 102 45.38 5.00 -58.32
CA ILE A 102 45.19 5.00 -56.89
C ILE A 102 46.23 4.11 -56.23
N TRP A 103 46.38 2.94 -56.80
CA TRP A 103 47.15 1.88 -56.18
C TRP A 103 48.62 2.27 -56.12
N ARG A 104 49.07 3.02 -57.12
CA ARG A 104 50.44 3.53 -57.15
C ARG A 104 50.63 4.35 -55.89
N LYS A 105 49.66 5.22 -55.64
CA LYS A 105 49.66 6.07 -54.48
C LYS A 105 49.59 5.27 -53.19
N LEU A 106 48.93 4.13 -53.24
CA LEU A 106 48.76 3.33 -52.04
C LEU A 106 50.06 2.70 -51.63
N THR A 107 50.74 2.10 -52.61
CA THR A 107 52.03 1.50 -52.35
C THR A 107 52.97 2.60 -51.92
N ALA A 108 52.74 3.77 -52.48
CA ALA A 108 53.52 4.96 -52.15
C ALA A 108 53.33 5.32 -50.69
N TYR A 109 52.13 5.10 -50.17
CA TYR A 109 51.84 5.37 -48.78
C TYR A 109 52.39 4.25 -47.91
N ILE A 110 52.58 3.09 -48.52
CA ILE A 110 53.14 1.97 -47.79
C ILE A 110 54.64 2.15 -47.80
N THR A 111 55.31 1.41 -48.67
CA THR A 111 56.76 1.41 -48.68
C THR A 111 57.28 2.47 -49.61
N GLY A 112 56.36 3.17 -50.25
CA GLY A 112 56.72 4.10 -51.31
C GLY A 112 57.63 5.25 -50.95
N SER A 113 58.66 5.41 -51.77
CA SER A 113 59.61 6.51 -51.67
C SER A 113 60.44 6.53 -52.94
N SER A 114 61.29 5.53 -53.10
CA SER A 114 62.10 5.39 -54.31
C SER A 114 62.55 3.95 -54.51
N ASN A 115 62.64 3.56 -55.78
CA ASN A 115 63.19 2.28 -56.19
C ASN A 115 62.51 1.16 -55.41
N ARG A 116 61.19 1.24 -55.37
CA ARG A 116 60.35 0.28 -54.70
C ARG A 116 60.49 -1.08 -55.37
N ALA A 117 60.32 -2.18 -54.63
CA ALA A 117 59.89 -2.18 -53.24
C ALA A 117 61.07 -2.34 -52.29
N ILE A 118 61.98 -1.37 -52.34
CA ILE A 118 63.16 -1.28 -51.47
C ILE A 118 63.78 -2.66 -51.26
N LYS A 119 64.18 -3.26 -52.38
CA LYS A 119 64.77 -4.61 -52.45
C LYS A 119 64.08 -5.63 -51.52
N ALA A 120 64.87 -6.52 -50.91
CA ALA A 120 64.33 -7.65 -50.16
C ALA A 120 63.92 -7.32 -48.73
N ASP A 121 64.19 -6.09 -48.29
CA ASP A 121 63.94 -5.70 -46.90
C ASP A 121 62.47 -5.67 -46.51
N ALA A 122 62.20 -5.88 -45.22
CA ALA A 122 60.84 -5.89 -44.70
C ALA A 122 60.25 -4.48 -44.60
N VAL A 123 60.19 -3.96 -43.37
CA VAL A 123 59.67 -2.62 -43.08
C VAL A 123 58.21 -2.45 -43.53
N GLY A 124 57.29 -2.67 -42.59
CA GLY A 124 55.87 -2.52 -42.86
C GLY A 124 55.23 -1.49 -41.96
N LYS A 125 55.69 -0.24 -42.10
CA LYS A 125 55.29 0.85 -41.21
C LYS A 125 53.83 1.22 -41.41
N VAL A 126 52.92 0.44 -40.83
CA VAL A 126 51.51 0.66 -41.10
C VAL A 126 50.57 0.07 -40.05
N PRO A 127 49.53 0.85 -39.66
CA PRO A 127 48.26 0.42 -39.05
C PRO A 127 47.15 0.37 -40.10
N PRO A 128 46.28 -0.64 -40.00
CA PRO A 128 45.55 -1.12 -41.18
C PRO A 128 44.59 -0.28 -42.08
N THR A 129 43.76 0.74 -41.80
CA THR A 129 43.61 1.74 -40.73
C THR A 129 44.29 3.02 -41.20
N ALA A 130 45.61 3.10 -41.15
CA ALA A 130 46.25 4.26 -41.76
C ALA A 130 45.99 4.20 -43.25
N ILE A 131 45.92 2.98 -43.75
CA ILE A 131 45.54 2.74 -45.12
C ILE A 131 44.13 3.23 -45.30
N LEU A 132 43.31 2.93 -44.30
CA LEU A 132 41.90 3.24 -44.33
C LEU A 132 41.67 4.74 -44.38
N GLU A 133 42.53 5.48 -43.72
CA GLU A 133 42.41 6.92 -43.74
C GLU A 133 42.78 7.41 -45.12
N GLN A 134 43.83 6.82 -45.69
CA GLN A 134 44.29 7.22 -47.01
C GLN A 134 43.26 6.95 -48.06
N LEU A 135 42.52 5.86 -47.90
CA LEU A 135 41.45 5.58 -48.83
C LEU A 135 40.25 6.45 -48.53
N ARG A 136 40.14 6.89 -47.29
CA ARG A 136 39.06 7.77 -46.92
C ARG A 136 39.29 9.11 -47.58
N THR A 137 40.56 9.43 -47.80
CA THR A 137 40.92 10.64 -48.52
C THR A 137 40.40 10.51 -49.93
N LEU A 138 40.30 9.28 -50.40
CA LEU A 138 39.76 9.01 -51.72
C LEU A 138 38.25 9.08 -51.68
N ALA A 139 37.61 8.43 -52.63
CA ALA A 139 36.19 8.65 -52.82
C ALA A 139 35.43 8.17 -51.61
N PRO A 140 34.67 9.10 -51.00
CA PRO A 140 33.82 8.82 -49.86
C PRO A 140 32.71 7.85 -50.21
N SER A 141 32.34 7.01 -49.26
CA SER A 141 31.09 6.29 -49.36
C SER A 141 30.13 6.89 -48.37
N GLU A 142 28.85 6.92 -48.72
CA GLU A 142 27.81 7.21 -47.75
C GLU A 142 27.82 6.10 -46.71
N HIS A 143 28.28 4.93 -47.16
CA HIS A 143 28.27 3.73 -46.37
C HIS A 143 29.59 3.01 -46.56
N GLU A 144 30.57 3.38 -45.77
CA GLU A 144 31.93 2.94 -46.00
C GLU A 144 32.03 1.42 -46.05
N LEU A 145 31.65 0.76 -44.96
CA LEU A 145 31.57 -0.70 -44.88
C LEU A 145 32.59 -1.39 -45.77
N PHE A 146 32.25 -1.47 -47.05
CA PHE A 146 33.13 -2.06 -48.06
C PHE A 146 34.43 -1.28 -48.14
N HIS A 147 34.35 -0.02 -47.76
CA HIS A 147 35.52 0.82 -47.72
C HIS A 147 36.52 0.20 -46.77
N HIS A 148 36.01 -0.46 -45.73
CA HIS A 148 36.86 -1.29 -44.91
C HIS A 148 37.27 -2.52 -45.71
N ILE A 149 36.31 -3.10 -46.40
CA ILE A 149 36.51 -4.39 -47.05
C ILE A 149 37.56 -4.28 -48.13
N THR A 150 37.60 -3.15 -48.81
CA THR A 150 38.62 -2.97 -49.83
C THR A 150 39.99 -2.96 -49.18
N THR A 151 40.06 -2.37 -47.99
CA THR A 151 41.30 -2.37 -47.26
C THR A 151 41.64 -3.80 -46.88
N ASP A 152 40.59 -4.57 -46.61
CA ASP A 152 40.76 -5.93 -46.17
C ASP A 152 41.40 -6.70 -47.31
N PHE A 153 40.97 -6.33 -48.51
CA PHE A 153 41.53 -6.87 -49.72
C PHE A 153 42.97 -6.48 -49.88
N VAL A 154 43.30 -5.27 -49.47
CA VAL A 154 44.69 -4.85 -49.56
C VAL A 154 45.51 -5.70 -48.63
N CYS A 155 44.92 -6.04 -47.50
CA CYS A 155 45.61 -6.86 -46.52
C CYS A 155 45.80 -8.27 -47.04
N HIS A 156 44.80 -8.78 -47.73
CA HIS A 156 44.76 -10.19 -48.05
C HIS A 156 45.88 -10.57 -48.99
N VAL A 157 46.22 -9.65 -49.89
CA VAL A 157 47.25 -9.90 -50.88
C VAL A 157 48.58 -9.40 -50.34
N LEU A 158 48.52 -8.44 -49.43
CA LEU A 158 49.74 -7.98 -48.79
C LEU A 158 50.07 -8.84 -47.58
N SER A 159 49.14 -9.70 -47.20
CA SER A 159 49.40 -10.66 -46.13
C SER A 159 50.60 -11.59 -46.42
N PRO A 160 50.70 -12.17 -47.64
CA PRO A 160 51.89 -13.02 -47.88
C PRO A 160 53.19 -12.26 -47.72
N LEU A 161 53.17 -10.98 -48.05
CA LEU A 161 54.34 -10.15 -47.92
C LEU A 161 54.37 -9.54 -46.52
N GLY A 162 55.53 -9.04 -46.10
CA GLY A 162 55.67 -8.49 -44.77
C GLY A 162 54.92 -7.20 -44.51
N PHE A 163 53.60 -7.26 -44.53
CA PHE A 163 52.76 -6.13 -44.17
C PHE A 163 51.57 -6.61 -43.37
N ILE A 164 51.78 -7.67 -42.61
CA ILE A 164 50.79 -8.19 -41.68
C ILE A 164 50.91 -7.37 -40.40
N LEU A 165 51.89 -6.48 -40.39
CA LEU A 165 52.23 -5.66 -39.24
C LEU A 165 51.03 -4.88 -38.67
N PRO A 166 50.25 -4.22 -39.52
CA PRO A 166 49.13 -3.44 -39.01
C PRO A 166 48.08 -4.19 -38.19
N ASP A 167 47.84 -5.45 -38.51
CA ASP A 167 46.70 -6.24 -38.01
C ASP A 167 46.07 -5.81 -36.67
N ALA A 168 44.92 -5.12 -36.76
CA ALA A 168 44.11 -4.80 -35.58
C ALA A 168 42.83 -5.63 -35.60
N ALA A 169 41.69 -4.99 -35.35
CA ALA A 169 40.41 -5.69 -35.42
C ALA A 169 39.24 -4.74 -35.69
N TYR A 170 38.17 -5.28 -36.28
CA TYR A 170 37.00 -4.48 -36.69
C TYR A 170 35.72 -5.20 -36.28
N VAL A 171 34.74 -4.48 -35.76
CA VAL A 171 33.56 -5.11 -35.17
C VAL A 171 32.28 -4.39 -35.55
N TYR A 172 31.18 -5.13 -35.67
CA TYR A 172 29.91 -4.51 -35.97
C TYR A 172 28.74 -5.35 -35.47
N ARG A 173 27.68 -4.67 -35.01
CA ARG A 173 26.48 -5.33 -34.51
C ARG A 173 25.56 -5.87 -35.57
N VAL A 174 24.73 -6.81 -35.17
CA VAL A 174 23.61 -7.27 -35.97
C VAL A 174 22.57 -6.21 -36.21
N GLY A 175 21.36 -6.72 -36.38
CA GLY A 175 20.15 -5.94 -36.49
C GLY A 175 19.05 -6.96 -36.74
N ARG A 176 18.03 -6.91 -35.90
CA ARG A 176 16.89 -7.79 -36.00
C ARG A 176 16.14 -7.59 -37.32
N THR A 177 15.69 -8.69 -37.92
CA THR A 177 14.94 -8.67 -39.17
C THR A 177 13.66 -9.48 -38.97
N ALA A 178 12.61 -9.17 -39.73
CA ALA A 178 11.30 -9.74 -39.46
C ALA A 178 11.07 -11.18 -39.96
N THR A 179 9.88 -11.42 -40.48
CA THR A 179 9.32 -12.77 -40.63
C THR A 179 9.99 -13.86 -41.51
N TYR A 180 10.62 -13.54 -42.64
CA TYR A 180 10.92 -12.21 -43.09
C TYR A 180 10.23 -11.99 -44.45
N PRO A 181 9.92 -10.74 -44.77
CA PRO A 181 8.87 -10.31 -45.71
C PRO A 181 9.08 -10.38 -47.23
N ASN A 182 9.00 -9.18 -47.80
CA ASN A 182 8.76 -8.90 -49.21
C ASN A 182 9.75 -9.45 -50.21
N PHE A 183 9.24 -9.82 -51.37
CA PHE A 183 10.08 -10.41 -52.37
C PHE A 183 11.09 -9.38 -52.85
N TYR A 184 10.80 -8.09 -52.75
CA TYR A 184 11.83 -7.12 -53.06
C TYR A 184 13.01 -7.33 -52.16
N ALA A 185 12.72 -7.71 -50.93
CA ALA A 185 13.81 -7.99 -50.01
C ALA A 185 14.56 -9.19 -50.55
N LEU A 186 13.84 -10.11 -51.17
CA LEU A 186 14.49 -11.27 -51.76
C LEU A 186 15.36 -10.82 -52.90
N VAL A 187 14.96 -9.73 -53.54
CA VAL A 187 15.69 -9.20 -54.67
C VAL A 187 17.01 -8.70 -54.14
N ASP A 188 16.92 -8.07 -52.98
CA ASP A 188 18.11 -7.63 -52.32
C ASP A 188 18.96 -8.84 -52.00
N CYS A 189 18.29 -9.92 -51.64
CA CYS A 189 18.98 -11.13 -51.22
C CYS A 189 19.66 -11.83 -52.37
N VAL A 190 19.16 -11.62 -53.57
CA VAL A 190 19.70 -12.35 -54.70
C VAL A 190 20.81 -11.53 -55.30
N ARG A 191 20.67 -10.21 -55.29
CA ARG A 191 21.78 -9.42 -55.75
C ARG A 191 22.93 -9.56 -54.76
N ALA A 192 22.57 -9.66 -53.49
CA ALA A 192 23.57 -9.93 -52.47
C ALA A 192 24.12 -11.31 -52.69
N SER A 193 23.28 -12.19 -53.23
CA SER A 193 23.69 -13.54 -53.50
C SER A 193 24.77 -13.48 -54.56
N ASP A 194 24.63 -12.52 -55.45
CA ASP A 194 25.67 -12.25 -56.42
C ASP A 194 26.89 -11.71 -55.70
N LEU A 195 26.66 -10.89 -54.69
CA LEU A 195 27.77 -10.21 -54.00
C LEU A 195 28.67 -11.26 -53.40
N ARG A 196 28.07 -12.40 -53.10
CA ARG A 196 28.79 -13.51 -52.53
C ARG A 196 29.90 -13.91 -53.46
N ARG A 197 29.68 -13.67 -54.74
CA ARG A 197 30.59 -14.13 -55.76
C ARG A 197 30.97 -12.95 -56.63
N MET A 198 30.20 -11.88 -56.53
CA MET A 198 30.62 -10.60 -57.06
C MET A 198 31.86 -10.16 -56.32
N LEU A 199 31.93 -10.54 -55.06
CA LEU A 199 33.01 -10.08 -54.22
C LEU A 199 34.08 -11.13 -54.09
N THR A 200 33.70 -12.36 -53.83
CA THR A 200 34.67 -13.36 -53.41
C THR A 200 35.76 -13.59 -54.45
N ALA A 201 35.44 -13.37 -55.71
CA ALA A 201 36.39 -13.61 -56.78
C ALA A 201 37.58 -12.69 -56.61
N LEU A 202 37.33 -11.51 -56.07
CA LEU A 202 38.40 -10.61 -55.71
C LEU A 202 38.87 -10.89 -54.30
N SER A 203 37.95 -11.39 -53.47
CA SER A 203 38.31 -11.79 -52.12
C SER A 203 39.18 -13.02 -52.15
N SER A 204 39.07 -13.78 -53.24
CA SER A 204 39.80 -15.02 -53.38
C SER A 204 40.61 -14.99 -54.65
N VAL A 205 41.05 -16.17 -55.10
CA VAL A 205 42.03 -16.29 -56.17
C VAL A 205 43.26 -15.53 -55.73
N ASP A 206 43.24 -14.21 -55.88
CA ASP A 206 44.24 -13.38 -55.26
C ASP A 206 45.64 -13.78 -55.71
N SER A 207 46.51 -14.07 -54.74
CA SER A 207 47.85 -14.53 -55.06
C SER A 207 48.57 -15.17 -53.88
N LYS A 208 49.01 -16.40 -54.08
CA LYS A 208 50.07 -16.98 -53.26
C LYS A 208 51.36 -16.79 -54.03
N MET A 209 51.21 -16.67 -55.34
CA MET A 209 52.30 -16.43 -56.27
C MET A 209 52.92 -15.08 -55.98
N LEU A 210 54.20 -14.95 -56.31
CA LEU A 210 55.00 -13.77 -56.03
C LEU A 210 55.28 -13.64 -54.54
N GLN A 211 56.55 -13.84 -54.19
CA GLN A 211 56.98 -13.69 -52.81
C GLN A 211 58.32 -12.96 -52.71
N ALA A 212 58.35 -11.65 -52.92
CA ALA A 212 57.19 -10.88 -53.39
C ALA A 212 57.10 -10.97 -54.89
N THR A 213 58.13 -11.59 -55.48
CA THR A 213 58.11 -12.13 -56.84
C THR A 213 58.97 -13.38 -56.74
N PHE A 214 60.06 -13.21 -55.99
CA PHE A 214 61.04 -14.26 -55.74
C PHE A 214 61.60 -14.87 -57.02
N LYS A 215 62.78 -14.45 -57.50
CA LYS A 215 63.67 -13.38 -56.99
C LYS A 215 64.02 -13.46 -55.51
N ALA A 216 65.01 -14.28 -55.18
CA ALA A 216 65.37 -14.47 -53.78
C ALA A 216 65.76 -13.16 -53.13
N LYS A 217 65.25 -12.92 -51.92
CA LYS A 217 64.22 -13.76 -51.32
C LYS A 217 62.85 -13.27 -51.75
N GLY A 218 62.78 -12.01 -52.17
CA GLY A 218 61.57 -11.44 -52.70
C GLY A 218 60.90 -10.35 -51.89
N ALA A 219 60.68 -9.16 -52.48
CA ALA A 219 61.14 -8.81 -53.83
C ALA A 219 61.13 -7.31 -54.01
N LEU A 220 61.84 -6.83 -55.02
CA LEU A 220 61.65 -5.47 -55.48
C LEU A 220 60.32 -5.42 -56.21
N ALA A 221 59.65 -4.29 -56.13
CA ALA A 221 58.37 -4.07 -56.79
C ALA A 221 58.02 -2.60 -56.72
N PRO A 222 58.19 -1.89 -57.84
CA PRO A 222 57.88 -0.47 -57.92
C PRO A 222 56.40 -0.22 -57.72
N ALA A 223 55.67 -0.03 -58.81
CA ALA A 223 54.22 -0.03 -58.76
C ALA A 223 53.77 -1.47 -58.86
N LEU A 224 54.75 -2.37 -58.97
CA LEU A 224 54.51 -3.76 -59.29
C LEU A 224 53.60 -4.43 -58.29
N ILE A 225 53.65 -4.01 -57.04
CA ILE A 225 52.69 -4.50 -56.07
C ILE A 225 51.32 -3.97 -56.42
N SER A 226 51.21 -2.66 -56.63
CA SER A 226 49.95 -2.04 -57.00
C SER A 226 49.51 -2.53 -58.36
N GLN A 227 50.50 -2.77 -59.21
CA GLN A 227 50.30 -3.32 -60.53
C GLN A 227 49.56 -4.63 -60.43
N HIS A 228 50.28 -5.61 -59.89
CA HIS A 228 49.83 -6.99 -59.79
C HIS A 228 48.54 -7.05 -59.01
N LEU A 229 48.40 -6.15 -58.05
CA LEU A 229 47.22 -6.17 -57.22
C LEU A 229 46.01 -5.74 -58.02
N ALA A 230 46.02 -4.48 -58.44
CA ALA A 230 44.84 -3.87 -59.04
C ALA A 230 44.48 -4.50 -60.36
N ASN A 231 45.48 -4.75 -61.20
CA ASN A 231 45.17 -5.24 -62.54
C ASN A 231 44.53 -6.61 -62.42
N ALA A 232 44.97 -7.37 -61.44
CA ALA A 232 44.33 -8.62 -61.13
C ALA A 232 43.01 -8.34 -60.44
N ALA A 233 43.01 -7.31 -59.59
CA ALA A 233 41.78 -6.97 -58.89
C ALA A 233 40.71 -6.55 -59.87
N THR A 234 41.12 -5.80 -60.89
CA THR A 234 40.20 -5.41 -61.94
C THR A 234 39.77 -6.64 -62.72
N THR A 235 40.74 -7.53 -62.93
CA THR A 235 40.48 -8.76 -63.65
C THR A 235 39.48 -9.57 -62.86
N ALA A 236 39.63 -9.53 -61.54
CA ALA A 236 38.71 -10.20 -60.66
C ALA A 236 37.36 -9.54 -60.78
N PHE A 237 37.36 -8.24 -61.02
CA PHE A 237 36.10 -7.56 -61.23
C PHE A 237 35.43 -8.06 -62.48
N GLU A 238 36.23 -8.44 -63.47
CA GLU A 238 35.65 -8.86 -64.73
C GLU A 238 34.90 -10.18 -64.61
N ARG A 239 35.51 -11.16 -63.96
CA ARG A 239 34.85 -12.45 -63.79
C ARG A 239 33.62 -12.28 -62.94
N SER A 240 33.68 -11.34 -62.02
CA SER A 240 32.50 -11.00 -61.25
C SER A 240 31.55 -10.27 -62.17
N ARG A 241 30.26 -10.57 -62.01
CA ARG A 241 29.20 -9.83 -62.66
C ARG A 241 27.87 -10.33 -62.16
N GLY A 242 27.73 -11.64 -62.14
CA GLY A 242 26.51 -12.29 -61.70
C GLY A 242 25.54 -12.33 -62.85
N ASN A 243 25.84 -11.55 -63.87
CA ASN A 243 25.09 -11.53 -65.12
C ASN A 243 23.60 -11.39 -64.89
N PHE A 244 23.04 -12.46 -64.35
CA PHE A 244 21.61 -12.67 -64.32
C PHE A 244 20.91 -11.61 -63.51
N ASP A 245 19.79 -11.15 -64.03
CA ASP A 245 19.08 -10.02 -63.47
C ASP A 245 18.52 -10.35 -62.10
N ALA A 246 18.49 -9.34 -61.23
CA ALA A 246 17.97 -9.53 -59.90
C ALA A 246 16.50 -9.90 -59.96
N ASN A 247 15.66 -8.90 -60.20
CA ASN A 247 14.22 -9.07 -60.09
C ASN A 247 13.71 -10.12 -61.07
N ALA A 248 14.40 -10.28 -62.19
CA ALA A 248 13.93 -11.20 -63.19
C ALA A 248 13.98 -12.64 -62.70
N VAL A 249 15.11 -13.05 -62.13
CA VAL A 249 15.29 -14.45 -61.79
C VAL A 249 14.30 -14.86 -60.72
N VAL A 250 14.00 -13.96 -59.80
CA VAL A 250 13.04 -14.30 -58.78
C VAL A 250 11.67 -14.29 -59.42
N SER A 251 11.44 -13.39 -60.36
CA SER A 251 10.12 -13.26 -60.95
C SER A 251 9.76 -14.55 -61.67
N SER A 252 10.77 -15.15 -62.27
CA SER A 252 10.53 -16.34 -63.08
C SER A 252 10.33 -17.56 -62.21
N VAL A 253 11.24 -17.75 -61.26
CA VAL A 253 11.15 -18.96 -60.45
C VAL A 253 9.86 -18.88 -59.64
N LEU A 254 9.48 -17.67 -59.23
CA LEU A 254 8.20 -17.48 -58.57
C LEU A 254 7.07 -17.75 -59.52
N THR A 255 7.28 -17.47 -60.79
CA THR A 255 6.23 -17.70 -61.74
C THR A 255 5.95 -19.18 -61.81
N ILE A 256 7.02 -19.96 -61.98
CA ILE A 256 6.88 -21.38 -62.15
C ILE A 256 6.30 -21.99 -60.89
N LEU A 257 6.69 -21.45 -59.75
CA LEU A 257 6.14 -21.97 -58.52
C LEU A 257 4.65 -21.70 -58.45
N GLY A 258 4.25 -20.44 -58.63
CA GLY A 258 2.87 -20.09 -58.42
C GLY A 258 1.94 -20.75 -59.41
N ARG A 259 2.39 -20.88 -60.65
CA ARG A 259 1.58 -21.56 -61.64
C ARG A 259 1.60 -23.05 -61.42
N LEU A 260 2.65 -23.54 -60.77
CA LEU A 260 2.63 -24.92 -60.31
C LEU A 260 1.54 -25.07 -59.26
N TRP A 261 1.33 -23.99 -58.52
CA TRP A 261 0.40 -23.99 -57.42
C TRP A 261 -1.00 -23.87 -57.99
N SER A 262 -1.06 -23.49 -59.26
CA SER A 262 -2.32 -23.15 -59.86
C SER A 262 -3.24 -24.35 -60.00
N PRO A 263 -4.45 -24.22 -59.46
CA PRO A 263 -5.52 -25.18 -59.73
C PRO A 263 -6.14 -24.88 -61.09
N SER A 264 -6.42 -23.61 -61.36
CA SER A 264 -6.85 -23.19 -62.70
C SER A 264 -5.68 -23.33 -63.65
N THR A 265 -5.95 -23.23 -64.95
CA THR A 265 -5.03 -23.78 -65.94
C THR A 265 -3.65 -23.16 -65.90
N PRO A 266 -2.65 -24.01 -65.71
CA PRO A 266 -1.23 -23.76 -65.96
C PRO A 266 -1.00 -23.40 -67.42
N LYS A 267 -1.83 -23.96 -68.29
CA LYS A 267 -1.70 -23.91 -69.76
C LYS A 267 -0.27 -24.23 -70.23
N GLU A 268 0.33 -23.36 -71.04
CA GLU A 268 1.67 -23.63 -71.57
C GLU A 268 2.71 -23.71 -70.47
N LEU A 269 2.55 -22.91 -69.43
CA LEU A 269 3.31 -23.12 -68.21
C LEU A 269 2.80 -24.43 -67.65
N ASP A 270 3.68 -25.30 -67.18
CA ASP A 270 3.20 -26.57 -66.69
C ASP A 270 4.23 -27.30 -65.86
N PRO A 271 3.77 -28.21 -65.01
CA PRO A 271 4.72 -29.20 -64.51
C PRO A 271 5.22 -29.99 -65.70
N SER A 272 6.47 -30.42 -65.71
CA SER A 272 6.95 -31.22 -66.82
C SER A 272 8.08 -32.13 -66.37
N ALA A 273 8.97 -32.47 -67.28
CA ALA A 273 10.07 -33.38 -66.97
C ALA A 273 11.17 -32.63 -66.27
N ARG A 274 12.20 -32.28 -67.04
CA ARG A 274 13.35 -31.58 -66.49
C ARG A 274 13.03 -30.11 -66.40
N LEU A 275 11.83 -29.76 -66.86
CA LEU A 275 11.30 -28.44 -66.59
C LEU A 275 11.24 -28.28 -65.09
N ARG A 276 10.95 -29.38 -64.40
CA ARG A 276 10.81 -29.34 -62.95
C ARG A 276 11.56 -30.49 -62.31
N ASN A 277 11.19 -30.79 -61.07
CA ASN A 277 11.86 -31.74 -60.17
C ASN A 277 13.29 -32.06 -60.58
N THR A 278 14.09 -31.02 -60.73
CA THR A 278 15.49 -31.17 -61.09
C THR A 278 16.35 -31.33 -59.84
N ASN A 279 15.91 -32.19 -58.94
CA ASN A 279 16.63 -32.54 -57.73
C ASN A 279 16.93 -31.32 -56.87
N GLY A 280 15.99 -30.39 -56.81
CA GLY A 280 16.17 -29.18 -56.05
C GLY A 280 14.98 -28.26 -56.14
N ILE A 281 14.47 -28.05 -57.34
CA ILE A 281 13.34 -27.16 -57.49
C ILE A 281 12.15 -27.84 -56.85
N ASP A 282 12.19 -29.17 -56.85
CA ASP A 282 11.20 -29.97 -56.14
C ASP A 282 11.37 -29.82 -54.63
N GLN A 283 12.59 -29.53 -54.21
CA GLN A 283 12.80 -29.19 -52.82
C GLN A 283 12.09 -27.87 -52.56
N LEU A 284 12.04 -27.01 -53.58
CA LEU A 284 11.22 -25.81 -53.50
C LEU A 284 9.76 -26.14 -53.54
N ARG A 285 9.42 -27.24 -54.20
CA ARG A 285 8.06 -27.72 -54.18
C ARG A 285 7.78 -27.99 -52.73
N SER A 286 8.82 -28.36 -52.01
CA SER A 286 8.71 -28.47 -50.56
C SER A 286 8.97 -27.15 -49.86
N ASN A 287 9.38 -26.10 -50.56
CA ASN A 287 9.70 -24.89 -49.81
C ASN A 287 8.58 -23.89 -50.05
N LEU A 288 7.47 -24.37 -50.59
CA LEU A 288 6.29 -23.53 -50.85
C LEU A 288 5.85 -22.60 -49.71
N ALA A 289 6.66 -22.49 -48.65
CA ALA A 289 6.44 -21.54 -47.57
C ALA A 289 6.54 -20.09 -48.03
N LEU A 290 7.33 -19.85 -49.07
CA LEU A 290 7.57 -18.50 -49.55
C LEU A 290 6.39 -18.00 -50.36
N PHE A 291 5.27 -18.66 -50.15
CA PHE A 291 4.00 -18.23 -50.68
C PHE A 291 3.77 -16.86 -50.10
N ILE A 292 3.04 -16.04 -50.86
CA ILE A 292 2.74 -14.63 -50.62
C ILE A 292 3.60 -13.85 -51.57
N ALA A 293 4.76 -14.41 -51.89
CA ALA A 293 5.62 -13.77 -52.85
C ALA A 293 4.90 -13.69 -54.17
N TYR A 294 4.12 -14.71 -54.49
CA TYR A 294 3.34 -14.68 -55.70
C TYR A 294 2.24 -13.61 -55.56
N GLN A 295 1.77 -13.45 -54.33
CA GLN A 295 0.64 -12.59 -54.05
C GLN A 295 0.97 -11.15 -54.40
N ASP A 296 1.94 -10.61 -53.69
CA ASP A 296 2.37 -9.25 -54.00
C ASP A 296 2.98 -9.22 -55.37
N MET A 297 3.52 -10.34 -55.84
CA MET A 297 4.12 -10.34 -57.18
C MET A 297 3.09 -9.87 -58.19
N VAL A 298 1.91 -10.47 -58.19
CA VAL A 298 0.90 -9.95 -59.08
C VAL A 298 0.45 -8.59 -58.58
N LYS A 299 0.48 -8.38 -57.27
CA LYS A 299 -0.02 -7.13 -56.75
C LYS A 299 0.96 -5.99 -56.96
N GLN A 300 2.22 -6.19 -56.61
CA GLN A 300 3.24 -5.16 -56.78
C GLN A 300 3.44 -4.87 -58.24
N ARG A 301 3.11 -5.85 -59.07
CA ARG A 301 3.43 -5.78 -60.47
C ARG A 301 2.22 -6.20 -61.29
N GLY A 302 2.17 -7.46 -61.70
CA GLY A 302 1.06 -7.97 -62.48
C GLY A 302 1.38 -9.31 -63.11
N ARG A 303 1.36 -9.36 -64.43
CA ARG A 303 1.76 -10.56 -65.15
C ARG A 303 3.19 -10.93 -64.86
N ALA A 304 3.44 -12.22 -64.71
CA ALA A 304 4.76 -12.69 -64.32
C ALA A 304 5.42 -13.46 -65.45
N GLU A 305 5.55 -12.83 -66.62
CA GLU A 305 6.19 -13.50 -67.74
C GLU A 305 7.63 -13.88 -67.42
N VAL A 306 8.01 -15.08 -67.85
CA VAL A 306 9.29 -15.66 -67.47
C VAL A 306 10.36 -15.09 -68.38
N ILE A 307 9.91 -14.40 -69.42
CA ILE A 307 10.71 -13.60 -70.36
C ILE A 307 12.09 -14.17 -70.74
N PHE A 308 12.96 -14.47 -69.78
CA PHE A 308 14.22 -15.12 -70.13
C PHE A 308 13.94 -16.61 -70.02
N SER A 309 12.65 -16.91 -69.93
CA SER A 309 12.09 -18.25 -69.83
C SER A 309 13.01 -19.38 -70.26
N ASP A 310 13.18 -19.50 -71.58
CA ASP A 310 13.80 -20.67 -72.17
C ASP A 310 12.92 -21.86 -71.75
N GLU A 311 13.44 -23.07 -71.79
CA GLU A 311 12.62 -24.21 -71.40
C GLU A 311 13.54 -25.30 -70.86
N GLU A 312 14.69 -25.43 -71.50
CA GLU A 312 15.84 -26.04 -70.86
C GLU A 312 16.00 -25.31 -69.55
N LEU A 313 16.51 -24.10 -69.66
CA LEU A 313 16.45 -23.14 -68.58
C LEU A 313 14.97 -22.78 -68.42
N SER A 314 14.47 -22.62 -67.20
CA SER A 314 15.25 -22.83 -66.00
C SER A 314 14.34 -23.23 -64.85
N SER A 315 14.59 -24.33 -64.13
CA SER A 315 15.55 -25.42 -64.40
C SER A 315 17.01 -25.05 -64.66
N THR A 316 17.75 -26.02 -65.20
CA THR A 316 19.13 -25.81 -65.59
C THR A 316 19.99 -25.22 -64.50
N ILE A 317 19.74 -23.95 -64.19
CA ILE A 317 20.64 -23.16 -63.36
C ILE A 317 19.93 -22.14 -62.47
N ILE A 318 19.00 -21.38 -63.03
CA ILE A 318 18.45 -20.25 -62.31
C ILE A 318 17.79 -20.64 -60.97
N PRO A 319 16.86 -21.60 -60.97
CA PRO A 319 16.34 -22.00 -59.67
C PRO A 319 17.43 -22.52 -58.75
N TRP A 320 18.42 -23.16 -59.34
CA TRP A 320 19.58 -23.57 -58.58
C TRP A 320 20.25 -22.35 -58.00
N PHE A 321 20.13 -21.25 -58.72
CA PHE A 321 20.89 -20.07 -58.38
C PHE A 321 20.00 -19.21 -57.47
N ILE A 322 18.95 -19.83 -56.92
CA ILE A 322 18.06 -19.12 -56.01
C ILE A 322 18.83 -18.81 -54.73
N GLU A 323 18.42 -17.74 -54.07
CA GLU A 323 19.15 -17.15 -52.96
C GLU A 323 19.36 -18.02 -51.75
N ALA A 324 18.29 -18.65 -51.27
CA ALA A 324 18.36 -19.28 -49.96
C ALA A 324 19.43 -20.35 -49.99
N MET A 325 19.58 -20.99 -51.15
CA MET A 325 20.65 -21.96 -51.33
C MET A 325 22.02 -21.29 -51.40
N SER A 326 22.06 -20.03 -51.81
CA SER A 326 23.30 -19.26 -51.72
C SER A 326 23.41 -18.64 -50.32
N GLU A 327 22.33 -18.75 -49.55
CA GLU A 327 22.27 -18.41 -48.12
C GLU A 327 23.03 -17.15 -47.65
N VAL A 328 22.52 -15.99 -48.04
CA VAL A 328 23.00 -14.73 -47.49
C VAL A 328 22.18 -14.40 -46.27
N SER A 329 22.00 -13.11 -45.98
CA SER A 329 20.80 -12.58 -45.35
C SER A 329 20.34 -13.17 -44.02
N PRO A 330 19.40 -12.49 -43.36
CA PRO A 330 18.47 -13.16 -42.45
C PRO A 330 17.41 -13.88 -43.25
N PHE A 331 17.79 -14.46 -44.39
CA PHE A 331 16.83 -15.07 -45.27
C PHE A 331 16.25 -16.24 -44.53
N LYS A 332 17.09 -16.83 -43.68
CA LYS A 332 16.75 -17.93 -42.77
C LYS A 332 16.06 -19.14 -43.46
N LEU A 333 16.03 -20.27 -42.78
CA LEU A 333 15.40 -21.47 -43.35
C LEU A 333 15.13 -22.49 -42.26
N ARG A 334 14.03 -23.25 -42.40
CA ARG A 334 13.57 -24.11 -41.31
C ARG A 334 12.35 -24.95 -41.70
N PRO A 335 12.02 -25.96 -40.89
CA PRO A 335 10.68 -26.55 -40.97
C PRO A 335 9.54 -25.60 -40.55
N ILE A 336 8.46 -26.17 -40.04
CA ILE A 336 7.16 -25.48 -40.01
C ILE A 336 6.99 -24.47 -38.89
N ASN A 337 6.62 -25.01 -37.73
CA ASN A 337 5.94 -24.24 -36.70
C ASN A 337 6.86 -23.47 -35.77
N GLU A 338 8.16 -23.62 -35.94
CA GLU A 338 9.10 -23.02 -35.01
C GLU A 338 8.98 -21.52 -35.07
N THR A 339 8.70 -21.00 -36.27
CA THR A 339 8.39 -19.60 -36.43
C THR A 339 7.05 -19.29 -35.77
N THR A 340 6.18 -20.28 -35.73
CA THR A 340 4.93 -20.06 -35.05
C THR A 340 5.12 -20.29 -33.56
N SER A 341 6.24 -20.91 -33.20
CA SER A 341 6.45 -21.36 -31.82
C SER A 341 6.60 -20.17 -30.89
N TYR A 342 6.50 -18.98 -31.45
CA TYR A 342 6.25 -17.79 -30.67
C TYR A 342 4.90 -17.18 -31.00
N ILE A 343 3.84 -17.99 -30.95
CA ILE A 343 2.50 -17.44 -31.05
C ILE A 343 1.67 -17.74 -29.79
N GLY A 344 1.22 -16.68 -29.12
CA GLY A 344 0.33 -16.86 -28.00
C GLY A 344 -1.03 -17.26 -28.50
N GLN A 345 -1.86 -17.81 -27.62
CA GLN A 345 -3.21 -18.20 -28.02
C GLN A 345 -4.11 -18.43 -26.84
N THR A 346 -5.23 -17.70 -26.83
CA THR A 346 -6.20 -17.83 -25.76
C THR A 346 -7.60 -17.68 -26.32
N SER A 347 -8.33 -18.79 -26.40
CA SER A 347 -9.70 -18.73 -26.87
C SER A 347 -10.54 -17.94 -25.90
N ALA A 348 -10.18 -18.03 -24.62
CA ALA A 348 -11.02 -17.48 -23.57
C ALA A 348 -12.46 -17.86 -23.84
N ILE A 349 -13.34 -16.86 -23.71
CA ILE A 349 -14.71 -16.85 -24.22
C ILE A 349 -15.59 -18.02 -23.73
N ASP A 350 -16.88 -17.97 -24.03
CA ASP A 350 -17.84 -18.66 -23.19
C ASP A 350 -19.27 -18.87 -23.73
N HIS A 351 -19.89 -19.94 -23.24
CA HIS A 351 -21.31 -20.29 -23.48
C HIS A 351 -21.71 -20.40 -24.95
N MET A 352 -21.38 -19.37 -25.72
CA MET A 352 -21.71 -19.30 -27.13
C MET A 352 -21.17 -20.45 -28.00
N GLY A 353 -19.98 -21.00 -27.73
CA GLY A 353 -19.00 -20.46 -26.79
C GLY A 353 -18.05 -19.49 -27.42
N GLN A 354 -17.97 -19.53 -28.75
CA GLN A 354 -16.83 -19.01 -29.50
C GLN A 354 -16.47 -17.52 -29.37
N PRO A 355 -17.46 -16.62 -29.46
CA PRO A 355 -16.94 -15.30 -29.81
C PRO A 355 -17.26 -14.13 -28.89
N SER A 356 -16.22 -13.42 -28.48
CA SER A 356 -16.27 -12.05 -27.98
C SER A 356 -14.86 -11.69 -27.58
N HIS A 357 -14.13 -12.69 -27.10
CA HIS A 357 -12.73 -12.51 -26.72
C HIS A 357 -11.88 -13.77 -26.94
N VAL A 358 -11.04 -13.73 -27.98
CA VAL A 358 -10.04 -14.75 -28.28
C VAL A 358 -8.71 -14.08 -28.65
N VAL A 359 -7.78 -14.02 -27.70
CA VAL A 359 -6.57 -13.22 -27.88
C VAL A 359 -5.40 -14.08 -28.39
N VAL A 360 -4.41 -13.46 -29.03
CA VAL A 360 -3.09 -14.07 -29.18
C VAL A 360 -1.99 -13.08 -28.87
N TYR A 361 -0.77 -13.59 -28.79
CA TYR A 361 0.36 -12.82 -28.30
C TYR A 361 1.65 -13.59 -28.48
N GLU A 362 2.66 -13.23 -27.70
CA GLU A 362 3.97 -13.86 -27.79
C GLU A 362 4.70 -13.86 -26.45
N ASP A 363 5.44 -14.93 -26.18
CA ASP A 363 6.28 -15.01 -24.99
C ASP A 363 7.51 -14.13 -25.19
N TRP A 364 8.01 -13.52 -24.12
CA TRP A 364 9.11 -12.55 -24.27
C TRP A 364 10.10 -12.30 -23.13
N GLN A 365 11.11 -11.52 -23.50
CA GLN A 365 12.29 -11.19 -22.72
C GLN A 365 12.03 -10.27 -21.55
N PHE A 366 12.92 -10.39 -20.57
CA PHE A 366 13.37 -9.26 -19.75
C PHE A 366 14.71 -9.58 -19.08
N ALA A 367 15.74 -9.86 -19.90
CA ALA A 367 17.09 -9.82 -19.38
C ALA A 367 17.31 -8.36 -19.09
N LYS A 368 17.31 -8.02 -17.81
CA LYS A 368 17.14 -6.64 -17.41
C LYS A 368 18.28 -5.76 -17.89
N GLU A 369 19.44 -6.38 -18.07
CA GLU A 369 20.67 -5.64 -18.25
C GLU A 369 20.62 -4.75 -19.48
N ILE A 370 21.02 -3.51 -19.29
CA ILE A 370 21.01 -2.48 -20.32
C ILE A 370 22.20 -1.58 -20.03
N THR A 371 22.76 -0.97 -21.07
CA THR A 371 24.08 -0.37 -20.93
C THR A 371 24.18 1.03 -21.52
N ALA A 372 25.23 1.74 -21.12
CA ALA A 372 25.50 3.08 -21.61
C ALA A 372 27.01 3.33 -21.63
N PHE A 373 27.44 4.36 -22.36
CA PHE A 373 28.87 4.52 -22.63
C PHE A 373 29.31 5.92 -23.06
N THR A 374 30.59 6.21 -22.88
CA THR A 374 31.24 7.32 -23.57
C THR A 374 31.62 6.88 -24.99
N PRO A 375 31.71 7.85 -25.92
CA PRO A 375 32.09 7.56 -27.30
C PRO A 375 33.53 7.91 -27.64
N VAL A 376 34.49 7.32 -26.95
CA VAL A 376 35.89 7.69 -27.18
C VAL A 376 36.29 7.35 -28.62
N LYS A 377 37.08 8.24 -29.21
CA LYS A 377 37.51 8.15 -30.60
C LYS A 377 38.96 8.54 -30.76
N LEU A 378 39.83 7.55 -31.00
CA LEU A 378 41.27 7.81 -31.00
C LEU A 378 41.64 8.76 -32.13
N ALA A 379 40.82 8.79 -33.18
CA ALA A 379 41.06 9.72 -34.27
C ALA A 379 39.78 10.07 -35.02
N ASN A 380 39.64 11.36 -35.32
CA ASN A 380 38.50 11.88 -36.04
C ASN A 380 38.42 11.34 -37.45
N ASN A 381 37.20 11.07 -37.89
CA ASN A 381 36.91 10.61 -39.24
C ASN A 381 35.42 10.40 -39.46
N SER A 382 34.81 9.50 -38.69
CA SER A 382 33.43 9.13 -38.94
C SER A 382 32.67 8.82 -37.67
N ASN A 383 32.74 7.57 -37.22
CA ASN A 383 32.03 7.17 -36.03
C ASN A 383 32.65 5.91 -35.43
N GLN A 384 33.88 5.63 -35.80
CA GLN A 384 34.58 4.44 -35.32
C GLN A 384 34.80 4.48 -33.82
N ARG A 385 33.81 4.99 -33.11
CA ARG A 385 34.02 5.39 -31.74
C ARG A 385 34.10 4.21 -30.81
N PHE A 386 35.21 4.13 -30.09
CA PHE A 386 35.32 3.18 -29.00
C PHE A 386 34.36 3.60 -27.91
N LEU A 387 33.80 2.62 -27.24
CA LEU A 387 32.92 2.90 -26.13
C LEU A 387 33.17 1.89 -25.03
N ASP A 388 33.07 2.36 -23.80
CA ASP A 388 33.14 1.47 -22.65
C ASP A 388 31.87 1.65 -21.86
N VAL A 389 31.37 0.55 -21.30
CA VAL A 389 30.11 0.58 -20.60
C VAL A 389 30.28 1.47 -19.38
N GLU A 390 29.18 1.81 -18.72
CA GLU A 390 29.27 2.65 -17.56
C GLU A 390 28.62 1.87 -16.45
N PRO A 391 29.32 0.86 -15.95
CA PRO A 391 28.73 -0.20 -15.14
C PRO A 391 28.08 0.34 -13.91
N GLY A 392 28.64 1.42 -13.35
CA GLY A 392 28.20 1.89 -12.06
C GLY A 392 26.75 2.27 -12.09
N ILE A 393 26.31 2.84 -13.20
CA ILE A 393 24.89 3.08 -13.38
C ILE A 393 24.29 1.88 -14.07
N SER A 394 25.05 1.33 -15.01
CA SER A 394 24.51 0.37 -15.95
C SER A 394 23.98 -0.85 -15.23
N ASP A 395 24.65 -1.21 -14.15
CA ASP A 395 24.19 -2.35 -13.40
C ASP A 395 22.94 -1.98 -12.63
N ARG A 396 22.99 -0.90 -11.88
CA ARG A 396 21.89 -0.63 -10.97
C ARG A 396 20.61 -0.29 -11.70
N MET A 397 20.74 0.37 -12.84
CA MET A 397 19.53 0.65 -13.60
C MET A 397 18.95 -0.67 -14.06
N SER A 398 19.84 -1.59 -14.45
CA SER A 398 19.39 -2.92 -14.80
C SER A 398 18.83 -3.59 -13.57
N ALA A 399 19.46 -3.33 -12.44
CA ALA A 399 18.98 -3.90 -11.20
C ALA A 399 17.62 -3.31 -10.92
N THR A 400 17.44 -2.05 -11.33
CA THR A 400 16.19 -1.37 -11.11
C THR A 400 15.11 -2.07 -11.90
N LEU A 401 15.52 -2.66 -13.01
CA LEU A 401 14.57 -3.31 -13.88
C LEU A 401 14.26 -4.73 -13.39
N ALA A 402 15.02 -5.21 -12.42
CA ALA A 402 14.91 -6.62 -12.03
C ALA A 402 13.51 -7.03 -11.56
N PRO A 403 12.92 -6.27 -10.61
CA PRO A 403 11.55 -6.64 -10.25
C PRO A 403 10.61 -6.54 -11.44
N ILE A 404 10.94 -5.60 -12.32
CA ILE A 404 10.01 -5.19 -13.35
C ILE A 404 9.74 -6.35 -14.27
N GLY A 405 10.71 -7.25 -14.36
CA GLY A 405 10.50 -8.43 -15.19
C GLY A 405 9.47 -9.35 -14.58
N ASN A 406 9.48 -9.44 -13.25
CA ASN A 406 8.45 -10.20 -12.55
C ASN A 406 7.13 -9.47 -12.72
N THR A 407 7.22 -8.15 -12.80
CA THR A 407 6.08 -7.32 -13.12
C THR A 407 5.77 -7.54 -14.60
N PHE A 408 4.52 -7.33 -14.99
CA PHE A 408 4.16 -7.33 -16.40
C PHE A 408 4.53 -8.62 -17.10
N ALA A 409 4.43 -9.72 -16.36
CA ALA A 409 4.57 -11.03 -16.97
C ALA A 409 3.56 -11.10 -18.10
N VAL A 410 4.04 -10.85 -19.31
CA VAL A 410 3.16 -10.48 -20.39
C VAL A 410 2.16 -11.59 -20.65
N SER A 411 2.60 -12.83 -20.49
CA SER A 411 1.71 -13.96 -20.64
C SER A 411 0.61 -13.84 -19.62
N ALA A 412 1.02 -13.68 -18.36
CA ALA A 412 0.08 -13.49 -17.28
C ALA A 412 -0.66 -12.20 -17.54
N PHE A 413 0.03 -11.26 -18.15
CA PHE A 413 -0.59 -9.99 -18.46
C PHE A 413 -1.74 -10.16 -19.44
N VAL A 414 -1.63 -11.13 -20.33
CA VAL A 414 -2.68 -11.35 -21.30
C VAL A 414 -3.95 -11.73 -20.56
N LYS A 415 -3.76 -12.40 -19.44
CA LYS A 415 -4.87 -12.96 -18.71
C LYS A 415 -5.80 -11.81 -18.37
N ASN A 416 -5.22 -10.63 -18.21
CA ASN A 416 -5.98 -9.43 -17.89
C ASN A 416 -7.18 -9.27 -18.80
N ARG A 417 -6.94 -9.08 -20.09
CA ARG A 417 -8.09 -8.86 -20.96
C ARG A 417 -8.91 -10.10 -21.05
N THR A 418 -8.26 -11.25 -20.90
CA THR A 418 -9.00 -12.49 -21.02
C THR A 418 -9.98 -12.43 -19.89
N ALA A 419 -9.52 -11.94 -18.74
CA ALA A 419 -10.35 -11.88 -17.56
C ALA A 419 -11.53 -10.95 -17.78
N VAL A 420 -11.34 -9.98 -18.67
CA VAL A 420 -12.36 -9.00 -18.94
C VAL A 420 -13.56 -9.66 -19.62
N TYR A 421 -13.34 -10.84 -20.19
CA TYR A 421 -14.29 -11.44 -21.12
C TYR A 421 -15.68 -11.62 -20.51
N GLU A 422 -15.73 -11.94 -19.22
CA GLU A 422 -16.99 -12.29 -18.59
C GLU A 422 -17.79 -11.03 -18.49
N ALA A 423 -17.07 -9.91 -18.48
CA ALA A 423 -17.68 -8.64 -18.73
C ALA A 423 -17.77 -8.45 -20.23
N VAL A 424 -18.94 -8.09 -20.73
CA VAL A 424 -20.09 -7.96 -19.87
C VAL A 424 -21.17 -8.93 -20.33
N SER A 425 -21.79 -9.62 -19.38
CA SER A 425 -22.95 -10.44 -19.64
C SER A 425 -24.12 -9.54 -20.05
N GLN A 426 -25.05 -10.03 -20.85
CA GLN A 426 -25.19 -11.44 -21.16
C GLN A 426 -24.99 -11.75 -22.64
N ARG A 427 -25.21 -13.00 -23.01
CA ARG A 427 -24.82 -13.51 -24.32
C ARG A 427 -25.55 -12.81 -25.46
N GLY A 428 -24.82 -12.57 -26.55
CA GLY A 428 -25.35 -11.86 -27.70
C GLY A 428 -26.34 -12.70 -28.48
N THR A 429 -25.86 -13.35 -29.53
CA THR A 429 -24.47 -13.27 -29.94
C THR A 429 -24.35 -12.88 -31.42
N VAL A 430 -25.38 -13.22 -32.19
CA VAL A 430 -25.36 -13.04 -33.63
C VAL A 430 -25.36 -11.58 -34.06
N ASN A 431 -25.98 -10.72 -33.26
CA ASN A 431 -26.26 -9.35 -33.69
C ASN A 431 -25.02 -8.49 -33.92
N SER A 432 -23.92 -8.81 -33.26
CA SER A 432 -22.74 -7.97 -33.41
C SER A 432 -21.43 -8.70 -33.20
N ASN A 433 -21.21 -9.78 -33.96
CA ASN A 433 -19.92 -10.47 -33.89
C ASN A 433 -19.75 -11.02 -32.44
N GLY A 434 -18.59 -11.53 -32.00
CA GLY A 434 -17.32 -11.60 -32.68
C GLY A 434 -16.52 -10.37 -32.31
N ALA A 435 -15.21 -10.45 -32.47
CA ALA A 435 -14.32 -9.33 -32.21
C ALA A 435 -12.92 -9.72 -32.68
N GLU A 436 -12.05 -8.72 -32.86
CA GLU A 436 -10.67 -9.01 -33.19
C GLU A 436 -10.05 -9.84 -32.09
N MET A 437 -10.04 -9.26 -30.89
CA MET A 437 -9.68 -9.97 -29.66
C MET A 437 -8.19 -10.26 -29.59
N THR A 438 -7.64 -10.53 -30.76
CA THR A 438 -6.55 -11.46 -30.95
C THR A 438 -5.17 -10.83 -30.99
N LEU A 439 -4.97 -9.87 -31.89
CA LEU A 439 -3.67 -9.25 -32.09
C LEU A 439 -3.36 -8.29 -30.97
N GLY A 440 -2.07 -8.08 -30.76
CA GLY A 440 -1.54 -7.14 -29.80
C GLY A 440 -0.06 -7.34 -29.88
N PHE A 441 0.42 -7.43 -31.12
CA PHE A 441 1.72 -8.03 -31.38
C PHE A 441 2.85 -7.15 -30.91
N PRO A 442 3.66 -7.70 -30.02
CA PRO A 442 4.93 -7.12 -29.59
C PRO A 442 5.85 -6.96 -30.77
N SER A 443 5.75 -7.89 -31.71
CA SER A 443 6.68 -7.96 -32.80
C SER A 443 6.50 -6.79 -33.74
N VAL A 444 5.25 -6.51 -34.11
CA VAL A 444 4.97 -5.47 -35.09
C VAL A 444 5.38 -4.12 -34.54
N VAL A 445 5.29 -3.96 -33.23
CA VAL A 445 5.64 -2.70 -32.61
C VAL A 445 7.14 -2.52 -32.64
N GLU A 446 7.85 -3.57 -32.24
CA GLU A 446 9.28 -3.47 -32.11
C GLU A 446 9.94 -3.29 -33.46
N ARG A 447 9.35 -3.88 -34.50
CA ARG A 447 9.95 -3.83 -35.83
C ARG A 447 10.04 -2.41 -36.35
N ASP A 448 9.06 -1.59 -35.96
CA ASP A 448 8.98 -0.21 -36.43
C ASP A 448 9.56 0.73 -35.39
N TYR A 449 9.35 0.41 -34.13
CA TYR A 449 9.83 1.24 -33.06
C TYR A 449 11.34 1.24 -33.00
N ALA A 450 11.95 0.21 -33.59
CA ALA A 450 13.40 0.14 -33.66
C ALA A 450 13.96 1.30 -34.47
N LEU A 451 13.19 1.75 -35.46
CA LEU A 451 13.57 2.90 -36.26
C LEU A 451 12.90 4.14 -35.68
N ASP A 452 12.24 3.96 -34.55
CA ASP A 452 11.52 5.03 -33.87
C ASP A 452 10.51 5.69 -34.80
N ARG A 453 9.99 4.91 -35.74
CA ARG A 453 8.96 5.39 -36.63
C ARG A 453 7.65 5.61 -35.90
N ASP A 454 7.50 4.92 -34.77
CA ASP A 454 6.23 4.78 -34.05
C ASP A 454 5.24 3.99 -34.89
N PRO A 455 5.13 2.69 -34.60
CA PRO A 455 4.27 1.71 -35.25
C PRO A 455 2.81 2.10 -35.20
N MET A 456 2.45 2.81 -34.14
CA MET A 456 1.05 3.04 -33.83
C MET A 456 0.34 3.76 -34.99
N VAL A 457 1.05 4.61 -35.72
CA VAL A 457 0.46 5.23 -36.89
C VAL A 457 0.24 4.21 -38.00
N ALA A 458 1.13 3.23 -38.09
CA ALA A 458 1.02 2.18 -39.11
C ALA A 458 -0.19 1.32 -38.82
N ILE A 459 -0.53 1.24 -37.54
CA ILE A 459 -1.65 0.42 -37.10
C ILE A 459 -2.95 0.80 -37.80
N ALA A 460 -3.31 2.07 -37.71
CA ALA A 460 -4.54 2.55 -38.33
C ALA A 460 -4.43 2.43 -39.84
N ALA A 461 -3.19 2.52 -40.33
CA ALA A 461 -2.94 2.39 -41.75
C ALA A 461 -3.35 0.99 -42.20
N LEU A 462 -3.22 0.02 -41.30
CA LEU A 462 -3.83 -1.27 -41.60
C LEU A 462 -5.29 -1.34 -41.22
N ARG A 463 -5.76 -0.38 -40.44
CA ARG A 463 -7.20 -0.36 -40.21
C ARG A 463 -7.92 -0.11 -41.51
N THR A 464 -7.56 0.99 -42.17
CA THR A 464 -8.21 1.31 -43.44
C THR A 464 -7.58 0.51 -44.56
N GLY A 465 -6.45 -0.12 -44.25
CA GLY A 465 -5.73 -0.91 -45.24
C GLY A 465 -4.84 -0.10 -46.15
N ILE A 466 -5.42 0.87 -46.84
CA ILE A 466 -4.67 1.67 -47.78
C ILE A 466 -3.61 2.49 -47.06
N VAL A 467 -2.46 2.64 -47.70
CA VAL A 467 -1.42 3.52 -47.17
C VAL A 467 -1.86 4.96 -47.43
N ASP A 468 -1.46 5.87 -46.55
CA ASP A 468 -1.92 7.25 -46.63
C ASP A 468 -0.93 8.08 -47.45
N GLU A 469 -0.11 7.38 -48.23
CA GLU A 469 0.86 7.97 -49.16
C GLU A 469 1.66 9.14 -48.56
N SER A 470 2.39 8.86 -47.49
CA SER A 470 3.33 9.83 -46.95
C SER A 470 4.59 9.74 -47.79
N LEU A 471 4.55 10.36 -48.97
CA LEU A 471 5.59 10.15 -49.98
C LEU A 471 6.98 10.56 -49.50
N GLU A 472 7.71 9.54 -49.06
CA GLU A 472 9.13 9.64 -48.75
C GLU A 472 9.69 8.23 -48.63
N ALA A 473 10.84 8.00 -49.24
CA ALA A 473 11.39 6.66 -49.36
C ALA A 473 11.68 6.04 -48.00
N ARG A 474 11.94 6.86 -47.00
CA ARG A 474 12.04 6.34 -45.64
C ARG A 474 10.81 6.68 -44.81
N ALA A 475 9.74 7.09 -45.48
CA ALA A 475 8.48 7.27 -44.78
C ALA A 475 7.50 6.20 -45.21
N SER A 476 6.88 6.42 -46.36
CA SER A 476 5.73 5.63 -46.75
C SER A 476 6.01 4.14 -46.83
N ASN A 477 7.05 3.77 -47.58
CA ASN A 477 7.30 2.35 -47.83
C ASN A 477 7.62 1.61 -46.55
N ASP A 478 8.23 2.32 -45.61
CA ASP A 478 8.57 1.73 -44.33
C ASP A 478 7.33 1.30 -43.60
N LEU A 479 6.26 2.07 -43.76
CA LEU A 479 5.00 1.66 -43.20
C LEU A 479 4.65 0.34 -43.80
N LYS A 480 4.70 0.30 -45.13
CA LYS A 480 4.35 -0.89 -45.85
C LYS A 480 5.35 -1.97 -45.53
N ARG A 481 6.56 -1.55 -45.13
CA ARG A 481 7.62 -2.50 -44.81
C ARG A 481 7.15 -3.37 -43.65
N SER A 482 6.31 -2.78 -42.82
CA SER A 482 5.75 -3.49 -41.68
C SER A 482 4.56 -4.32 -42.10
N MET A 483 3.75 -3.77 -43.01
CA MET A 483 2.43 -4.33 -43.23
C MET A 483 2.62 -5.73 -43.76
N PHE A 484 3.72 -5.91 -44.47
CA PHE A 484 3.99 -7.18 -45.10
C PHE A 484 4.12 -8.22 -44.01
N ASN A 485 4.97 -7.90 -43.04
CA ASN A 485 5.26 -8.79 -41.94
C ASN A 485 3.98 -9.08 -41.22
N TYR A 486 3.10 -8.10 -41.26
CA TYR A 486 1.91 -8.15 -40.48
C TYR A 486 1.08 -9.29 -41.07
N TYR A 487 0.94 -9.29 -42.39
CA TYR A 487 0.26 -10.39 -43.06
C TYR A 487 1.04 -11.65 -42.84
N ALA A 488 2.34 -11.49 -42.83
CA ALA A 488 3.23 -12.62 -42.75
C ALA A 488 3.00 -13.26 -41.42
N ALA A 489 2.49 -12.49 -40.48
CA ALA A 489 2.24 -13.03 -39.16
C ALA A 489 1.25 -14.18 -39.24
N VAL A 490 -0.01 -13.85 -39.45
CA VAL A 490 -1.08 -14.79 -39.18
C VAL A 490 -0.92 -16.06 -39.99
N MET A 491 -0.47 -15.91 -41.23
CA MET A 491 -0.38 -17.05 -42.13
C MET A 491 0.42 -18.17 -41.55
N HIS A 492 1.53 -17.83 -40.93
CA HIS A 492 2.39 -18.86 -40.42
C HIS A 492 1.70 -19.70 -39.35
N TYR A 493 0.96 -19.10 -38.43
CA TYR A 493 0.43 -19.96 -37.39
C TYR A 493 -0.98 -20.32 -37.85
N ALA A 494 -1.31 -19.85 -39.04
CA ALA A 494 -2.45 -20.36 -39.75
C ALA A 494 -2.04 -21.64 -40.49
N VAL A 495 -0.75 -21.95 -40.47
CA VAL A 495 -0.30 -23.20 -41.06
C VAL A 495 -0.70 -24.33 -40.14
N ALA A 496 -0.11 -24.36 -38.95
CA ALA A 496 -0.56 -25.29 -37.94
C ALA A 496 -1.99 -24.89 -37.69
N HIS A 497 -2.89 -25.87 -37.64
CA HIS A 497 -4.31 -25.57 -37.63
C HIS A 497 -4.65 -24.64 -38.80
N ASN A 498 -4.82 -25.20 -39.99
CA ASN A 498 -4.61 -26.60 -40.30
C ASN A 498 -3.86 -26.67 -41.61
N PRO A 499 -3.12 -27.75 -41.86
CA PRO A 499 -2.53 -27.92 -43.20
C PRO A 499 -3.53 -27.99 -44.35
N GLU A 500 -4.78 -27.64 -44.10
CA GLU A 500 -5.77 -27.49 -45.16
C GLU A 500 -5.32 -26.41 -46.13
N VAL A 501 -5.53 -26.62 -47.43
CA VAL A 501 -5.00 -25.72 -48.43
C VAL A 501 -5.97 -25.58 -49.58
N VAL A 502 -5.68 -24.59 -50.43
CA VAL A 502 -6.23 -24.42 -51.79
C VAL A 502 -7.77 -24.48 -51.90
N VAL A 503 -8.52 -23.42 -52.25
CA VAL A 503 -8.26 -22.07 -52.85
C VAL A 503 -8.27 -22.22 -54.36
N SER A 504 -8.26 -21.08 -55.04
CA SER A 504 -8.14 -21.06 -56.47
C SER A 504 -7.53 -19.75 -56.86
N GLU A 505 -7.14 -19.63 -58.11
CA GLU A 505 -6.93 -18.31 -58.65
C GLU A 505 -8.31 -17.70 -58.63
N HIS A 506 -8.41 -16.42 -58.30
CA HIS A 506 -9.72 -15.80 -58.18
C HIS A 506 -9.80 -14.63 -59.12
N GLN A 507 -9.90 -14.94 -60.40
CA GLN A 507 -9.81 -13.95 -61.48
C GLN A 507 -10.87 -12.87 -61.40
N GLY A 508 -12.03 -13.22 -60.85
CA GLY A 508 -13.15 -12.30 -60.84
C GLY A 508 -13.52 -11.92 -62.27
N VAL A 509 -13.78 -10.64 -62.48
CA VAL A 509 -14.04 -10.15 -63.83
C VAL A 509 -12.82 -9.39 -64.37
N ALA A 510 -11.88 -9.05 -63.49
CA ALA A 510 -10.69 -8.32 -63.89
C ALA A 510 -9.63 -8.39 -62.80
N ALA A 511 -8.41 -8.84 -63.14
CA ALA A 511 -8.07 -9.32 -64.48
C ALA A 511 -7.11 -10.49 -64.31
N GLU A 512 -7.20 -11.50 -65.18
CA GLU A 512 -6.45 -12.71 -64.93
C GLU A 512 -4.99 -12.53 -65.26
N GLN A 513 -4.26 -11.97 -64.31
CA GLN A 513 -2.82 -11.96 -64.37
C GLN A 513 -2.34 -12.95 -63.31
N GLY A 514 -3.30 -13.60 -62.67
CA GLY A 514 -3.03 -14.49 -61.56
C GLY A 514 -3.47 -13.88 -60.24
N SER A 515 -4.04 -14.69 -59.38
CA SER A 515 -4.59 -14.22 -58.11
C SER A 515 -5.06 -15.39 -57.26
N LEU A 516 -4.14 -16.01 -56.53
CA LEU A 516 -4.50 -17.20 -55.77
C LEU A 516 -3.84 -17.27 -54.40
N TYR A 517 -4.65 -17.12 -53.35
CA TYR A 517 -4.14 -17.22 -51.99
C TYR A 517 -4.24 -18.65 -51.46
N LEU A 518 -4.79 -18.84 -50.26
CA LEU A 518 -4.90 -20.17 -49.67
C LEU A 518 -6.20 -20.32 -48.89
N VAL A 519 -6.59 -21.55 -48.58
CA VAL A 519 -7.87 -21.80 -47.92
C VAL A 519 -7.61 -22.74 -46.75
N TRP A 520 -8.53 -22.80 -45.78
CA TRP A 520 -8.30 -23.63 -44.60
C TRP A 520 -9.59 -24.26 -44.10
N ASN A 521 -9.79 -25.52 -44.43
CA ASN A 521 -10.97 -26.23 -43.98
C ASN A 521 -11.05 -26.40 -42.47
N VAL A 522 -9.88 -26.52 -41.82
CA VAL A 522 -9.78 -26.88 -40.40
C VAL A 522 -10.87 -27.87 -39.98
N ARG A 523 -11.38 -27.73 -38.76
CA ARG A 523 -12.47 -28.58 -38.29
C ARG A 523 -13.15 -27.90 -37.12
N THR A 524 -14.46 -28.05 -37.00
CA THR A 524 -15.23 -27.08 -36.22
C THR A 524 -16.30 -27.63 -35.30
N GLU A 525 -16.70 -26.78 -34.37
CA GLU A 525 -17.93 -26.93 -33.62
C GLU A 525 -19.11 -26.58 -34.51
N LEU A 526 -20.27 -27.18 -34.26
CA LEU A 526 -21.46 -26.96 -35.09
C LEU A 526 -22.28 -25.72 -34.76
N ARG A 527 -21.65 -24.55 -34.72
CA ARG A 527 -22.40 -23.31 -34.62
C ARG A 527 -21.57 -22.16 -35.17
N ILE A 528 -22.19 -21.30 -35.97
CA ILE A 528 -21.45 -20.23 -36.62
C ILE A 528 -22.09 -18.83 -36.53
N PRO A 529 -22.04 -18.24 -35.33
CA PRO A 529 -22.34 -16.80 -35.27
C PRO A 529 -21.06 -16.01 -35.50
N VAL A 530 -20.08 -16.66 -36.12
CA VAL A 530 -18.79 -16.06 -36.40
C VAL A 530 -18.37 -16.38 -37.84
N GLY A 531 -18.01 -15.33 -38.59
CA GLY A 531 -17.63 -15.46 -39.98
C GLY A 531 -18.79 -15.31 -40.95
N TYR A 532 -18.66 -14.42 -41.92
CA TYR A 532 -19.74 -14.19 -42.88
C TYR A 532 -19.94 -15.45 -43.70
N ASN A 533 -18.85 -16.17 -43.89
CA ASN A 533 -18.91 -17.44 -44.59
C ASN A 533 -19.50 -18.47 -43.65
N ALA A 534 -20.80 -18.69 -43.80
CA ALA A 534 -21.57 -19.49 -42.86
C ALA A 534 -21.03 -20.91 -42.81
N ILE A 535 -20.51 -21.35 -43.95
CA ILE A 535 -19.97 -22.68 -44.19
C ILE A 535 -19.53 -23.49 -42.96
N GLU A 536 -20.45 -23.71 -42.05
CA GLU A 536 -20.22 -24.52 -40.86
C GLU A 536 -20.08 -25.99 -41.23
N GLY A 537 -20.68 -26.35 -42.37
CA GLY A 537 -20.86 -27.74 -42.76
C GLY A 537 -19.64 -28.59 -42.54
N GLY A 538 -19.62 -29.32 -41.43
CA GLY A 538 -18.42 -30.00 -40.99
C GLY A 538 -17.44 -28.97 -40.50
N SER A 539 -17.03 -28.08 -41.40
CA SER A 539 -16.11 -27.01 -41.06
C SER A 539 -16.07 -25.90 -42.09
N ILE A 540 -15.49 -24.78 -41.68
CA ILE A 540 -15.36 -23.59 -42.51
C ILE A 540 -14.33 -23.97 -43.56
N ARG A 541 -14.30 -23.37 -44.76
CA ARG A 541 -13.44 -23.98 -45.77
C ARG A 541 -11.97 -23.51 -45.97
N THR A 542 -11.53 -22.29 -45.62
CA THR A 542 -12.26 -21.06 -45.41
C THR A 542 -11.48 -19.93 -46.11
N PRO A 543 -12.17 -18.90 -46.59
CA PRO A 543 -11.49 -17.83 -47.32
C PRO A 543 -10.38 -17.06 -46.61
N GLU A 544 -10.44 -16.86 -45.31
CA GLU A 544 -9.44 -16.00 -44.67
C GLU A 544 -8.83 -16.69 -43.46
N PRO A 545 -7.52 -16.49 -43.23
CA PRO A 545 -6.78 -17.19 -42.17
C PRO A 545 -7.27 -17.01 -40.73
N LEU A 546 -7.75 -15.84 -40.37
CA LEU A 546 -8.07 -15.54 -38.99
C LEU A 546 -9.21 -16.39 -38.46
N GLU A 547 -10.15 -16.72 -39.33
CA GLU A 547 -11.33 -17.46 -38.90
C GLU A 547 -10.95 -18.82 -38.37
N ALA A 548 -9.88 -19.39 -38.92
CA ALA A 548 -9.41 -20.67 -38.44
C ALA A 548 -9.15 -20.52 -36.96
N ILE A 549 -8.40 -19.48 -36.62
CA ILE A 549 -8.08 -19.21 -35.25
C ILE A 549 -9.34 -18.89 -34.50
N ALA A 550 -10.27 -18.23 -35.19
CA ALA A 550 -11.53 -17.87 -34.57
C ALA A 550 -12.29 -19.12 -34.20
N TYR A 551 -12.11 -20.16 -34.99
CA TYR A 551 -12.73 -21.43 -34.66
C TYR A 551 -11.76 -22.34 -33.92
N ASN A 552 -10.56 -21.85 -33.69
CA ASN A 552 -9.53 -22.65 -33.02
C ASN A 552 -9.70 -22.77 -31.52
N LYS A 553 -9.15 -23.83 -30.96
CA LYS A 553 -9.02 -24.01 -29.51
C LYS A 553 -7.97 -23.05 -28.95
N PRO A 554 -8.08 -22.73 -27.64
CA PRO A 554 -7.12 -21.84 -26.97
C PRO A 554 -5.70 -22.37 -27.01
N ILE A 555 -5.57 -23.68 -27.04
CA ILE A 555 -4.30 -24.41 -27.16
C ILE A 555 -3.23 -23.98 -26.15
N GLN A 556 -3.13 -22.67 -25.89
CA GLN A 556 -2.19 -22.13 -24.92
C GLN A 556 -0.77 -22.30 -25.43
N PRO A 557 -0.06 -21.19 -25.64
CA PRO A 557 1.21 -21.26 -26.33
C PRO A 557 2.27 -22.11 -25.65
N SER A 558 3.06 -22.81 -26.45
CA SER A 558 4.32 -23.37 -25.98
C SER A 558 5.15 -22.16 -25.64
N GLU A 559 5.86 -21.64 -26.65
CA GLU A 559 6.39 -20.28 -26.62
C GLU A 559 7.36 -19.93 -25.50
N VAL A 560 8.59 -19.66 -25.89
CA VAL A 560 9.65 -19.45 -24.93
C VAL A 560 10.56 -18.28 -25.29
N LEU A 561 10.44 -17.78 -26.51
CA LEU A 561 11.44 -16.84 -27.02
C LEU A 561 11.59 -15.56 -26.21
N GLN A 562 12.83 -15.21 -25.95
CA GLN A 562 13.18 -14.04 -25.16
C GLN A 562 14.67 -13.72 -25.35
N ALA A 563 14.94 -12.53 -25.87
CA ALA A 563 16.27 -12.21 -26.35
C ALA A 563 17.24 -11.92 -25.23
N LYS A 564 18.34 -11.29 -25.59
CA LYS A 564 19.40 -11.02 -24.65
C LYS A 564 20.30 -9.91 -25.16
N VAL A 565 20.73 -9.03 -24.25
CA VAL A 565 21.65 -7.98 -24.62
C VAL A 565 23.01 -8.57 -24.98
N LEU A 566 23.62 -8.02 -26.02
CA LEU A 566 24.96 -8.43 -26.40
C LEU A 566 26.00 -7.90 -25.42
N ASP A 567 27.07 -8.67 -25.25
CA ASP A 567 28.11 -8.41 -24.25
C ASP A 567 28.89 -7.12 -24.45
N LEU A 568 28.98 -6.69 -25.71
CA LEU A 568 29.50 -5.37 -26.07
C LEU A 568 30.82 -4.97 -25.41
N ALA A 569 30.77 -4.61 -24.14
CA ALA A 569 31.88 -3.89 -23.51
C ALA A 569 33.14 -4.73 -23.53
N ASN A 570 32.95 -6.04 -23.49
CA ASN A 570 34.05 -6.99 -23.48
C ASN A 570 34.83 -6.98 -24.78
N HIS A 571 34.24 -6.41 -25.82
CA HIS A 571 34.87 -6.37 -27.13
C HIS A 571 35.19 -4.94 -27.57
N THR A 572 34.33 -4.00 -27.20
CA THR A 572 34.54 -2.61 -27.57
C THR A 572 35.54 -2.02 -26.59
N THR A 573 35.87 -2.80 -25.58
CA THR A 573 37.06 -2.50 -24.80
C THR A 573 38.24 -2.61 -25.74
N SER A 574 38.06 -3.36 -26.81
CA SER A 574 39.05 -3.40 -27.86
C SER A 574 38.57 -2.65 -29.10
N ILE A 575 37.39 -3.00 -29.62
CA ILE A 575 37.04 -2.54 -30.96
C ILE A 575 35.69 -1.83 -31.10
N HIS A 576 35.70 -0.81 -31.96
CA HIS A 576 34.55 -0.02 -32.38
C HIS A 576 33.37 -0.79 -32.97
N ILE A 577 32.16 -0.34 -32.63
CA ILE A 577 30.95 -0.83 -33.25
C ILE A 577 30.37 0.29 -34.11
N TRP A 578 29.50 -0.03 -35.06
CA TRP A 578 29.00 0.95 -36.04
C TRP A 578 27.48 1.13 -36.21
N PRO A 579 26.64 0.37 -35.48
CA PRO A 579 25.27 0.84 -35.44
C PRO A 579 25.21 2.24 -34.87
N TRP A 580 26.16 2.53 -33.98
CA TRP A 580 26.35 3.89 -33.53
C TRP A 580 26.56 4.71 -34.79
N HIS A 581 25.89 5.86 -34.93
CA HIS A 581 25.05 6.51 -33.91
C HIS A 581 23.83 5.74 -33.44
N GLU A 582 22.69 5.96 -34.08
CA GLU A 582 21.45 5.28 -33.71
C GLU A 582 21.12 5.26 -32.23
N ALA A 583 22.00 4.66 -31.43
CA ALA A 583 21.72 4.38 -30.03
C ALA A 583 21.46 5.66 -29.25
N SER A 584 21.92 6.78 -29.81
CA SER A 584 21.53 8.13 -29.40
C SER A 584 22.25 8.66 -28.16
N THR A 585 21.70 9.72 -27.59
CA THR A 585 22.50 10.64 -26.77
C THR A 585 22.89 10.17 -25.34
N GLU A 586 22.01 10.06 -24.33
CA GLU A 586 20.56 10.08 -24.38
C GLU A 586 20.04 10.10 -22.94
N PHE A 587 19.80 11.28 -22.35
CA PHE A 587 19.43 11.32 -20.92
C PHE A 587 18.41 12.35 -20.43
N ALA A 588 17.14 11.99 -20.59
CA ALA A 588 15.99 12.53 -19.88
C ALA A 588 16.02 11.96 -18.44
N TYR A 589 15.36 12.53 -17.44
CA TYR A 589 14.26 13.50 -17.55
C TYR A 589 14.08 14.28 -16.27
N GLU A 590 13.61 15.52 -16.41
CA GLU A 590 13.29 16.34 -15.24
C GLU A 590 11.82 16.22 -14.90
N ASP A 591 11.44 15.18 -14.17
CA ASP A 591 10.04 14.99 -13.90
C ASP A 591 9.59 15.70 -12.62
N ALA A 592 9.26 16.97 -12.75
CA ALA A 592 8.70 17.71 -11.64
C ALA A 592 7.28 17.21 -11.35
N TYR A 593 6.85 17.31 -10.10
CA TYR A 593 5.47 17.04 -9.78
C TYR A 593 5.02 17.91 -8.61
N SER A 594 3.75 18.31 -8.66
CA SER A 594 3.15 19.11 -7.62
C SER A 594 2.59 18.24 -6.51
N VAL A 595 2.48 18.82 -5.32
CA VAL A 595 1.72 18.23 -4.26
C VAL A 595 0.81 19.31 -3.71
N THR A 596 -0.44 19.28 -4.13
CA THR A 596 -1.36 20.34 -3.77
C THR A 596 -1.82 20.11 -2.33
N ILE A 597 -0.92 20.35 -1.38
CA ILE A 597 -1.33 20.39 0.01
C ILE A 597 -2.18 21.65 0.07
N ARG A 598 -3.07 21.71 1.05
CA ARG A 598 -4.17 22.66 1.01
C ARG A 598 -3.76 24.05 0.57
N ASN A 599 -4.42 24.49 -0.49
CA ASN A 599 -4.24 25.79 -1.15
C ASN A 599 -2.79 26.21 -1.37
N LYS A 600 -1.90 25.25 -1.59
CA LYS A 600 -0.49 25.55 -1.90
C LYS A 600 0.14 24.50 -2.80
N ARG A 601 1.20 24.90 -3.48
CA ARG A 601 1.72 24.12 -4.60
C ARG A 601 2.85 23.17 -4.20
N TYR A 602 3.99 23.75 -3.91
CA TYR A 602 5.17 23.01 -3.45
C TYR A 602 5.64 21.94 -4.42
N THR A 603 5.64 22.28 -5.71
CA THR A 603 6.13 21.39 -6.74
C THR A 603 7.63 21.14 -6.56
N ALA A 604 8.06 19.92 -6.85
CA ALA A 604 9.48 19.59 -6.73
C ALA A 604 9.96 18.85 -7.97
N GLU A 605 11.27 18.78 -8.16
CA GLU A 605 11.84 18.18 -9.36
C GLU A 605 13.19 17.61 -9.03
N VAL A 606 13.79 16.84 -9.94
CA VAL A 606 15.10 16.29 -9.65
C VAL A 606 15.89 15.95 -10.92
N LYS A 607 17.21 16.11 -10.85
CA LYS A 607 18.08 16.09 -12.01
C LYS A 607 18.64 14.71 -12.37
N GLU A 608 17.76 13.76 -12.67
CA GLU A 608 18.13 12.42 -13.12
C GLU A 608 19.36 11.78 -12.45
N PHE A 609 20.54 12.34 -12.67
CA PHE A 609 21.76 11.58 -12.42
C PHE A 609 21.96 11.21 -10.95
N GLU A 610 21.56 12.11 -10.06
CA GLU A 610 21.80 11.87 -8.65
C GLU A 610 20.76 10.93 -8.07
N LEU A 611 19.75 10.60 -8.87
CA LEU A 611 18.85 9.53 -8.48
C LEU A 611 19.69 8.28 -8.41
N LEU A 612 20.69 8.23 -9.28
CA LEU A 612 21.62 7.13 -9.30
C LEU A 612 22.67 7.32 -8.21
N GLY A 613 22.66 8.52 -7.63
CA GLY A 613 23.54 8.83 -6.52
C GLY A 613 24.90 9.28 -7.01
N LEU A 614 25.07 9.22 -8.31
CA LEU A 614 26.32 9.63 -8.94
C LEU A 614 26.39 11.14 -9.01
N GLY A 615 27.61 11.67 -9.00
CA GLY A 615 27.83 13.09 -9.17
C GLY A 615 29.10 13.39 -9.95
N GLN A 616 29.06 14.42 -10.79
CA GLN A 616 27.85 15.20 -10.95
C GLN A 616 27.12 14.84 -12.22
N ARG A 617 26.64 15.88 -12.92
CA ARG A 617 25.98 15.68 -14.19
C ARG A 617 26.95 15.00 -15.14
N ARG A 618 26.46 14.04 -15.92
CA ARG A 618 27.28 13.43 -16.95
C ARG A 618 26.88 14.04 -18.28
N GLU A 619 27.84 14.23 -19.16
CA GLU A 619 27.56 14.90 -20.42
C GLU A 619 27.25 13.94 -21.56
N ARG A 620 27.93 12.80 -21.57
CA ARG A 620 28.11 12.06 -22.80
C ARG A 620 27.94 10.57 -22.63
N VAL A 621 27.35 10.18 -21.52
CA VAL A 621 27.01 8.80 -21.30
C VAL A 621 25.94 8.46 -22.34
N ARG A 622 25.96 7.24 -22.85
CA ARG A 622 25.09 6.93 -23.98
C ARG A 622 24.32 5.63 -23.81
N ILE A 623 23.13 5.75 -23.26
CA ILE A 623 22.21 4.64 -23.12
C ILE A 623 21.77 4.21 -24.52
N LEU A 624 21.47 2.94 -24.67
CA LEU A 624 20.91 2.44 -25.91
C LEU A 624 19.49 2.93 -26.04
N LYS A 625 18.71 2.26 -26.88
CA LYS A 625 17.28 2.49 -26.89
C LYS A 625 16.60 1.14 -26.83
N PRO A 626 16.52 0.57 -25.62
CA PRO A 626 16.07 -0.81 -25.49
C PRO A 626 14.68 -0.98 -26.05
N THR A 627 14.46 -2.10 -26.70
CA THR A 627 13.23 -2.31 -27.44
C THR A 627 12.33 -3.22 -26.65
N VAL A 628 11.62 -4.09 -27.34
CA VAL A 628 10.87 -5.15 -26.72
C VAL A 628 9.88 -4.59 -25.72
N ALA A 629 10.43 -4.18 -24.58
CA ALA A 629 9.63 -3.82 -23.43
C ALA A 629 8.66 -2.73 -23.79
N HIS A 630 9.06 -1.88 -24.73
CA HIS A 630 8.22 -0.78 -25.13
C HIS A 630 6.90 -1.35 -25.59
N ALA A 631 6.97 -2.41 -26.37
CA ALA A 631 5.77 -3.00 -26.93
C ALA A 631 4.91 -3.56 -25.82
N ILE A 632 5.54 -4.11 -24.80
CA ILE A 632 4.78 -4.72 -23.73
C ILE A 632 4.02 -3.64 -23.00
N ILE A 633 4.76 -2.65 -22.53
CA ILE A 633 4.16 -1.64 -21.69
C ILE A 633 3.14 -0.84 -22.47
N GLN A 634 3.38 -0.64 -23.76
CA GLN A 634 2.41 0.04 -24.58
C GLN A 634 1.16 -0.80 -24.64
N MET A 635 1.33 -2.09 -24.81
CA MET A 635 0.20 -2.96 -24.99
C MET A 635 -0.62 -2.93 -23.72
N TRP A 636 0.09 -2.81 -22.63
CA TRP A 636 -0.49 -2.77 -21.30
C TRP A 636 -1.31 -1.51 -21.13
N TYR A 637 -0.75 -0.43 -21.64
CA TYR A 637 -1.33 0.90 -21.54
C TYR A 637 -2.62 0.97 -22.36
N SER A 638 -2.49 0.60 -23.62
CA SER A 638 -3.60 0.67 -24.54
C SER A 638 -4.68 -0.31 -24.12
N TRP A 639 -4.26 -1.47 -23.63
CA TRP A 639 -5.26 -2.42 -23.20
C TRP A 639 -5.99 -1.93 -21.99
N PHE A 640 -5.32 -1.17 -21.12
CA PHE A 640 -6.08 -0.55 -20.05
C PHE A 640 -7.09 0.40 -20.63
N VAL A 641 -6.72 1.03 -21.73
CA VAL A 641 -7.67 1.93 -22.34
C VAL A 641 -8.88 1.13 -22.77
N GLU A 642 -8.65 -0.04 -23.34
CA GLU A 642 -9.76 -0.88 -23.77
C GLU A 642 -10.59 -1.23 -22.54
N ASP A 643 -9.89 -1.41 -21.44
CA ASP A 643 -10.49 -1.89 -20.22
C ASP A 643 -11.48 -0.88 -19.70
N ASP A 644 -10.96 0.26 -19.27
CA ASP A 644 -11.80 1.24 -18.63
C ASP A 644 -12.85 1.75 -19.60
N ARG A 645 -12.55 1.79 -20.90
CA ARG A 645 -13.60 2.22 -21.81
C ARG A 645 -14.75 1.23 -21.72
N THR A 646 -14.42 -0.06 -21.86
CA THR A 646 -15.45 -1.08 -21.86
C THR A 646 -16.27 -1.06 -20.59
N LEU A 647 -15.57 -1.05 -19.47
CA LEU A 647 -16.25 -1.14 -18.19
C LEU A 647 -17.12 0.08 -17.94
N ALA A 648 -16.58 1.25 -18.27
CA ALA A 648 -17.33 2.46 -18.01
C ALA A 648 -18.58 2.48 -18.85
N ALA A 649 -18.48 1.99 -20.09
CA ALA A 649 -19.66 1.91 -20.95
C ALA A 649 -20.65 0.94 -20.34
N ALA A 650 -20.11 -0.09 -19.73
CA ALA A 650 -20.94 -1.14 -19.18
C ALA A 650 -21.80 -0.57 -18.07
N ARG A 651 -21.19 0.21 -17.18
CA ARG A 651 -21.99 0.82 -16.14
C ARG A 651 -22.90 1.88 -16.75
N ARG A 652 -22.48 2.48 -17.87
CA ARG A 652 -23.33 3.48 -18.50
C ARG A 652 -24.65 2.85 -18.86
N THR A 653 -24.61 1.59 -19.26
CA THR A 653 -25.85 0.85 -19.44
C THR A 653 -25.60 -0.64 -19.62
N SER A 654 -25.78 -1.40 -18.54
CA SER A 654 -25.84 -2.86 -18.62
C SER A 654 -26.15 -3.54 -17.28
N ARG A 655 -27.33 -3.34 -16.67
CA ARG A 655 -28.34 -2.37 -17.06
C ARG A 655 -29.29 -1.95 -15.91
N ASP A 656 -29.91 -2.83 -15.10
CA ASP A 656 -29.57 -4.21 -14.64
C ASP A 656 -28.36 -4.14 -13.71
N ASP A 657 -28.68 -3.92 -12.43
CA ASP A 657 -27.73 -3.56 -11.38
C ASP A 657 -26.67 -4.60 -11.06
N ALA A 658 -27.05 -5.87 -11.16
CA ALA A 658 -26.19 -6.95 -10.66
C ALA A 658 -24.85 -6.92 -11.35
N GLU A 659 -24.85 -6.43 -12.58
CA GLU A 659 -23.63 -6.35 -13.36
C GLU A 659 -22.85 -5.07 -13.09
N LYS A 660 -23.53 -3.96 -12.88
CA LYS A 660 -22.82 -2.69 -12.84
C LYS A 660 -21.86 -2.67 -11.67
N LEU A 661 -22.32 -3.05 -10.48
CA LEU A 661 -21.44 -3.06 -9.34
C LEU A 661 -20.32 -4.01 -9.62
N ALA A 662 -20.63 -5.11 -10.30
CA ALA A 662 -19.61 -6.08 -10.62
C ALA A 662 -18.50 -5.35 -11.34
N ILE A 663 -18.86 -4.71 -12.44
CA ILE A 663 -17.82 -4.09 -13.23
C ILE A 663 -17.23 -2.94 -12.44
N ASP A 664 -18.04 -2.22 -11.68
CA ASP A 664 -17.45 -1.04 -11.07
C ASP A 664 -16.66 -1.54 -9.89
N GLY A 665 -17.03 -2.73 -9.43
CA GLY A 665 -16.24 -3.39 -8.42
C GLY A 665 -14.98 -3.83 -9.11
N ARG A 666 -15.16 -4.46 -10.26
CA ARG A 666 -14.04 -5.00 -11.04
C ARG A 666 -13.05 -3.89 -11.23
N ARG A 667 -13.59 -2.76 -11.68
CA ARG A 667 -12.80 -1.59 -12.02
C ARG A 667 -11.83 -1.31 -10.91
N MET A 668 -12.35 -1.28 -9.70
CA MET A 668 -11.55 -0.87 -8.58
C MET A 668 -10.29 -1.72 -8.48
N GLN A 669 -10.43 -3.04 -8.42
CA GLN A 669 -9.23 -3.77 -8.06
C GLN A 669 -8.29 -3.75 -9.23
N ASN A 670 -8.82 -3.50 -10.42
CA ASN A 670 -7.94 -3.41 -11.57
C ASN A 670 -6.96 -2.32 -11.25
N ALA A 671 -7.48 -1.16 -10.90
CA ALA A 671 -6.61 -0.06 -10.55
C ALA A 671 -5.82 -0.45 -9.32
N VAL A 672 -6.48 -1.12 -8.40
CA VAL A 672 -5.81 -1.46 -7.17
C VAL A 672 -4.64 -2.35 -7.52
N THR A 673 -4.86 -3.21 -8.51
CA THR A 673 -3.83 -4.13 -8.90
C THR A 673 -2.64 -3.31 -9.35
N LEU A 674 -2.88 -2.37 -10.25
CA LEU A 674 -1.77 -1.63 -10.81
C LEU A 674 -1.11 -0.88 -9.70
N LEU A 675 -1.91 -0.42 -8.75
CA LEU A 675 -1.37 0.39 -7.67
C LEU A 675 -0.25 -0.40 -7.08
N ARG A 676 -0.56 -1.64 -6.74
CA ARG A 676 0.37 -2.43 -5.98
C ARG A 676 1.63 -2.58 -6.79
N LYS A 677 1.48 -2.93 -8.06
CA LYS A 677 2.67 -3.26 -8.80
C LYS A 677 3.50 -2.01 -9.02
N ILE A 678 2.87 -0.84 -9.00
CA ILE A 678 3.64 0.36 -9.24
C ILE A 678 4.63 0.60 -8.11
N GLU A 679 4.32 0.19 -6.88
CA GLU A 679 5.34 0.35 -5.85
C GLU A 679 6.55 -0.49 -6.16
N MET A 680 6.31 -1.66 -6.75
CA MET A 680 7.42 -2.51 -7.12
C MET A 680 8.22 -1.87 -8.22
N ILE A 681 7.60 -0.98 -8.96
CA ILE A 681 8.33 -0.29 -10.01
C ILE A 681 9.36 0.60 -9.36
N GLY A 682 9.04 1.11 -8.17
CA GLY A 682 9.84 2.15 -7.58
C GLY A 682 10.55 1.87 -6.27
N THR A 683 9.79 1.96 -5.19
CA THR A 683 10.39 1.95 -3.86
C THR A 683 10.85 0.54 -3.54
N THR A 684 11.96 0.18 -4.17
CA THR A 684 12.58 -1.13 -4.00
C THR A 684 13.84 -1.15 -4.85
N GLY A 685 14.34 0.04 -5.13
CA GLY A 685 15.42 0.19 -6.08
C GLY A 685 14.80 0.59 -7.39
N ILE A 686 15.06 1.81 -7.83
CA ILE A 686 15.94 2.71 -7.10
C ILE A 686 15.20 4.01 -6.84
N GLY A 687 13.88 3.98 -7.01
CA GLY A 687 13.08 5.18 -6.94
C GLY A 687 12.88 5.62 -5.51
N ALA A 688 13.33 4.79 -4.58
CA ALA A 688 13.34 5.19 -3.19
C ALA A 688 14.21 6.42 -3.06
N SER A 689 15.22 6.47 -3.92
CA SER A 689 16.04 7.66 -3.99
C SER A 689 15.17 8.82 -4.43
N ALA A 690 14.22 8.53 -5.31
CA ALA A 690 13.37 9.57 -5.86
C ALA A 690 12.49 10.15 -4.78
N VAL A 691 11.83 9.29 -4.04
CA VAL A 691 10.96 9.79 -2.98
C VAL A 691 11.82 10.49 -1.93
N HIS A 692 13.05 10.03 -1.76
CA HIS A 692 13.94 10.62 -0.79
C HIS A 692 14.23 12.06 -1.13
N LEU A 693 14.67 12.27 -2.34
CA LEU A 693 15.02 13.59 -2.77
C LEU A 693 13.80 14.46 -2.86
N ALA A 694 12.66 13.88 -3.18
CA ALA A 694 11.44 14.66 -3.27
C ALA A 694 11.09 15.19 -1.89
N GLN A 695 11.25 14.34 -0.89
CA GLN A 695 10.98 14.76 0.47
C GLN A 695 11.95 15.86 0.86
N SER A 696 13.19 15.73 0.39
CA SER A 696 14.18 16.74 0.73
C SER A 696 13.76 18.08 0.16
N ARG A 697 13.44 18.09 -1.13
CA ARG A 697 13.14 19.32 -1.82
C ARG A 697 11.91 19.96 -1.22
N ILE A 698 10.96 19.12 -0.82
CA ILE A 698 9.69 19.69 -0.40
C ILE A 698 9.83 20.27 1.00
N VAL A 699 10.45 19.55 1.91
CA VAL A 699 10.56 20.07 3.26
C VAL A 699 11.47 21.28 3.27
N ASP A 700 12.54 21.23 2.47
CA ASP A 700 13.43 22.36 2.41
C ASP A 700 12.69 23.55 1.81
N GLN A 701 11.75 23.27 0.93
CA GLN A 701 10.89 24.33 0.41
C GLN A 701 10.02 24.88 1.52
N MET A 702 9.63 24.01 2.45
CA MET A 702 8.82 24.47 3.56
C MET A 702 9.63 25.48 4.34
N ALA A 703 10.87 25.11 4.62
CA ALA A 703 11.74 25.98 5.39
C ALA A 703 12.01 27.27 4.65
N GLY A 704 12.10 27.19 3.32
CA GLY A 704 12.49 28.32 2.51
C GLY A 704 11.38 29.34 2.35
N ARG A 705 10.15 28.84 2.32
CA ARG A 705 8.99 29.70 2.31
C ARG A 705 8.73 30.10 3.75
N GLY A 706 9.49 29.47 4.64
CA GLY A 706 9.40 29.77 6.05
C GLY A 706 9.10 28.54 6.86
N LEU A 707 7.83 28.37 7.19
CA LEU A 707 7.40 27.28 8.07
C LEU A 707 7.56 25.87 7.50
N ILE A 708 8.06 24.97 8.33
CA ILE A 708 8.02 23.54 8.05
C ILE A 708 6.86 23.02 8.85
N ASP A 709 6.06 23.96 9.32
CA ASP A 709 5.06 23.72 10.32
C ASP A 709 4.05 22.67 9.90
N ASP A 710 3.46 22.87 8.73
CA ASP A 710 2.39 22.01 8.26
C ASP A 710 3.00 20.74 7.69
N SER A 711 4.30 20.74 7.51
CA SER A 711 4.97 19.68 6.77
C SER A 711 5.02 18.39 7.56
N SER A 712 3.86 17.74 7.68
CA SER A 712 3.82 16.37 8.15
C SER A 712 3.98 15.46 6.95
N ASP A 713 4.15 16.06 5.78
CA ASP A 713 3.95 15.32 4.53
C ASP A 713 5.11 14.42 4.17
N LEU A 714 5.48 13.55 5.10
CA LEU A 714 6.25 12.36 4.77
C LEU A 714 5.36 11.18 5.12
N HIS A 715 4.08 11.47 5.39
CA HIS A 715 3.19 10.48 5.97
C HIS A 715 2.38 9.66 4.98
N VAL A 716 1.06 9.75 5.08
CA VAL A 716 0.18 8.66 4.69
C VAL A 716 -0.44 8.70 3.29
N GLY A 717 -0.62 7.50 2.75
CA GLY A 717 -1.53 7.23 1.65
C GLY A 717 -1.64 8.22 0.52
N ILE A 718 -2.52 9.19 0.70
CA ILE A 718 -2.87 10.12 -0.36
C ILE A 718 -1.62 10.77 -0.91
N ASN A 719 -0.87 11.39 -0.02
CA ASN A 719 0.40 11.94 -0.40
C ASN A 719 1.36 10.82 -0.75
N ARG A 720 1.17 9.66 -0.13
CA ARG A 720 2.09 8.56 -0.36
C ARG A 720 1.80 7.91 -1.70
N HIS A 721 0.53 7.70 -2.00
CA HIS A 721 0.18 7.21 -3.33
C HIS A 721 0.71 8.18 -4.34
N ARG A 722 0.53 9.45 -4.04
CA ARG A 722 1.02 10.52 -4.87
C ARG A 722 2.48 10.24 -5.20
N ILE A 723 3.31 10.40 -4.17
CA ILE A 723 4.75 10.36 -4.34
C ILE A 723 5.25 8.99 -4.79
N ARG A 724 4.62 7.92 -4.33
CA ARG A 724 5.14 6.61 -4.70
C ARG A 724 4.87 6.28 -6.15
N ILE A 725 3.62 6.45 -6.55
CA ILE A 725 3.25 6.11 -7.90
C ILE A 725 4.04 7.03 -8.81
N TRP A 726 4.22 8.25 -8.34
CA TRP A 726 5.04 9.18 -9.08
C TRP A 726 6.43 8.64 -9.22
N ALA A 727 6.90 7.94 -8.19
CA ALA A 727 8.29 7.53 -8.16
C ALA A 727 8.53 6.40 -9.13
N GLY A 728 7.72 5.37 -9.03
CA GLY A 728 7.93 4.23 -9.88
C GLY A 728 7.71 4.65 -11.31
N LEU A 729 6.74 5.53 -11.50
CA LEU A 729 6.47 6.05 -12.82
C LEU A 729 7.66 6.85 -13.29
N ALA A 730 8.38 7.42 -12.34
CA ALA A 730 9.47 8.33 -12.68
C ALA A 730 10.70 7.57 -13.13
N VAL A 731 11.05 6.52 -12.40
CA VAL A 731 12.22 5.75 -12.79
C VAL A 731 11.87 5.11 -14.12
N LEU A 732 10.59 4.87 -14.28
CA LEU A 732 10.04 4.40 -15.52
C LEU A 732 10.21 5.47 -16.61
N GLN A 733 10.16 6.73 -16.22
CA GLN A 733 10.47 7.80 -17.16
C GLN A 733 11.94 7.76 -17.51
N MET A 734 12.76 7.50 -16.51
CA MET A 734 14.20 7.38 -16.74
C MET A 734 14.44 6.16 -17.58
N MET A 735 13.58 5.16 -17.41
CA MET A 735 13.55 4.09 -18.35
C MET A 735 13.17 4.69 -19.67
N GLY A 736 13.79 4.23 -20.75
CA GLY A 736 13.68 4.91 -22.02
C GLY A 736 12.35 4.65 -22.71
N LEU A 737 11.50 3.87 -22.05
CA LEU A 737 10.24 3.50 -22.63
C LEU A 737 9.07 4.22 -21.97
N LEU A 738 7.97 4.30 -22.72
CA LEU A 738 6.74 5.04 -22.38
C LEU A 738 7.02 6.50 -22.05
N SER A 739 6.40 7.38 -22.83
CA SER A 739 6.77 8.78 -22.83
C SER A 739 6.48 9.46 -21.52
N ARG A 740 5.25 9.95 -21.40
CA ARG A 740 5.00 11.03 -20.49
C ARG A 740 3.51 11.26 -20.42
N SER A 741 2.88 11.24 -21.58
CA SER A 741 1.44 11.36 -21.66
C SER A 741 0.84 10.16 -20.94
N GLU A 742 1.56 9.05 -21.03
CA GLU A 742 1.12 7.80 -20.43
C GLU A 742 1.10 8.00 -18.94
N ALA A 743 2.02 8.83 -18.47
CA ALA A 743 2.14 9.09 -17.04
C ALA A 743 0.90 9.82 -16.52
N GLU A 744 0.60 10.94 -17.15
CA GLU A 744 -0.50 11.77 -16.72
C GLU A 744 -1.82 11.04 -16.90
N ALA A 745 -1.90 10.26 -17.97
CA ALA A 745 -3.09 9.46 -18.19
C ALA A 745 -3.21 8.40 -17.12
N LEU A 746 -2.05 7.93 -16.66
CA LEU A 746 -2.04 6.84 -15.72
C LEU A 746 -2.53 7.33 -14.38
N THR A 747 -1.98 8.44 -13.94
CA THR A 747 -2.42 9.02 -12.68
C THR A 747 -3.87 9.45 -12.82
N LYS A 748 -4.25 9.76 -14.05
CA LYS A 748 -5.64 10.05 -14.36
C LYS A 748 -6.48 8.82 -14.11
N VAL A 749 -5.90 7.64 -14.34
CA VAL A 749 -6.63 6.42 -14.13
C VAL A 749 -6.80 6.17 -12.66
N LEU A 750 -5.69 6.22 -11.93
CA LEU A 750 -5.74 5.88 -10.52
C LEU A 750 -6.59 6.87 -9.74
N GLY A 751 -6.63 8.11 -10.22
CA GLY A 751 -7.18 9.20 -9.44
C GLY A 751 -8.66 9.05 -9.16
N ASP A 752 -9.37 8.41 -10.09
CA ASP A 752 -10.77 8.14 -9.90
C ASP A 752 -10.95 6.79 -9.25
N SER A 753 -9.85 6.09 -9.04
CA SER A 753 -9.93 4.66 -8.77
C SER A 753 -8.94 4.12 -7.75
N ASN A 754 -9.26 4.27 -6.46
CA ASN A 754 -10.27 5.21 -6.03
C ASN A 754 -9.69 6.64 -6.01
N ALA A 755 -8.45 6.87 -5.55
CA ALA A 755 -7.58 5.93 -4.83
C ALA A 755 -8.03 5.83 -3.39
N LEU A 756 -7.72 4.71 -2.74
CA LEU A 756 -8.16 4.52 -1.38
C LEU A 756 -7.17 3.76 -0.54
N GLY A 757 -6.96 2.50 -0.91
CA GLY A 757 -6.19 1.63 -0.06
C GLY A 757 -6.92 1.46 1.26
N MET A 758 -6.24 1.72 2.38
CA MET A 758 -4.87 2.24 2.39
C MET A 758 -3.87 1.11 2.28
N VAL A 759 -3.51 0.77 1.05
CA VAL A 759 -2.76 -0.43 0.76
C VAL A 759 -1.34 -0.36 1.33
N VAL A 760 -0.78 0.83 1.45
CA VAL A 760 0.57 0.97 1.94
C VAL A 760 0.67 0.52 3.39
N ALA A 761 1.70 -0.25 3.71
CA ALA A 761 2.66 -0.72 2.73
N GLY B 1 -6.97 15.11 48.69
CA GLY B 1 -7.61 14.20 49.63
C GLY B 1 -8.82 14.81 50.31
N PHE B 2 -9.40 14.05 51.24
CA PHE B 2 -10.62 14.49 51.92
C PHE B 2 -10.85 13.76 53.24
N ASN B 3 -11.53 14.42 54.18
CA ASN B 3 -11.56 13.94 55.57
C ASN B 3 -12.90 14.11 56.29
N LEU B 4 -13.08 13.32 57.35
CA LEU B 4 -14.28 13.36 58.19
C LEU B 4 -13.95 13.28 59.67
N LYS B 5 -14.98 13.30 60.49
CA LYS B 5 -14.84 13.03 61.92
C LYS B 5 -14.76 11.53 62.15
N VAL B 6 -14.18 11.10 63.27
CA VAL B 6 -14.14 9.69 63.59
C VAL B 6 -15.39 9.24 64.35
N LYS B 7 -15.87 10.07 65.26
CA LYS B 7 -17.06 9.76 66.04
C LYS B 7 -18.27 9.93 65.16
N ASP B 8 -18.53 11.18 64.81
CA ASP B 8 -19.45 11.54 63.75
C ASP B 8 -18.86 11.11 62.41
N LEU B 9 -19.74 10.85 61.46
CA LEU B 9 -19.35 10.74 60.06
C LEU B 9 -20.58 10.99 59.22
N ASN B 10 -21.71 10.52 59.74
CA ASN B 10 -23.00 10.77 59.12
C ASN B 10 -23.35 12.24 59.15
N GLY B 11 -22.87 12.94 60.17
CA GLY B 11 -23.01 14.39 60.23
C GLY B 11 -21.89 15.06 59.50
N SER B 12 -20.98 14.26 58.97
CA SER B 12 -19.84 14.78 58.22
C SER B 12 -19.98 14.45 56.74
N ALA B 13 -20.34 13.20 56.46
CA ALA B 13 -20.62 12.77 55.10
C ALA B 13 -21.43 11.48 55.15
N ARG B 14 -22.71 11.57 54.82
CA ARG B 14 -23.61 10.43 54.88
C ARG B 14 -23.24 9.32 53.89
N GLY B 15 -22.52 9.69 52.83
CA GLY B 15 -22.29 8.78 51.74
C GLY B 15 -21.52 7.53 52.10
N LEU B 16 -20.69 7.63 53.12
CA LEU B 16 -19.90 6.47 53.52
C LEU B 16 -20.54 5.64 54.60
N THR B 17 -21.77 5.97 54.98
CA THR B 17 -22.53 5.09 55.85
C THR B 17 -22.96 3.91 55.02
N GLN B 18 -23.09 2.74 55.64
CA GLN B 18 -23.84 1.70 54.97
C GLN B 18 -25.26 2.19 54.81
N ALA B 19 -25.70 2.99 55.77
CA ALA B 19 -27.10 3.36 55.86
C ALA B 19 -27.56 4.17 54.66
N PHE B 20 -26.68 5.00 54.12
CA PHE B 20 -27.04 5.81 52.97
C PHE B 20 -27.26 4.92 51.76
N ALA B 21 -26.44 3.90 51.64
CA ALA B 21 -26.62 2.93 50.58
C ALA B 21 -27.90 2.17 50.84
N ILE B 22 -28.24 2.04 52.11
CA ILE B 22 -29.47 1.39 52.53
C ILE B 22 -30.61 2.40 52.42
N GLY B 23 -30.27 3.67 52.21
CA GLY B 23 -31.28 4.68 52.08
C GLY B 23 -32.02 4.88 53.39
N GLU B 24 -31.27 4.78 54.47
CA GLU B 24 -31.82 4.91 55.81
C GLU B 24 -32.40 6.31 56.03
N LEU B 25 -31.88 7.28 55.28
CA LEU B 25 -32.25 8.69 55.43
C LEU B 25 -31.85 9.28 56.78
N LYS B 26 -30.54 9.38 57.00
CA LYS B 26 -29.96 10.21 58.05
C LYS B 26 -30.29 9.79 59.50
N ASN B 27 -31.44 9.18 59.70
CA ASN B 27 -31.97 8.97 61.04
C ASN B 27 -31.20 7.93 61.85
N GLN B 28 -31.87 6.83 62.18
CA GLN B 28 -31.30 5.84 63.10
C GLN B 28 -30.05 5.18 62.54
N LEU B 29 -29.08 4.91 63.41
CA LEU B 29 -27.91 4.16 63.01
C LEU B 29 -28.13 2.66 63.07
N SER B 30 -27.57 1.96 62.09
CA SER B 30 -27.68 0.51 61.99
C SER B 30 -26.86 -0.20 63.05
N VAL B 31 -27.33 -1.33 63.56
CA VAL B 31 -26.73 -1.93 64.77
C VAL B 31 -27.29 -3.31 65.15
N GLY B 32 -28.26 -3.81 64.39
CA GLY B 32 -29.23 -4.76 64.90
C GLY B 32 -28.86 -6.17 65.36
N ALA B 33 -27.62 -6.58 65.12
CA ALA B 33 -27.11 -7.87 65.62
C ALA B 33 -27.89 -9.08 65.08
N LEU B 34 -27.67 -10.24 65.72
CA LEU B 34 -28.16 -11.53 65.23
C LEU B 34 -27.54 -11.82 63.87
N GLN B 35 -26.44 -12.56 63.87
CA GLN B 35 -25.51 -12.51 62.75
C GLN B 35 -25.07 -13.83 62.12
N LEU B 36 -24.74 -13.75 60.83
CA LEU B 36 -24.26 -14.88 60.05
C LEU B 36 -22.82 -14.65 59.55
N PRO B 37 -21.90 -15.52 59.96
CA PRO B 37 -20.47 -15.45 59.60
C PRO B 37 -20.18 -15.59 58.10
N LEU B 38 -19.14 -14.90 57.64
CA LEU B 38 -18.71 -14.98 56.24
C LEU B 38 -17.25 -15.28 56.04
N GLN B 39 -16.87 -15.32 54.77
CA GLN B 39 -15.49 -15.49 54.35
C GLN B 39 -15.27 -14.74 53.03
N PHE B 40 -14.01 -14.61 52.63
CA PHE B 40 -13.64 -13.79 51.49
C PHE B 40 -12.97 -14.58 50.38
N THR B 41 -13.41 -14.38 49.15
CA THR B 41 -12.57 -14.71 48.00
C THR B 41 -11.98 -13.42 47.52
N ARG B 42 -11.93 -12.45 48.43
CA ARG B 42 -11.44 -11.09 48.22
C ARG B 42 -12.15 -10.46 47.02
N THR B 43 -13.21 -11.12 46.58
CA THR B 43 -14.18 -10.64 45.60
C THR B 43 -13.63 -10.27 44.23
N PHE B 44 -14.31 -10.77 43.21
CA PHE B 44 -14.28 -10.24 41.86
C PHE B 44 -14.01 -8.74 41.76
N SER B 45 -13.30 -8.34 40.71
CA SER B 45 -13.02 -6.93 40.46
C SER B 45 -12.85 -6.60 38.99
N ALA B 46 -12.19 -5.49 38.74
CA ALA B 46 -11.80 -5.12 37.39
C ALA B 46 -10.31 -5.22 37.26
N SER B 47 -9.75 -4.37 36.42
CA SER B 47 -8.32 -4.13 36.43
C SER B 47 -8.12 -2.94 37.36
N MET B 48 -7.41 -1.94 36.84
CA MET B 48 -7.28 -0.66 37.50
C MET B 48 -6.56 0.25 36.53
N THR B 49 -5.74 -0.38 35.70
CA THR B 49 -5.01 0.35 34.68
C THR B 49 -4.82 -0.53 33.46
N SER B 50 -5.36 -0.09 32.34
CA SER B 50 -5.24 -0.83 31.11
C SER B 50 -5.35 0.10 29.91
N GLU B 51 -4.27 0.83 29.68
CA GLU B 51 -4.21 1.80 28.61
C GLU B 51 -3.55 1.16 27.39
N LEU B 52 -4.35 0.77 26.40
CA LEU B 52 -3.78 0.02 25.29
C LEU B 52 -4.64 0.14 24.03
N LEU B 53 -4.10 -0.29 22.90
CA LEU B 53 -4.77 -0.09 21.64
C LEU B 53 -4.98 -1.39 20.85
N TRP B 54 -6.24 -1.82 20.79
CA TRP B 54 -6.64 -2.95 19.95
C TRP B 54 -6.47 -2.68 18.46
N GLU B 55 -6.06 -3.71 17.75
CA GLU B 55 -6.18 -3.73 16.29
C GLU B 55 -7.48 -4.38 15.86
N VAL B 56 -8.12 -3.78 14.87
CA VAL B 56 -9.21 -4.43 14.16
C VAL B 56 -8.94 -4.17 12.69
N GLY B 57 -9.81 -4.65 11.82
CA GLY B 57 -9.69 -4.36 10.40
C GLY B 57 -8.62 -5.18 9.74
N LYS B 58 -7.88 -5.91 10.57
CA LYS B 58 -6.84 -6.82 10.08
C LYS B 58 -7.49 -8.14 9.73
N GLY B 59 -8.77 -8.25 10.01
CA GLY B 59 -9.53 -9.41 9.60
C GLY B 59 -9.41 -10.63 10.49
N ASN B 60 -8.83 -10.49 11.67
CA ASN B 60 -8.82 -11.64 12.58
C ASN B 60 -10.19 -11.89 13.19
N ILE B 61 -10.78 -10.84 13.76
CA ILE B 61 -12.13 -10.90 14.34
C ILE B 61 -12.27 -11.87 15.49
N ASP B 62 -12.75 -11.33 16.61
CA ASP B 62 -12.92 -12.07 17.84
C ASP B 62 -13.88 -11.29 18.69
N PRO B 63 -15.00 -11.91 19.06
CA PRO B 63 -16.04 -11.21 19.79
C PRO B 63 -15.54 -10.62 21.10
N VAL B 64 -14.58 -11.28 21.74
CA VAL B 64 -14.06 -10.76 22.98
C VAL B 64 -13.42 -9.40 22.76
N MET B 65 -12.92 -9.17 21.55
CA MET B 65 -12.33 -7.88 21.25
C MET B 65 -13.40 -6.80 21.18
N TYR B 66 -14.42 -7.06 20.39
CA TYR B 66 -15.50 -6.09 20.23
C TYR B 66 -16.27 -5.84 21.50
N ALA B 67 -16.34 -6.84 22.36
CA ALA B 67 -17.08 -6.69 23.59
C ALA B 67 -16.47 -5.56 24.40
N ARG B 68 -15.15 -5.53 24.42
CA ARG B 68 -14.43 -4.47 25.08
C ARG B 68 -14.72 -3.15 24.42
N LEU B 69 -14.90 -3.19 23.10
CA LEU B 69 -15.01 -1.95 22.37
C LEU B 69 -16.34 -1.28 22.62
N PHE B 70 -17.41 -2.06 22.54
CA PHE B 70 -18.71 -1.51 22.86
C PHE B 70 -18.77 -1.12 24.31
N PHE B 71 -18.09 -1.88 25.16
CA PHE B 71 -18.23 -1.67 26.58
C PHE B 71 -17.57 -0.33 26.92
N GLN B 72 -16.40 -0.12 26.33
CA GLN B 72 -15.66 1.13 26.44
C GLN B 72 -16.44 2.27 25.84
N TYR B 73 -17.19 1.96 24.78
CA TYR B 73 -17.95 2.98 24.09
C TYR B 73 -19.01 3.55 24.99
N ALA B 74 -19.69 2.67 25.70
CA ALA B 74 -20.65 3.10 26.69
C ALA B 74 -19.92 3.78 27.82
N GLN B 75 -18.70 3.34 28.08
CA GLN B 75 -17.90 3.97 29.11
C GLN B 75 -17.41 5.33 28.64
N ALA B 76 -17.44 5.53 27.33
CA ALA B 76 -17.23 6.85 26.77
C ALA B 76 -18.52 7.63 26.86
N GLY B 77 -19.60 6.93 27.20
CA GLY B 77 -20.91 7.54 27.25
C GLY B 77 -21.38 7.91 25.87
N GLY B 78 -20.94 7.17 24.87
CA GLY B 78 -21.23 7.48 23.48
C GLY B 78 -22.71 7.45 23.19
N ALA B 79 -23.42 6.62 23.92
CA ALA B 79 -24.87 6.61 23.86
C ALA B 79 -25.41 6.60 25.28
N LEU B 80 -25.45 5.42 25.89
CA LEU B 80 -25.76 5.28 27.30
C LEU B 80 -25.38 3.87 27.78
N SER B 81 -26.35 3.05 28.14
CA SER B 81 -26.06 1.69 28.59
C SER B 81 -25.58 0.83 27.43
N VAL B 82 -24.79 -0.19 27.75
CA VAL B 82 -24.38 -1.14 26.73
C VAL B 82 -25.62 -1.84 26.23
N ASP B 83 -26.60 -2.02 27.10
CA ASP B 83 -27.83 -2.71 26.73
C ASP B 83 -28.53 -1.94 25.62
N GLU B 84 -28.50 -0.63 25.75
CA GLU B 84 -29.01 0.24 24.73
C GLU B 84 -28.22 0.08 23.45
N LEU B 85 -26.92 -0.09 23.59
CA LEU B 85 -26.07 -0.23 22.44
C LEU B 85 -26.45 -1.50 21.69
N VAL B 86 -26.86 -2.50 22.45
CA VAL B 86 -27.10 -3.82 21.89
C VAL B 86 -28.47 -3.90 21.27
N ASN B 87 -29.48 -3.40 21.97
CA ASN B 87 -30.81 -3.45 21.41
C ASN B 87 -30.84 -2.59 20.16
N GLN B 88 -30.12 -1.48 20.19
CA GLN B 88 -30.02 -0.62 19.02
C GLN B 88 -29.18 -1.31 17.95
N PHE B 89 -28.27 -2.18 18.38
CA PHE B 89 -27.49 -2.95 17.43
C PHE B 89 -28.35 -3.95 16.69
N THR B 90 -29.18 -4.66 17.42
CA THR B 90 -30.08 -5.64 16.83
C THR B 90 -31.08 -4.89 15.97
N GLU B 91 -31.40 -3.67 16.37
CA GLU B 91 -32.28 -2.85 15.57
C GLU B 91 -31.57 -2.55 14.26
N TYR B 92 -30.25 -2.40 14.33
CA TYR B 92 -29.45 -2.22 13.13
C TYR B 92 -29.46 -3.43 12.23
N HIS B 93 -29.14 -4.58 12.79
CA HIS B 93 -29.11 -5.77 11.98
C HIS B 93 -30.47 -6.43 12.08
N GLN B 94 -31.50 -5.60 12.14
CA GLN B 94 -32.82 -6.04 11.75
C GLN B 94 -32.78 -5.90 10.24
N SER B 95 -31.74 -5.24 9.76
CA SER B 95 -31.30 -5.35 8.39
C SER B 95 -30.56 -6.67 8.29
N THR B 96 -31.34 -7.75 8.38
CA THR B 96 -30.80 -9.08 8.58
C THR B 96 -30.95 -9.96 7.36
N ALA B 97 -32.17 -10.44 7.15
CA ALA B 97 -32.50 -11.25 5.98
C ALA B 97 -33.33 -10.44 5.00
N CYS B 98 -33.78 -9.26 5.44
CA CYS B 98 -34.60 -8.39 4.60
C CYS B 98 -33.68 -7.76 3.59
N ASN B 99 -32.40 -8.01 3.78
CA ASN B 99 -31.38 -7.56 2.86
C ASN B 99 -30.48 -8.71 2.41
N PRO B 100 -31.02 -9.58 1.54
CA PRO B 100 -30.20 -10.54 0.80
C PRO B 100 -29.17 -9.78 -0.04
N GLU B 101 -29.56 -8.55 -0.37
CA GLU B 101 -28.76 -7.68 -1.19
C GLU B 101 -27.43 -7.38 -0.56
N ILE B 102 -27.29 -7.54 0.74
CA ILE B 102 -25.96 -7.33 1.29
C ILE B 102 -25.06 -8.39 0.66
N TRP B 103 -25.59 -9.60 0.53
CA TRP B 103 -24.82 -10.67 -0.09
C TRP B 103 -24.69 -10.41 -1.58
N ARG B 104 -25.81 -10.07 -2.22
CA ARG B 104 -25.81 -9.95 -3.66
C ARG B 104 -24.84 -8.85 -4.10
N LYS B 105 -24.76 -7.80 -3.30
CA LYS B 105 -23.94 -6.65 -3.64
C LYS B 105 -22.48 -6.82 -3.23
N LEU B 106 -22.22 -7.43 -2.08
CA LEU B 106 -20.82 -7.66 -1.73
C LEU B 106 -20.21 -8.66 -2.68
N THR B 107 -21.01 -9.65 -3.05
CA THR B 107 -20.60 -10.58 -4.06
C THR B 107 -20.48 -9.85 -5.38
N ALA B 108 -21.27 -8.80 -5.56
CA ALA B 108 -21.12 -7.99 -6.74
C ALA B 108 -19.76 -7.32 -6.70
N TYR B 109 -19.28 -7.02 -5.50
CA TYR B 109 -17.91 -6.57 -5.37
C TYR B 109 -16.94 -7.68 -5.71
N ILE B 110 -17.35 -8.91 -5.43
CA ILE B 110 -16.52 -10.05 -5.75
C ILE B 110 -16.51 -10.20 -7.27
N THR B 111 -17.44 -9.51 -7.90
CA THR B 111 -17.56 -9.45 -9.36
C THR B 111 -17.92 -10.82 -9.88
N GLY B 112 -19.20 -11.10 -9.97
CA GLY B 112 -20.22 -10.11 -9.68
C GLY B 112 -21.31 -10.29 -10.70
N SER B 113 -22.56 -10.23 -10.26
CA SER B 113 -23.64 -10.95 -10.93
C SER B 113 -23.04 -12.32 -11.13
N SER B 114 -22.95 -13.03 -10.02
CA SER B 114 -22.06 -14.18 -9.90
C SER B 114 -22.63 -15.40 -10.56
N ASN B 115 -23.80 -15.26 -11.20
CA ASN B 115 -24.36 -16.31 -12.02
C ASN B 115 -23.39 -16.62 -13.15
N ARG B 116 -22.60 -15.61 -13.49
CA ARG B 116 -21.44 -15.81 -14.33
C ARG B 116 -20.30 -16.33 -13.45
N ALA B 117 -20.54 -17.47 -12.82
CA ALA B 117 -19.67 -18.01 -11.78
C ALA B 117 -18.39 -18.64 -12.30
N ILE B 118 -17.33 -18.54 -11.49
CA ILE B 118 -16.03 -19.11 -11.82
C ILE B 118 -15.12 -18.95 -10.60
N LYS B 119 -13.93 -19.54 -10.62
CA LYS B 119 -12.93 -19.24 -9.61
C LYS B 119 -12.44 -17.80 -9.79
N ALA B 120 -13.37 -16.88 -9.62
CA ALA B 120 -13.18 -15.50 -10.05
C ALA B 120 -12.10 -14.75 -9.28
N ASP B 121 -11.79 -15.18 -8.06
CA ASP B 121 -11.03 -14.34 -7.13
C ASP B 121 -9.68 -13.90 -7.67
N ALA B 122 -9.41 -12.61 -7.46
CA ALA B 122 -8.18 -11.98 -7.89
C ALA B 122 -7.57 -11.23 -6.72
N VAL B 123 -8.13 -10.06 -6.42
CA VAL B 123 -7.54 -9.21 -5.40
C VAL B 123 -8.52 -8.11 -5.04
N GLY B 124 -8.32 -7.46 -3.91
CA GLY B 124 -9.06 -6.26 -3.58
C GLY B 124 -9.42 -6.07 -2.13
N LYS B 125 -9.32 -7.13 -1.34
CA LYS B 125 -9.79 -7.10 0.03
C LYS B 125 -9.03 -6.08 0.86
N VAL B 126 -9.78 -5.40 1.73
CA VAL B 126 -9.37 -4.63 2.93
C VAL B 126 -10.19 -3.35 2.97
N PRO B 127 -10.65 -2.85 1.81
CA PRO B 127 -11.52 -1.73 2.11
C PRO B 127 -12.90 -1.90 1.49
N PRO B 128 -13.57 -3.02 1.77
CA PRO B 128 -14.97 -3.00 1.36
C PRO B 128 -15.61 -1.83 2.07
N THR B 129 -15.12 -1.58 3.28
CA THR B 129 -15.47 -0.45 4.10
C THR B 129 -15.89 0.81 3.34
N ALA B 130 -15.26 1.06 2.20
CA ALA B 130 -15.70 2.14 1.34
C ALA B 130 -16.83 1.70 0.42
N ILE B 131 -16.71 0.52 -0.18
CA ILE B 131 -17.79 0.01 -1.01
C ILE B 131 -18.89 -0.43 -0.05
N LEU B 132 -18.50 -0.70 1.18
CA LEU B 132 -19.47 -1.01 2.22
C LEU B 132 -19.97 0.30 2.80
N GLU B 133 -19.27 1.38 2.50
CA GLU B 133 -19.81 2.68 2.82
C GLU B 133 -20.96 2.89 1.86
N GLN B 134 -20.83 2.31 0.67
CA GLN B 134 -21.98 2.17 -0.22
C GLN B 134 -22.97 1.20 0.41
N LEU B 135 -22.47 0.20 1.12
CA LEU B 135 -23.40 -0.59 1.90
C LEU B 135 -23.93 0.23 3.04
N ARG B 136 -23.19 1.24 3.47
CA ARG B 136 -23.77 2.15 4.43
C ARG B 136 -24.88 2.92 3.74
N THR B 137 -24.72 3.17 2.45
CA THR B 137 -25.81 3.78 1.71
C THR B 137 -26.94 2.75 1.67
N LEU B 138 -26.56 1.47 1.72
CA LEU B 138 -27.51 0.39 1.81
C LEU B 138 -27.94 0.19 3.27
N ALA B 139 -26.99 0.35 4.17
CA ALA B 139 -27.20 0.11 5.59
C ALA B 139 -26.73 1.31 6.39
N PRO B 140 -27.58 2.34 6.50
CA PRO B 140 -27.17 3.58 7.14
C PRO B 140 -26.75 3.34 8.57
N SER B 141 -25.73 4.06 8.99
CA SER B 141 -24.99 3.69 10.16
C SER B 141 -24.61 4.92 10.96
N GLU B 142 -25.56 5.40 11.75
CA GLU B 142 -25.34 6.60 12.53
C GLU B 142 -24.19 6.40 13.48
N HIS B 143 -24.00 5.16 13.90
CA HIS B 143 -22.79 4.79 14.59
C HIS B 143 -21.77 4.29 13.60
N GLU B 144 -20.52 4.66 13.83
CA GLU B 144 -19.41 4.19 13.01
C GLU B 144 -19.23 2.69 13.22
N LEU B 145 -19.63 2.24 14.40
CA LEU B 145 -19.13 1.00 14.96
C LEU B 145 -19.65 -0.24 14.26
N PHE B 146 -20.96 -0.46 14.25
CA PHE B 146 -21.47 -1.69 13.67
C PHE B 146 -21.21 -1.71 12.17
N HIS B 147 -21.18 -0.53 11.58
CA HIS B 147 -20.78 -0.41 10.19
C HIS B 147 -19.37 -0.90 10.05
N HIS B 148 -18.57 -0.64 11.06
CA HIS B 148 -17.19 -1.04 11.00
C HIS B 148 -17.11 -2.52 11.33
N ILE B 149 -18.21 -3.08 11.85
CA ILE B 149 -18.25 -4.47 12.25
C ILE B 149 -18.54 -5.39 11.09
N THR B 150 -19.63 -5.09 10.39
CA THR B 150 -20.22 -6.05 9.46
C THR B 150 -19.27 -6.43 8.34
N THR B 151 -18.28 -5.58 8.12
CA THR B 151 -17.34 -5.79 7.04
C THR B 151 -16.66 -7.13 7.19
N ASP B 152 -16.48 -7.51 8.44
CA ASP B 152 -15.59 -8.59 8.78
C ASP B 152 -15.92 -9.94 8.19
N PHE B 153 -17.20 -10.26 8.08
CA PHE B 153 -17.58 -11.60 7.66
C PHE B 153 -17.10 -11.88 6.26
N VAL B 154 -17.38 -10.93 5.38
CA VAL B 154 -16.96 -11.07 4.01
C VAL B 154 -15.46 -11.01 3.97
N CYS B 155 -14.89 -10.29 4.93
CA CYS B 155 -13.47 -9.95 4.84
C CYS B 155 -12.68 -10.16 6.11
N HIS B 156 -13.06 -11.16 6.91
CA HIS B 156 -12.11 -11.60 7.92
C HIS B 156 -10.91 -12.13 7.15
N VAL B 157 -11.17 -13.04 6.22
CA VAL B 157 -10.22 -13.47 5.20
C VAL B 157 -11.01 -13.99 4.02
N LEU B 158 -12.32 -14.08 4.16
CA LEU B 158 -13.18 -14.73 3.18
C LEU B 158 -13.06 -14.14 1.78
N SER B 159 -12.94 -15.00 0.77
CA SER B 159 -12.67 -16.42 0.98
C SER B 159 -11.25 -16.54 1.49
N PRO B 160 -11.04 -17.34 2.55
CA PRO B 160 -9.82 -17.25 3.34
C PRO B 160 -8.56 -17.45 2.52
N LEU B 161 -8.62 -18.31 1.51
CA LEU B 161 -7.51 -18.46 0.59
C LEU B 161 -7.72 -17.53 -0.60
N GLY B 162 -7.52 -16.23 -0.37
CA GLY B 162 -7.77 -15.23 -1.39
C GLY B 162 -9.26 -15.07 -1.60
N PHE B 163 -9.80 -13.87 -1.44
CA PHE B 163 -9.09 -12.61 -1.16
C PHE B 163 -8.39 -12.60 0.21
N ILE B 164 -7.24 -11.94 0.45
CA ILE B 164 -6.09 -11.55 -0.40
C ILE B 164 -5.28 -10.65 0.57
N LEU B 165 -4.78 -9.50 0.13
CA LEU B 165 -4.32 -8.49 1.08
C LEU B 165 -5.60 -8.07 1.75
N PRO B 166 -5.56 -7.48 2.96
CA PRO B 166 -4.81 -6.44 3.64
C PRO B 166 -3.32 -6.54 3.83
N ASP B 167 -2.70 -5.37 3.76
CA ASP B 167 -1.45 -5.09 4.44
C ASP B 167 -1.69 -4.03 5.52
N ALA B 168 -2.95 -3.75 5.81
CA ALA B 168 -3.32 -2.73 6.80
C ALA B 168 -4.44 -3.23 7.69
N ALA B 169 -4.58 -2.64 8.87
CA ALA B 169 -5.57 -3.10 9.84
C ALA B 169 -6.59 -2.01 10.18
N TYR B 170 -6.66 -1.62 11.45
CA TYR B 170 -7.46 -0.46 11.86
C TYR B 170 -6.96 -0.03 13.24
N VAL B 171 -7.84 0.37 14.15
CA VAL B 171 -7.41 0.90 15.44
C VAL B 171 -8.55 1.07 16.44
N TYR B 172 -8.24 0.92 17.72
CA TYR B 172 -8.91 1.70 18.77
C TYR B 172 -8.14 1.69 20.08
N ARG B 173 -8.20 2.81 20.80
CA ARG B 173 -7.57 2.95 22.10
C ARG B 173 -8.50 2.66 23.28
N VAL B 174 -8.54 1.43 23.75
CA VAL B 174 -9.19 1.20 25.03
C VAL B 174 -8.34 1.84 26.10
N GLY B 175 -8.99 2.52 27.03
CA GLY B 175 -8.31 3.03 28.19
C GLY B 175 -8.63 2.12 29.36
N ARG B 176 -8.08 2.44 30.52
CA ARG B 176 -8.52 1.82 31.75
C ARG B 176 -9.99 2.19 31.94
N THR B 177 -10.75 1.30 32.56
CA THR B 177 -12.17 1.52 32.71
C THR B 177 -12.56 1.62 34.17
N ALA B 178 -13.85 1.50 34.43
CA ALA B 178 -14.37 1.63 35.79
C ALA B 178 -13.81 0.56 36.69
N THR B 179 -13.55 0.92 37.93
CA THR B 179 -12.94 -0.01 38.88
C THR B 179 -13.89 -1.08 39.36
N TYR B 180 -15.11 -0.70 39.71
CA TYR B 180 -16.05 -1.62 40.34
C TYR B 180 -17.44 -1.46 39.77
N PRO B 181 -18.22 -2.54 39.78
CA PRO B 181 -19.43 -2.58 38.97
C PRO B 181 -20.72 -2.33 39.73
N ASN B 182 -21.82 -2.36 39.00
CA ASN B 182 -23.14 -2.11 39.57
C ASN B 182 -24.21 -2.66 38.63
N PHE B 183 -25.45 -2.71 39.13
CA PHE B 183 -26.63 -3.11 38.38
C PHE B 183 -26.52 -2.89 36.89
N TYR B 184 -26.47 -1.63 36.50
CA TYR B 184 -26.40 -1.32 35.09
C TYR B 184 -25.12 -1.86 34.46
N ALA B 185 -24.03 -1.80 35.21
CA ALA B 185 -22.77 -2.30 34.67
C ALA B 185 -22.88 -3.80 34.44
N LEU B 186 -23.56 -4.47 35.35
CA LEU B 186 -23.68 -5.92 35.26
C LEU B 186 -24.58 -6.34 34.12
N VAL B 187 -25.72 -5.68 33.99
CA VAL B 187 -26.62 -6.05 32.92
C VAL B 187 -25.93 -5.73 31.62
N ASP B 188 -25.08 -4.71 31.63
CA ASP B 188 -24.25 -4.43 30.48
C ASP B 188 -23.28 -5.57 30.23
N CYS B 189 -22.84 -6.21 31.30
CA CYS B 189 -21.94 -7.33 31.15
C CYS B 189 -22.63 -8.50 30.47
N VAL B 190 -23.75 -8.94 31.03
CA VAL B 190 -24.41 -10.12 30.49
C VAL B 190 -24.97 -9.84 29.10
N ARG B 191 -25.32 -8.59 28.85
CA ARG B 191 -25.75 -8.18 27.52
C ARG B 191 -24.58 -8.34 26.57
N ALA B 192 -23.41 -7.90 27.03
CA ALA B 192 -22.22 -8.04 26.23
C ALA B 192 -21.98 -9.50 25.99
N SER B 193 -22.39 -10.33 26.94
CA SER B 193 -22.30 -11.76 26.79
C SER B 193 -23.28 -12.32 25.78
N ASP B 194 -24.43 -11.66 25.57
CA ASP B 194 -25.31 -12.19 24.54
C ASP B 194 -24.65 -11.88 23.21
N LEU B 195 -23.97 -10.74 23.16
CA LEU B 195 -23.21 -10.40 21.96
C LEU B 195 -22.06 -11.38 21.77
N ARG B 196 -21.55 -11.86 22.89
CA ARG B 196 -20.50 -12.86 22.91
C ARG B 196 -21.08 -14.14 22.32
N ARG B 197 -22.35 -14.37 22.65
CA ARG B 197 -23.09 -15.53 22.16
C ARG B 197 -23.35 -15.32 20.69
N MET B 198 -23.32 -14.06 20.28
CA MET B 198 -23.52 -13.72 18.89
C MET B 198 -22.27 -14.06 18.12
N LEU B 199 -21.29 -13.16 18.15
CA LEU B 199 -20.27 -13.11 17.13
C LEU B 199 -19.44 -14.37 16.98
N THR B 200 -19.22 -15.11 18.05
CA THR B 200 -18.32 -16.26 17.93
C THR B 200 -18.90 -17.32 17.01
N ALA B 201 -20.20 -17.55 17.10
CA ALA B 201 -20.85 -18.47 16.19
C ALA B 201 -20.80 -17.87 14.81
N LEU B 202 -20.88 -16.54 14.79
CA LEU B 202 -20.92 -15.78 13.56
C LEU B 202 -19.62 -15.96 12.80
N SER B 203 -18.55 -16.23 13.52
CA SER B 203 -17.28 -16.52 12.88
C SER B 203 -17.14 -17.99 12.59
N SER B 204 -17.61 -18.83 13.50
CA SER B 204 -17.42 -20.27 13.37
C SER B 204 -18.15 -20.84 12.16
N VAL B 205 -19.31 -20.27 11.86
CA VAL B 205 -20.11 -20.78 10.76
C VAL B 205 -19.32 -20.65 9.50
N ASP B 206 -18.87 -19.43 9.22
CA ASP B 206 -18.09 -19.14 8.02
C ASP B 206 -16.80 -19.95 8.09
N SER B 207 -16.33 -20.17 9.30
CA SER B 207 -15.10 -20.91 9.53
C SER B 207 -15.23 -22.33 9.00
N LYS B 208 -16.45 -22.86 9.01
CA LYS B 208 -16.66 -24.18 8.45
C LYS B 208 -17.12 -24.11 7.01
N MET B 209 -17.81 -23.02 6.66
CA MET B 209 -18.33 -22.87 5.32
C MET B 209 -17.20 -22.76 4.35
N LEU B 210 -16.10 -22.14 4.78
CA LEU B 210 -14.91 -22.06 3.97
C LEU B 210 -14.30 -23.45 3.76
N GLN B 211 -14.40 -24.27 4.79
CA GLN B 211 -13.90 -25.64 4.70
C GLN B 211 -14.69 -26.38 3.66
N ALA B 212 -15.98 -26.05 3.58
CA ALA B 212 -16.87 -26.69 2.63
C ALA B 212 -16.94 -25.90 1.34
N THR B 213 -16.11 -24.87 1.22
CA THR B 213 -16.25 -23.96 0.10
C THR B 213 -15.33 -24.33 -1.04
N PHE B 214 -14.04 -24.03 -0.92
CA PHE B 214 -13.16 -24.14 -2.07
C PHE B 214 -13.03 -25.59 -2.51
N LYS B 215 -14.15 -26.07 -3.07
CA LYS B 215 -14.32 -27.43 -3.52
C LYS B 215 -13.30 -27.71 -4.62
N ALA B 216 -12.94 -26.65 -5.32
CA ALA B 216 -11.88 -26.67 -6.33
C ALA B 216 -12.22 -27.51 -7.55
N LYS B 217 -12.24 -26.95 -8.77
CA LYS B 217 -12.00 -25.53 -9.10
C LYS B 217 -10.76 -24.91 -8.47
N GLY B 218 -10.99 -23.79 -7.79
CA GLY B 218 -10.03 -23.19 -6.91
C GLY B 218 -10.73 -22.82 -5.62
N ALA B 219 -11.22 -21.59 -5.56
CA ALA B 219 -12.07 -21.14 -4.47
C ALA B 219 -13.50 -21.49 -4.81
N LEU B 220 -13.66 -22.22 -5.91
CA LEU B 220 -14.96 -22.61 -6.45
C LEU B 220 -15.73 -21.36 -6.92
N ALA B 221 -16.85 -21.60 -7.58
CA ALA B 221 -17.73 -20.57 -8.16
C ALA B 221 -18.67 -19.89 -7.16
N PRO B 222 -18.94 -18.59 -7.36
CA PRO B 222 -19.77 -17.78 -6.47
C PRO B 222 -21.29 -17.92 -6.65
N ALA B 223 -22.01 -16.89 -6.21
CA ALA B 223 -23.46 -16.89 -6.16
C ALA B 223 -23.96 -18.09 -5.39
N LEU B 224 -23.20 -18.51 -4.39
CA LEU B 224 -23.52 -19.69 -3.62
C LEU B 224 -23.16 -19.50 -2.17
N ILE B 225 -22.04 -20.09 -1.78
CA ILE B 225 -21.57 -19.98 -0.42
C ILE B 225 -21.27 -18.53 -0.13
N SER B 226 -20.75 -17.84 -1.13
CA SER B 226 -20.58 -16.40 -0.98
C SER B 226 -21.96 -15.82 -0.76
N GLN B 227 -22.87 -16.15 -1.66
CA GLN B 227 -24.25 -15.68 -1.57
C GLN B 227 -24.89 -16.22 -0.31
N HIS B 228 -24.38 -17.35 0.17
CA HIS B 228 -24.67 -17.79 1.52
C HIS B 228 -24.01 -16.84 2.49
N LEU B 229 -22.69 -16.96 2.55
CA LEU B 229 -21.87 -16.41 3.60
C LEU B 229 -22.61 -16.44 4.93
N ALA B 230 -23.36 -15.38 5.19
CA ALA B 230 -23.89 -15.13 6.53
C ALA B 230 -25.37 -15.39 6.69
N ASN B 231 -26.00 -16.04 5.73
CA ASN B 231 -27.42 -16.29 5.92
C ASN B 231 -27.57 -17.19 7.12
N ALA B 232 -26.65 -18.14 7.26
CA ALA B 232 -26.62 -19.00 8.43
C ALA B 232 -26.31 -18.16 9.65
N ALA B 233 -25.48 -17.15 9.44
CA ALA B 233 -25.18 -16.21 10.51
C ALA B 233 -26.43 -15.42 10.86
N THR B 234 -27.26 -15.17 9.87
CA THR B 234 -28.53 -14.54 10.17
C THR B 234 -29.34 -15.53 10.98
N THR B 235 -29.22 -16.80 10.64
CA THR B 235 -29.86 -17.81 11.45
C THR B 235 -29.15 -17.83 12.80
N ALA B 236 -27.84 -17.58 12.78
CA ALA B 236 -27.11 -17.43 14.02
C ALA B 236 -27.59 -16.16 14.71
N PHE B 237 -27.92 -15.15 13.91
CA PHE B 237 -28.54 -13.95 14.46
C PHE B 237 -29.88 -14.33 15.07
N GLU B 238 -30.52 -15.31 14.47
CA GLU B 238 -31.78 -15.79 15.01
C GLU B 238 -31.54 -16.80 16.12
N ARG B 239 -30.31 -17.30 16.24
CA ARG B 239 -29.98 -18.10 17.41
C ARG B 239 -29.89 -17.18 18.60
N SER B 240 -29.75 -15.90 18.29
CA SER B 240 -29.57 -14.90 19.32
C SER B 240 -30.87 -14.22 19.71
N ARG B 241 -32.00 -14.77 19.30
CA ARG B 241 -33.27 -14.17 19.66
C ARG B 241 -33.45 -14.18 21.16
N GLY B 242 -32.87 -15.19 21.80
CA GLY B 242 -33.08 -15.39 23.22
C GLY B 242 -31.89 -15.91 23.98
N ASN B 243 -31.12 -14.99 24.55
CA ASN B 243 -30.11 -15.38 25.51
C ASN B 243 -30.85 -15.55 26.81
N PHE B 244 -31.18 -14.43 27.43
CA PHE B 244 -31.98 -14.44 28.64
C PHE B 244 -32.80 -13.16 28.61
N ASP B 245 -32.84 -12.49 29.75
CA ASP B 245 -33.21 -11.08 29.82
C ASP B 245 -32.36 -10.49 30.93
N ALA B 246 -31.53 -9.53 30.56
CA ALA B 246 -30.41 -9.14 31.39
C ALA B 246 -30.83 -8.70 32.78
N ASN B 247 -31.76 -7.77 32.86
CA ASN B 247 -32.16 -7.23 34.16
C ASN B 247 -32.77 -8.34 35.00
N ALA B 248 -33.49 -9.25 34.35
CA ALA B 248 -34.18 -10.31 35.07
C ALA B 248 -33.19 -11.31 35.63
N VAL B 249 -32.24 -11.76 34.82
CA VAL B 249 -31.28 -12.76 35.25
C VAL B 249 -30.35 -12.18 36.31
N VAL B 250 -29.94 -10.94 36.11
CA VAL B 250 -29.05 -10.31 37.06
C VAL B 250 -29.77 -10.16 38.37
N SER B 251 -31.03 -9.72 38.30
CA SER B 251 -31.83 -9.55 39.50
C SER B 251 -32.03 -10.90 40.15
N SER B 252 -32.01 -11.94 39.34
CA SER B 252 -32.29 -13.28 39.82
C SER B 252 -31.13 -13.79 40.65
N VAL B 253 -29.96 -13.87 40.04
CA VAL B 253 -28.79 -14.40 40.73
C VAL B 253 -28.52 -13.50 41.93
N LEU B 254 -28.84 -12.23 41.74
CA LEU B 254 -28.78 -11.27 42.80
C LEU B 254 -29.56 -11.75 44.00
N THR B 255 -30.87 -11.68 43.88
CA THR B 255 -31.75 -11.85 45.02
C THR B 255 -31.67 -13.26 45.59
N ILE B 256 -31.37 -14.24 44.75
CA ILE B 256 -31.19 -15.58 45.29
C ILE B 256 -29.91 -15.58 46.12
N LEU B 257 -28.92 -14.80 45.70
CA LEU B 257 -27.71 -14.68 46.51
C LEU B 257 -28.07 -14.03 47.83
N GLY B 258 -29.01 -13.10 47.78
CA GLY B 258 -29.44 -12.40 48.97
C GLY B 258 -30.17 -13.30 49.92
N ARG B 259 -30.96 -14.22 49.36
CA ARG B 259 -31.61 -15.23 50.16
C ARG B 259 -30.59 -16.15 50.78
N LEU B 260 -29.49 -16.36 50.05
CA LEU B 260 -28.41 -17.14 50.60
C LEU B 260 -27.82 -16.36 51.76
N TRP B 261 -27.94 -15.04 51.71
CA TRP B 261 -27.44 -14.21 52.81
C TRP B 261 -28.36 -14.11 54.01
N SER B 262 -29.63 -13.86 53.74
CA SER B 262 -30.54 -13.43 54.78
C SER B 262 -30.80 -14.53 55.79
N PRO B 263 -30.94 -14.15 57.06
CA PRO B 263 -31.35 -15.04 58.13
C PRO B 263 -32.72 -15.66 57.88
N SER B 264 -33.60 -14.94 57.16
CA SER B 264 -34.97 -15.39 56.91
C SER B 264 -35.08 -16.81 56.32
N THR B 265 -35.45 -17.75 57.18
CA THR B 265 -35.62 -19.16 56.83
C THR B 265 -36.64 -19.54 55.75
N PRO B 266 -37.88 -19.00 55.82
CA PRO B 266 -39.01 -19.64 55.15
C PRO B 266 -38.88 -19.83 53.64
N LYS B 267 -39.89 -20.44 53.05
CA LYS B 267 -39.83 -20.93 51.69
C LYS B 267 -39.54 -19.85 50.65
N GLU B 268 -39.91 -18.62 50.94
CA GLU B 268 -39.57 -17.52 50.05
C GLU B 268 -38.06 -17.32 50.00
N LEU B 269 -37.39 -17.67 51.09
CA LEU B 269 -35.96 -17.46 51.21
C LEU B 269 -35.29 -18.72 51.76
N ASP B 270 -35.39 -19.82 51.04
CA ASP B 270 -34.77 -21.07 51.48
C ASP B 270 -33.94 -21.68 50.38
N PRO B 271 -32.75 -21.11 50.16
CA PRO B 271 -31.81 -21.60 49.14
C PRO B 271 -31.69 -23.11 49.22
N SER B 272 -32.18 -23.79 48.19
CA SER B 272 -32.31 -25.23 48.25
C SER B 272 -30.96 -25.90 48.38
N ALA B 273 -30.87 -26.84 49.31
CA ALA B 273 -29.69 -27.68 49.45
C ALA B 273 -29.62 -28.53 48.21
N ARG B 274 -30.75 -28.58 47.51
CA ARG B 274 -30.86 -29.20 46.21
C ARG B 274 -29.93 -28.48 45.23
N LEU B 275 -29.64 -27.21 45.52
CA LEU B 275 -28.81 -26.41 44.62
C LEU B 275 -27.92 -25.41 45.35
N ARG B 276 -27.81 -25.51 46.66
CA ARG B 276 -26.85 -24.69 47.38
C ARG B 276 -25.47 -25.01 46.85
N ASN B 277 -25.31 -26.23 46.37
CA ASN B 277 -24.10 -26.65 45.67
C ASN B 277 -24.11 -26.20 44.21
N THR B 278 -23.69 -27.10 43.33
CA THR B 278 -23.68 -26.85 41.89
C THR B 278 -22.78 -25.67 41.53
N ASN B 279 -21.48 -25.84 41.75
CA ASN B 279 -20.45 -24.97 41.20
C ASN B 279 -20.57 -23.49 41.59
N GLY B 280 -19.62 -22.72 41.08
CA GLY B 280 -19.72 -21.27 41.02
C GLY B 280 -20.21 -20.55 42.26
N ILE B 281 -21.47 -20.76 42.59
CA ILE B 281 -22.11 -20.00 43.65
C ILE B 281 -21.35 -20.25 44.94
N ASP B 282 -20.75 -21.43 45.04
CA ASP B 282 -20.00 -21.82 46.22
C ASP B 282 -18.82 -20.89 46.50
N GLN B 283 -18.19 -20.34 45.45
CA GLN B 283 -17.23 -19.29 45.74
C GLN B 283 -17.92 -17.97 45.46
N LEU B 284 -18.97 -18.00 44.66
CA LEU B 284 -19.65 -16.76 44.32
C LEU B 284 -20.30 -16.16 45.54
N ARG B 285 -20.64 -16.99 46.53
CA ARG B 285 -21.21 -16.45 47.74
C ARG B 285 -20.16 -15.56 48.38
N SER B 286 -18.90 -15.93 48.23
CA SER B 286 -17.84 -15.23 48.93
C SER B 286 -17.57 -13.82 48.42
N ASN B 287 -17.92 -13.54 47.18
CA ASN B 287 -17.68 -12.22 46.61
C ASN B 287 -18.48 -11.20 47.39
N LEU B 288 -17.90 -10.03 47.61
CA LEU B 288 -18.44 -9.14 48.61
C LEU B 288 -18.67 -7.74 48.06
N ALA B 289 -17.78 -7.27 47.18
CA ALA B 289 -18.08 -6.04 46.48
C ALA B 289 -19.30 -6.29 45.60
N LEU B 290 -19.39 -7.51 45.11
CA LEU B 290 -20.52 -7.96 44.34
C LEU B 290 -21.76 -7.84 45.22
N PHE B 291 -21.54 -8.14 46.49
CA PHE B 291 -22.56 -7.96 47.50
C PHE B 291 -22.91 -6.48 47.69
N ILE B 292 -21.94 -5.60 47.50
CA ILE B 292 -22.26 -4.17 47.53
C ILE B 292 -23.16 -3.85 46.38
N ALA B 293 -22.92 -4.49 45.24
CA ALA B 293 -23.79 -4.26 44.10
C ALA B 293 -25.18 -4.73 44.47
N TYR B 294 -25.23 -5.80 45.26
CA TYR B 294 -26.50 -6.30 45.75
C TYR B 294 -27.23 -5.21 46.49
N GLN B 295 -26.64 -4.72 47.56
CA GLN B 295 -27.36 -3.77 48.40
C GLN B 295 -27.67 -2.51 47.62
N ASP B 296 -26.88 -2.24 46.59
CA ASP B 296 -27.11 -1.08 45.77
C ASP B 296 -28.41 -1.24 44.96
N MET B 297 -28.47 -2.23 44.09
CA MET B 297 -29.67 -2.32 43.26
C MET B 297 -30.89 -2.67 44.11
N VAL B 298 -30.65 -3.29 45.26
CA VAL B 298 -31.69 -3.47 46.25
C VAL B 298 -32.17 -2.11 46.72
N LYS B 299 -31.24 -1.16 46.80
CA LYS B 299 -31.62 0.20 47.13
C LYS B 299 -32.43 0.88 46.04
N GLN B 300 -31.99 0.80 44.79
CA GLN B 300 -32.76 1.49 43.75
C GLN B 300 -34.13 0.90 43.47
N ARG B 301 -34.20 -0.41 43.21
CA ARG B 301 -35.44 -0.90 42.62
C ARG B 301 -36.21 -1.78 43.59
N GLY B 302 -36.09 -1.51 44.88
CA GLY B 302 -36.71 -2.38 45.86
C GLY B 302 -36.12 -3.76 45.72
N ARG B 303 -36.94 -4.80 45.68
CA ARG B 303 -36.43 -6.12 45.33
C ARG B 303 -37.11 -6.73 44.12
N ALA B 304 -38.42 -6.48 43.96
CA ALA B 304 -39.15 -6.85 42.75
C ALA B 304 -38.95 -8.31 42.36
N GLU B 305 -39.19 -9.21 43.30
CA GLU B 305 -38.81 -10.61 43.14
C GLU B 305 -39.56 -11.32 42.03
N VAL B 306 -39.08 -11.18 40.80
CA VAL B 306 -39.62 -11.94 39.68
C VAL B 306 -39.34 -13.43 39.90
N ILE B 307 -38.18 -13.71 40.50
CA ILE B 307 -37.76 -15.07 40.78
C ILE B 307 -38.00 -15.93 39.55
N PHE B 308 -37.32 -15.60 38.46
CA PHE B 308 -37.45 -16.35 37.22
C PHE B 308 -36.99 -17.77 37.45
N SER B 309 -36.11 -17.93 38.42
CA SER B 309 -35.68 -19.23 38.90
C SER B 309 -36.76 -19.96 39.70
N ASP B 310 -36.69 -21.29 39.71
CA ASP B 310 -37.50 -22.05 40.64
C ASP B 310 -36.70 -22.22 41.93
N GLU B 311 -36.84 -23.38 42.57
CA GLU B 311 -36.03 -23.72 43.72
C GLU B 311 -34.80 -24.55 43.36
N GLU B 312 -34.85 -25.31 42.25
CA GLU B 312 -33.67 -26.07 41.84
C GLU B 312 -33.59 -26.32 40.34
N LEU B 313 -34.51 -27.06 39.76
CA LEU B 313 -34.45 -27.27 38.31
C LEU B 313 -35.60 -26.56 37.60
N SER B 314 -35.27 -25.44 36.99
CA SER B 314 -33.90 -24.97 37.02
C SER B 314 -33.69 -23.66 37.74
N SER B 315 -33.11 -23.77 38.93
CA SER B 315 -32.40 -22.68 39.56
C SER B 315 -30.97 -22.80 39.10
N THR B 316 -30.79 -23.53 38.00
CA THR B 316 -29.48 -23.77 37.45
C THR B 316 -29.27 -22.92 36.21
N ILE B 317 -30.26 -22.92 35.32
CA ILE B 317 -30.11 -22.24 34.04
C ILE B 317 -29.80 -20.76 34.26
N ILE B 318 -30.50 -20.15 35.20
CA ILE B 318 -30.25 -18.75 35.50
C ILE B 318 -28.82 -18.52 35.98
N PRO B 319 -28.36 -19.28 36.98
CA PRO B 319 -26.96 -18.99 37.29
C PRO B 319 -26.03 -19.90 36.54
N TRP B 320 -26.42 -20.25 35.31
CA TRP B 320 -25.51 -20.90 34.41
C TRP B 320 -24.31 -20.03 34.20
N PHE B 321 -24.51 -18.73 34.34
CA PHE B 321 -23.48 -17.82 33.93
C PHE B 321 -23.60 -16.49 34.63
N ILE B 322 -22.52 -15.73 34.65
CA ILE B 322 -22.57 -14.39 35.19
C ILE B 322 -21.32 -13.63 34.69
N GLU B 323 -21.15 -12.37 35.09
CA GLU B 323 -20.20 -11.48 34.43
C GLU B 323 -18.72 -11.84 34.58
N ALA B 324 -18.31 -12.33 35.73
CA ALA B 324 -16.90 -12.59 35.93
C ALA B 324 -16.50 -13.80 35.09
N MET B 325 -17.41 -14.75 34.96
CA MET B 325 -17.14 -15.93 34.17
C MET B 325 -17.33 -15.57 32.70
N SER B 326 -17.86 -14.38 32.45
CA SER B 326 -17.69 -13.79 31.14
C SER B 326 -16.30 -13.21 31.04
N GLU B 327 -15.74 -13.26 29.84
CA GLU B 327 -14.56 -12.48 29.55
C GLU B 327 -15.04 -11.20 28.93
N VAL B 328 -16.34 -11.08 28.74
CA VAL B 328 -16.89 -9.97 27.99
C VAL B 328 -16.63 -8.69 28.75
N SER B 329 -16.62 -8.77 30.07
CA SER B 329 -16.30 -7.59 30.86
C SER B 329 -14.80 -7.42 30.93
N PRO B 330 -14.34 -6.17 30.87
CA PRO B 330 -12.95 -5.86 31.21
C PRO B 330 -12.70 -6.30 32.64
N PHE B 331 -13.77 -6.24 33.44
CA PHE B 331 -13.68 -6.58 34.85
C PHE B 331 -13.36 -8.06 34.95
N LYS B 332 -12.73 -8.47 36.04
CA LYS B 332 -12.36 -9.88 36.16
C LYS B 332 -12.39 -10.39 37.60
N LEU B 333 -12.66 -11.69 37.74
CA LEU B 333 -12.77 -12.33 39.05
C LEU B 333 -11.42 -12.35 39.75
N ARG B 334 -11.42 -12.37 41.09
CA ARG B 334 -10.19 -12.15 41.83
C ARG B 334 -9.89 -13.25 42.86
N PRO B 335 -8.61 -13.69 42.92
CA PRO B 335 -8.07 -14.79 43.73
C PRO B 335 -8.16 -14.68 45.26
N ILE B 336 -7.07 -15.02 45.96
CA ILE B 336 -7.09 -15.07 47.42
C ILE B 336 -5.85 -14.41 48.07
N ASN B 337 -6.10 -13.28 48.74
CA ASN B 337 -5.30 -12.63 49.81
C ASN B 337 -5.24 -11.11 49.59
N GLU B 338 -4.68 -10.69 48.46
CA GLU B 338 -4.34 -9.30 48.22
C GLU B 338 -5.57 -8.40 48.15
N THR B 339 -6.70 -9.01 47.80
CA THR B 339 -7.93 -8.32 47.50
C THR B 339 -7.62 -7.28 46.42
N THR B 340 -7.44 -6.04 46.82
CA THR B 340 -7.02 -4.98 45.92
C THR B 340 -6.16 -4.00 46.70
N SER B 341 -5.38 -4.54 47.63
CA SER B 341 -4.65 -3.70 48.57
C SER B 341 -3.52 -2.90 47.94
N TYR B 342 -3.39 -1.64 48.37
CA TYR B 342 -2.24 -0.81 48.05
C TYR B 342 -2.24 0.51 48.79
N ILE B 343 -2.59 0.51 50.06
CA ILE B 343 -2.55 1.73 50.82
C ILE B 343 -1.90 1.47 52.16
N GLY B 344 -0.95 2.32 52.55
CA GLY B 344 -0.31 2.16 53.83
C GLY B 344 -1.13 2.83 54.91
N GLN B 345 -0.60 2.85 56.13
CA GLN B 345 -1.27 3.49 57.25
C GLN B 345 -0.28 4.14 58.21
N THR B 346 -0.70 5.27 58.79
CA THR B 346 -0.08 5.81 59.99
C THR B 346 -1.20 6.46 60.79
N SER B 347 -0.92 6.88 62.02
CA SER B 347 -1.93 7.53 62.84
C SER B 347 -1.31 8.45 63.89
N ALA B 348 -2.06 9.49 64.23
CA ALA B 348 -1.58 10.50 65.16
C ALA B 348 -1.37 9.93 66.55
N ILE B 349 -0.33 10.42 67.22
CA ILE B 349 -0.01 9.97 68.57
C ILE B 349 0.00 11.16 69.53
N ASP B 350 -0.61 10.97 70.69
CA ASP B 350 -0.55 11.94 71.78
C ASP B 350 0.02 11.27 73.01
N HIS B 351 0.74 10.17 72.76
CA HIS B 351 1.25 9.29 73.79
C HIS B 351 0.11 8.84 74.71
N MET B 352 -0.96 8.36 74.09
CA MET B 352 -2.10 7.80 74.82
C MET B 352 -2.58 6.43 74.33
N GLY B 353 -2.71 6.18 73.02
CA GLY B 353 -2.43 7.12 71.94
C GLY B 353 -3.38 6.98 70.78
N GLN B 354 -4.62 7.41 70.98
CA GLN B 354 -5.64 7.30 69.96
C GLN B 354 -5.32 8.19 68.79
N PRO B 355 -5.63 7.73 67.58
CA PRO B 355 -5.43 8.51 66.36
C PRO B 355 -6.25 9.78 66.33
N SER B 356 -5.72 10.82 65.72
CA SER B 356 -6.51 12.01 65.44
C SER B 356 -6.40 12.37 63.97
N HIS B 357 -5.66 11.56 63.22
CA HIS B 357 -5.46 11.81 61.81
C HIS B 357 -5.22 10.46 61.13
N VAL B 358 -6.26 9.94 60.47
CA VAL B 358 -6.30 8.54 60.08
C VAL B 358 -5.33 8.12 58.97
N VAL B 359 -4.94 9.07 58.14
CA VAL B 359 -3.87 8.89 57.16
C VAL B 359 -4.23 8.03 55.92
N VAL B 360 -5.37 7.35 55.93
CA VAL B 360 -5.67 6.44 54.81
C VAL B 360 -5.60 7.22 53.50
N TYR B 361 -4.99 6.64 52.48
CA TYR B 361 -4.54 7.45 51.36
C TYR B 361 -4.39 6.73 50.03
N GLU B 362 -3.57 7.33 49.18
CA GLU B 362 -3.43 6.94 47.78
C GLU B 362 -2.40 5.84 47.64
N ASP B 363 -1.92 5.67 46.40
CA ASP B 363 -0.61 5.09 46.08
C ASP B 363 -0.44 5.09 44.58
N TRP B 364 0.32 6.04 44.03
CA TRP B 364 0.20 6.23 42.60
C TRP B 364 1.22 7.22 42.02
N GLN B 365 2.10 6.73 41.14
CA GLN B 365 3.00 7.61 40.39
C GLN B 365 2.41 8.04 39.07
N PHE B 366 2.30 9.35 38.87
CA PHE B 366 1.67 9.87 37.67
C PHE B 366 2.63 9.86 36.49
N ALA B 367 2.07 10.09 35.30
CA ALA B 367 2.78 9.89 34.05
C ALA B 367 4.05 10.71 33.99
N LYS B 368 5.11 10.09 33.50
CA LYS B 368 6.39 10.77 33.41
C LYS B 368 6.49 11.57 32.11
N GLU B 369 5.76 11.15 31.09
CA GLU B 369 5.71 11.92 29.84
C GLU B 369 4.38 11.80 29.12
N ILE B 370 4.06 12.81 28.33
CA ILE B 370 2.81 12.86 27.59
C ILE B 370 3.17 13.43 26.23
N THR B 371 2.38 13.13 25.21
CA THR B 371 2.73 13.55 23.85
C THR B 371 1.54 14.12 23.07
N ALA B 372 1.80 15.20 22.35
CA ALA B 372 0.78 15.88 21.56
C ALA B 372 0.45 15.14 20.28
N PHE B 373 -0.77 15.31 19.81
CA PHE B 373 -1.21 14.69 18.57
C PHE B 373 -1.35 15.75 17.51
N THR B 374 -0.99 15.42 16.28
CA THR B 374 -1.32 16.32 15.18
C THR B 374 -2.50 15.73 14.40
N PRO B 375 -3.67 16.38 14.51
CA PRO B 375 -4.89 15.81 13.95
C PRO B 375 -4.92 15.91 12.43
N VAL B 376 -4.16 15.06 11.77
CA VAL B 376 -4.06 15.14 10.32
C VAL B 376 -5.24 14.42 9.70
N LYS B 377 -6.39 15.07 9.74
CA LYS B 377 -7.57 14.56 9.03
C LYS B 377 -7.31 14.64 7.54
N LEU B 378 -7.83 13.67 6.80
CA LEU B 378 -7.70 13.68 5.36
C LEU B 378 -8.62 12.67 4.70
N ALA B 379 -8.63 11.45 5.23
CA ALA B 379 -9.50 10.42 4.70
C ALA B 379 -10.93 10.70 5.12
N ASN B 380 -11.90 10.30 4.29
CA ASN B 380 -13.32 10.44 4.58
C ASN B 380 -13.79 11.88 4.74
N ASN B 381 -12.90 12.75 5.20
CA ASN B 381 -13.20 14.14 5.47
C ASN B 381 -14.32 14.25 6.49
N SER B 382 -14.24 13.43 7.54
CA SER B 382 -15.16 13.54 8.68
C SER B 382 -14.45 13.19 9.98
N ASN B 383 -14.94 12.18 10.70
CA ASN B 383 -14.29 11.76 11.94
C ASN B 383 -12.92 11.15 11.71
N GLN B 384 -12.73 10.56 10.54
CA GLN B 384 -11.50 9.88 10.19
C GLN B 384 -10.32 10.85 10.29
N ARG B 385 -9.28 10.50 11.03
CA ARG B 385 -8.16 11.41 11.29
C ARG B 385 -6.92 10.64 11.66
N PHE B 386 -5.75 11.22 11.42
CA PHE B 386 -4.51 10.61 11.92
C PHE B 386 -3.89 11.57 12.92
N LEU B 387 -3.18 11.02 13.91
CA LEU B 387 -2.65 11.84 14.99
C LEU B 387 -1.15 12.14 14.91
N ASP B 388 -0.39 11.26 14.25
CA ASP B 388 1.07 11.32 14.17
C ASP B 388 1.78 11.93 15.37
N VAL B 389 2.13 11.08 16.33
CA VAL B 389 2.93 11.55 17.46
C VAL B 389 4.28 12.03 16.99
N GLU B 390 4.68 13.20 17.47
CA GLU B 390 6.01 13.72 17.29
C GLU B 390 6.38 14.53 18.51
N PRO B 391 7.69 14.63 18.81
CA PRO B 391 8.10 15.47 19.93
C PRO B 391 7.74 16.92 19.69
N GLY B 392 7.38 17.64 20.74
CA GLY B 392 7.08 19.05 20.63
C GLY B 392 7.14 19.69 21.98
N ILE B 393 5.97 20.05 22.52
CA ILE B 393 5.86 20.51 23.88
C ILE B 393 6.29 19.33 24.74
N SER B 394 6.04 18.15 24.17
CA SER B 394 6.22 16.86 24.80
C SER B 394 7.44 16.75 25.68
N ASP B 395 8.57 16.50 25.03
CA ASP B 395 9.76 16.04 25.70
C ASP B 395 10.19 17.00 26.79
N ARG B 396 10.29 18.27 26.43
CA ARG B 396 10.82 19.26 27.35
C ARG B 396 9.87 19.48 28.52
N MET B 397 8.56 19.55 28.25
CA MET B 397 7.65 19.83 29.35
C MET B 397 7.71 18.63 30.27
N SER B 398 7.95 17.46 29.68
CA SER B 398 7.92 16.23 30.45
C SER B 398 9.08 16.23 31.41
N ALA B 399 10.24 16.61 30.89
CA ALA B 399 11.43 16.63 31.71
C ALA B 399 11.22 17.64 32.83
N THR B 400 10.48 18.70 32.53
CA THR B 400 10.15 19.66 33.58
C THR B 400 9.16 19.07 34.59
N LEU B 401 8.35 18.12 34.16
CA LEU B 401 7.42 17.48 35.07
C LEU B 401 8.09 16.45 35.93
N ALA B 402 9.29 16.03 35.52
CA ALA B 402 10.03 15.06 36.31
C ALA B 402 10.26 15.54 37.75
N PRO B 403 10.71 16.80 37.94
CA PRO B 403 10.76 17.25 39.33
C PRO B 403 9.41 17.23 40.00
N ILE B 404 8.36 17.52 39.25
CA ILE B 404 7.00 17.43 39.77
C ILE B 404 6.69 15.96 40.00
N GLY B 405 7.41 15.10 39.29
CA GLY B 405 7.26 13.67 39.45
C GLY B 405 7.99 13.19 40.68
N ASN B 406 8.56 14.12 41.41
CA ASN B 406 9.22 13.84 42.67
C ASN B 406 8.49 14.56 43.80
N THR B 407 8.32 15.85 43.63
CA THR B 407 7.82 16.71 44.68
C THR B 407 6.32 16.68 44.83
N PHE B 408 5.64 16.00 43.93
CA PHE B 408 4.21 15.82 44.13
C PHE B 408 3.88 14.34 44.18
N ALA B 409 4.81 13.56 44.70
CA ALA B 409 4.54 12.18 45.04
C ALA B 409 3.53 12.14 46.18
N VAL B 410 2.59 11.21 46.11
CA VAL B 410 1.55 11.11 47.12
C VAL B 410 2.14 10.82 48.47
N SER B 411 3.24 10.07 48.49
CA SER B 411 3.83 9.66 49.76
C SER B 411 4.29 10.89 50.49
N ALA B 412 4.93 11.79 49.75
CA ALA B 412 5.35 13.06 50.32
C ALA B 412 4.15 13.89 50.72
N PHE B 413 3.07 13.79 49.95
CA PHE B 413 1.92 14.58 50.28
C PHE B 413 1.34 14.18 51.60
N VAL B 414 1.03 12.90 51.77
CA VAL B 414 0.44 12.44 53.00
C VAL B 414 1.42 12.63 54.15
N LYS B 415 2.71 12.49 53.87
CA LYS B 415 3.71 12.63 54.92
C LYS B 415 3.69 14.05 55.47
N ASN B 416 3.59 15.03 54.59
CA ASN B 416 3.42 16.40 55.04
C ASN B 416 2.04 16.58 55.66
N ARG B 417 1.06 15.88 55.11
CA ARG B 417 -0.30 15.96 55.59
C ARG B 417 -0.36 15.36 56.99
N THR B 418 0.48 14.36 57.22
CA THR B 418 0.60 13.77 58.55
C THR B 418 1.28 14.72 59.51
N ALA B 419 2.06 15.65 58.94
CA ALA B 419 2.82 16.59 59.74
C ALA B 419 1.93 17.68 60.29
N VAL B 420 0.68 17.72 59.83
CA VAL B 420 -0.31 18.60 60.42
C VAL B 420 -0.39 18.21 61.88
N TYR B 421 -0.24 16.91 62.09
CA TYR B 421 0.13 16.31 63.37
C TYR B 421 -0.34 17.07 64.61
N GLU B 422 0.56 17.85 65.20
CA GLU B 422 0.23 18.62 66.39
C GLU B 422 -0.79 19.72 66.09
N ALA B 423 -1.78 19.84 66.95
CA ALA B 423 -2.84 20.83 66.78
C ALA B 423 -3.54 21.03 68.12
N VAL B 424 -4.41 22.05 68.18
CA VAL B 424 -5.14 22.46 69.39
C VAL B 424 -4.36 22.23 70.68
N SER B 425 -3.57 23.23 71.04
CA SER B 425 -2.71 23.18 72.21
C SER B 425 -1.71 22.03 72.15
N GLN B 426 -1.57 21.32 73.26
CA GLN B 426 -0.48 20.39 73.44
C GLN B 426 -0.84 19.46 74.60
N ARG B 427 -0.53 18.17 74.52
CA ARG B 427 0.21 17.57 73.42
C ARG B 427 -0.60 16.62 72.52
N GLY B 428 -1.33 15.64 73.06
CA GLY B 428 -1.52 15.39 74.48
C GLY B 428 -2.81 15.99 75.03
N THR B 429 -3.51 16.71 74.17
CA THR B 429 -4.86 17.18 74.47
C THR B 429 -5.61 17.45 73.18
N VAL B 430 -5.03 16.99 72.08
CA VAL B 430 -5.57 17.24 70.75
C VAL B 430 -6.96 16.64 70.65
N ASN B 431 -7.17 15.58 71.42
CA ASN B 431 -8.43 14.87 71.46
C ASN B 431 -9.60 15.75 71.90
N SER B 432 -10.72 15.59 71.19
CA SER B 432 -11.99 16.24 71.52
C SER B 432 -13.08 15.71 70.61
N ASN B 433 -13.83 14.73 71.12
CA ASN B 433 -14.85 14.04 70.34
C ASN B 433 -14.29 13.52 69.02
N GLY B 434 -14.65 14.20 67.92
CA GLY B 434 -14.27 13.74 66.61
C GLY B 434 -12.80 13.97 66.29
N ALA B 435 -12.33 13.32 65.23
CA ALA B 435 -10.97 13.48 64.76
C ALA B 435 -10.97 13.34 63.24
N GLU B 436 -10.05 14.03 62.57
CA GLU B 436 -10.09 14.07 61.12
C GLU B 436 -9.87 12.69 60.48
N MET B 437 -10.61 12.43 59.41
CA MET B 437 -10.62 11.13 58.74
C MET B 437 -10.15 11.30 57.30
N THR B 438 -8.91 11.74 57.13
CA THR B 438 -8.39 12.05 55.81
C THR B 438 -8.34 10.86 54.88
N LEU B 439 -8.78 11.03 53.63
CA LEU B 439 -8.77 9.96 52.66
C LEU B 439 -8.95 10.42 51.21
N GLY B 440 -8.74 9.50 50.29
CA GLY B 440 -8.95 9.73 48.87
C GLY B 440 -8.38 8.61 48.03
N PHE B 441 -8.88 8.45 46.81
CA PHE B 441 -8.39 7.40 45.92
C PHE B 441 -7.96 7.93 44.57
N PRO B 442 -6.93 7.30 43.98
CA PRO B 442 -6.50 7.63 42.63
C PRO B 442 -7.62 7.42 41.63
N SER B 443 -8.45 6.41 41.88
CA SER B 443 -9.36 5.89 40.87
C SER B 443 -10.58 6.76 40.60
N VAL B 444 -11.24 7.18 41.66
CA VAL B 444 -12.52 7.84 41.52
C VAL B 444 -12.34 9.14 40.77
N VAL B 445 -11.20 9.77 41.00
CA VAL B 445 -10.91 11.03 40.34
C VAL B 445 -10.41 10.77 38.95
N GLU B 446 -9.57 9.75 38.79
CA GLU B 446 -8.95 9.52 37.49
C GLU B 446 -10.03 9.20 36.49
N ARG B 447 -11.13 8.62 36.96
CA ARG B 447 -12.18 8.26 36.03
C ARG B 447 -13.25 9.33 35.93
N ASP B 448 -13.85 9.72 37.05
CA ASP B 448 -14.96 10.66 36.96
C ASP B 448 -14.50 11.99 36.38
N TYR B 449 -13.28 12.39 36.70
CA TYR B 449 -12.72 13.58 36.10
C TYR B 449 -12.36 13.35 34.64
N ALA B 450 -12.08 12.11 34.25
CA ALA B 450 -11.78 11.80 32.87
C ALA B 450 -13.01 12.05 32.02
N LEU B 451 -14.16 11.98 32.66
CA LEU B 451 -15.43 12.18 32.00
C LEU B 451 -15.73 13.68 31.89
N ASP B 452 -14.86 14.48 32.50
CA ASP B 452 -14.93 15.94 32.44
C ASP B 452 -16.16 16.46 33.15
N ARG B 453 -16.18 16.36 34.47
CA ARG B 453 -17.38 16.70 35.22
C ARG B 453 -17.06 17.46 36.52
N ASP B 454 -15.77 17.50 36.86
CA ASP B 454 -15.32 17.96 38.18
C ASP B 454 -15.92 17.14 39.29
N PRO B 455 -15.14 16.18 39.81
CA PRO B 455 -15.58 15.21 40.80
C PRO B 455 -16.11 15.87 42.07
N MET B 456 -15.54 17.01 42.42
CA MET B 456 -15.77 17.59 43.73
C MET B 456 -17.23 17.90 43.98
N VAL B 457 -18.00 18.14 42.94
CA VAL B 457 -19.41 18.41 43.13
C VAL B 457 -20.07 17.15 43.65
N ALA B 458 -19.69 16.01 43.07
CA ALA B 458 -20.21 14.73 43.53
C ALA B 458 -19.68 14.45 44.92
N ILE B 459 -18.47 14.92 45.19
CA ILE B 459 -17.85 14.67 46.47
C ILE B 459 -18.68 15.36 47.52
N ALA B 460 -19.04 16.60 47.24
CA ALA B 460 -19.85 17.40 48.14
C ALA B 460 -21.23 16.81 48.28
N ALA B 461 -21.73 16.22 47.20
CA ALA B 461 -23.03 15.56 47.25
C ALA B 461 -22.95 14.41 48.23
N LEU B 462 -21.78 13.79 48.30
CA LEU B 462 -21.55 12.75 49.28
C LEU B 462 -21.40 13.33 50.68
N ARG B 463 -20.75 14.48 50.76
CA ARG B 463 -20.45 15.09 52.04
C ARG B 463 -21.73 15.49 52.73
N THR B 464 -22.69 15.93 51.94
CA THR B 464 -24.01 16.24 52.42
C THR B 464 -24.84 14.97 52.43
N GLY B 465 -24.28 13.93 51.84
CA GLY B 465 -25.00 12.68 51.68
C GLY B 465 -26.07 12.78 50.62
N ILE B 466 -27.06 13.62 50.87
CA ILE B 466 -28.21 13.74 49.99
C ILE B 466 -27.80 14.24 48.60
N VAL B 467 -28.34 13.59 47.57
CA VAL B 467 -28.05 13.96 46.19
C VAL B 467 -28.65 15.31 45.83
N ASP B 468 -27.94 16.09 45.02
CA ASP B 468 -28.47 17.33 44.49
C ASP B 468 -29.63 17.02 43.53
N GLU B 469 -29.47 15.94 42.79
CA GLU B 469 -30.54 15.35 41.98
C GLU B 469 -31.14 16.36 40.99
N SER B 470 -30.37 17.38 40.62
CA SER B 470 -30.79 18.36 39.63
C SER B 470 -30.09 18.11 38.31
N LEU B 471 -29.23 17.10 38.30
CA LEU B 471 -28.35 16.82 37.19
C LEU B 471 -29.04 16.23 35.97
N GLU B 472 -28.40 16.42 34.83
CA GLU B 472 -28.79 15.76 33.59
C GLU B 472 -28.63 14.25 33.77
N ALA B 473 -29.41 13.48 33.03
CA ALA B 473 -29.39 12.04 33.17
C ALA B 473 -27.98 11.50 32.93
N ARG B 474 -27.22 12.19 32.10
CA ARG B 474 -25.81 11.89 31.94
C ARG B 474 -25.06 12.15 33.24
N ALA B 475 -25.25 13.35 33.78
CA ALA B 475 -24.65 13.71 35.05
C ALA B 475 -25.31 12.91 36.18
N SER B 476 -26.55 12.51 35.98
CA SER B 476 -27.19 11.66 36.96
C SER B 476 -26.37 10.39 37.03
N ASN B 477 -25.97 9.93 35.85
CA ASN B 477 -25.15 8.75 35.73
C ASN B 477 -23.81 8.90 36.43
N ASP B 478 -23.13 10.00 36.14
CA ASP B 478 -21.78 10.15 36.67
C ASP B 478 -21.84 10.23 38.18
N LEU B 479 -22.92 10.83 38.67
CA LEU B 479 -23.13 10.92 40.10
C LEU B 479 -23.33 9.54 40.69
N LYS B 480 -24.16 8.73 40.06
CA LYS B 480 -24.43 7.41 40.61
C LYS B 480 -23.15 6.62 40.68
N ARG B 481 -22.44 6.58 39.57
CA ARG B 481 -21.27 5.74 39.49
C ARG B 481 -20.22 6.24 40.45
N SER B 482 -20.19 7.56 40.63
CA SER B 482 -19.29 8.16 41.58
C SER B 482 -19.60 7.58 42.95
N MET B 483 -20.89 7.58 43.29
CA MET B 483 -21.27 7.08 44.59
C MET B 483 -20.79 5.67 44.78
N PHE B 484 -21.30 4.74 43.97
CA PHE B 484 -21.08 3.35 44.37
C PHE B 484 -19.60 3.00 44.20
N ASN B 485 -18.86 3.74 43.38
CA ASN B 485 -17.45 3.41 43.28
C ASN B 485 -16.69 3.88 44.52
N TYR B 486 -16.98 5.11 44.99
CA TYR B 486 -16.42 5.55 46.27
C TYR B 486 -16.68 4.50 47.30
N TYR B 487 -17.98 4.32 47.51
CA TYR B 487 -18.49 3.54 48.60
C TYR B 487 -17.89 2.16 48.56
N ALA B 488 -18.08 1.46 47.45
CA ALA B 488 -17.63 0.09 47.36
C ALA B 488 -16.12 -0.02 47.50
N ALA B 489 -15.40 0.96 46.96
CA ALA B 489 -13.96 0.91 47.07
C ALA B 489 -13.59 0.88 48.54
N VAL B 490 -14.20 1.79 49.29
CA VAL B 490 -13.92 1.88 50.71
C VAL B 490 -14.32 0.60 51.39
N MET B 491 -15.43 0.03 50.93
CA MET B 491 -15.95 -1.16 51.55
C MET B 491 -14.93 -2.26 51.44
N HIS B 492 -14.76 -2.77 50.23
CA HIS B 492 -13.95 -3.96 50.06
C HIS B 492 -12.48 -3.72 50.37
N TYR B 493 -12.03 -2.48 50.40
CA TYR B 493 -10.68 -2.28 50.93
C TYR B 493 -10.67 -2.50 52.45
N ALA B 494 -11.69 -1.97 53.11
CA ALA B 494 -11.79 -2.12 54.55
C ALA B 494 -11.92 -3.59 54.88
N VAL B 495 -12.62 -4.28 54.00
CA VAL B 495 -12.77 -5.71 54.05
C VAL B 495 -11.42 -6.35 53.83
N ALA B 496 -10.61 -5.73 53.00
CA ALA B 496 -9.30 -6.28 52.67
C ALA B 496 -8.46 -6.28 53.92
N HIS B 497 -8.75 -5.37 54.84
CA HIS B 497 -8.13 -5.48 56.16
C HIS B 497 -8.82 -6.52 57.05
N ASN B 498 -9.97 -6.19 57.61
CA ASN B 498 -10.61 -7.09 58.56
C ASN B 498 -11.10 -8.38 57.89
N PRO B 499 -10.62 -9.53 58.40
CA PRO B 499 -10.96 -10.88 57.96
C PRO B 499 -12.44 -11.27 58.02
N GLU B 500 -13.19 -10.74 58.98
CA GLU B 500 -14.52 -11.31 59.23
C GLU B 500 -15.66 -10.31 59.17
N VAL B 501 -16.80 -10.77 58.65
CA VAL B 501 -17.98 -9.94 58.43
C VAL B 501 -19.22 -10.79 58.66
N VAL B 502 -20.32 -10.17 59.07
CA VAL B 502 -21.58 -10.87 59.27
C VAL B 502 -22.76 -10.04 58.78
N VAL B 503 -23.78 -10.73 58.24
CA VAL B 503 -24.93 -10.08 57.62
C VAL B 503 -25.87 -9.45 58.65
N SER B 504 -26.48 -8.32 58.32
CA SER B 504 -27.27 -7.59 59.30
C SER B 504 -28.43 -6.78 58.72
N GLU B 505 -29.64 -7.33 58.79
CA GLU B 505 -30.86 -6.54 58.73
C GLU B 505 -30.97 -5.93 60.11
N HIS B 506 -31.61 -4.77 60.36
CA HIS B 506 -32.34 -3.83 59.47
C HIS B 506 -33.50 -4.42 58.68
N GLN B 507 -34.75 -4.38 59.16
CA GLN B 507 -35.31 -3.64 60.32
C GLN B 507 -35.27 -2.12 60.10
N GLY B 508 -36.18 -1.42 60.78
CA GLY B 508 -36.56 -0.06 60.44
C GLY B 508 -37.84 -0.18 59.64
N VAL B 509 -37.91 0.48 58.49
CA VAL B 509 -38.72 -0.07 57.43
C VAL B 509 -37.97 -1.34 57.09
N ALA B 510 -38.67 -2.46 56.92
CA ALA B 510 -37.95 -3.74 56.87
C ALA B 510 -37.16 -3.94 55.57
N ALA B 511 -37.71 -3.71 54.38
CA ALA B 511 -39.13 -3.49 54.08
C ALA B 511 -39.81 -4.84 54.03
N GLU B 512 -38.99 -5.89 54.05
CA GLU B 512 -39.47 -7.25 54.27
C GLU B 512 -38.30 -8.03 54.85
N GLN B 513 -37.44 -7.30 55.57
CA GLN B 513 -36.21 -7.80 56.20
C GLN B 513 -35.14 -8.23 55.21
N GLY B 514 -35.44 -8.14 53.92
CA GLY B 514 -34.46 -8.47 52.89
C GLY B 514 -33.38 -7.41 52.82
N SER B 515 -33.73 -6.18 53.18
CA SER B 515 -32.75 -5.11 53.24
C SER B 515 -31.74 -5.46 54.31
N LEU B 516 -30.46 -5.22 54.04
CA LEU B 516 -29.44 -5.62 54.99
C LEU B 516 -28.09 -4.95 54.78
N TYR B 517 -27.29 -4.95 55.85
CA TYR B 517 -25.97 -4.34 55.85
C TYR B 517 -24.99 -5.28 56.55
N LEU B 518 -23.85 -4.75 56.98
CA LEU B 518 -22.82 -5.59 57.58
C LEU B 518 -22.28 -5.00 58.87
N VAL B 519 -21.83 -5.85 59.78
CA VAL B 519 -21.15 -5.37 60.99
C VAL B 519 -19.86 -6.16 61.20
N TRP B 520 -18.82 -5.49 61.70
CA TRP B 520 -17.47 -6.05 61.70
C TRP B 520 -16.91 -6.07 63.11
N ASN B 521 -15.67 -6.56 63.25
CA ASN B 521 -15.06 -6.65 64.58
C ASN B 521 -13.54 -6.75 64.54
N VAL B 522 -12.87 -6.04 65.46
CA VAL B 522 -11.43 -6.13 65.71
C VAL B 522 -11.28 -5.83 67.20
N ARG B 523 -10.14 -6.20 67.80
CA ARG B 523 -9.97 -6.16 69.24
C ARG B 523 -8.81 -5.29 69.71
N THR B 524 -7.79 -5.16 68.86
CA THR B 524 -6.51 -4.61 69.27
C THR B 524 -6.55 -3.17 69.75
N GLU B 525 -7.57 -2.44 69.32
CA GLU B 525 -7.70 -1.03 69.66
C GLU B 525 -7.78 -0.78 71.16
N LEU B 526 -7.14 0.29 71.60
CA LEU B 526 -7.00 0.61 73.01
C LEU B 526 -8.32 1.10 73.60
N ARG B 527 -8.49 0.91 74.91
CA ARG B 527 -9.72 1.25 75.60
C ARG B 527 -10.04 2.75 75.58
N ILE B 528 -10.46 3.24 74.41
CA ILE B 528 -10.83 4.64 74.26
C ILE B 528 -12.13 4.70 73.47
N PRO B 529 -12.98 5.70 73.76
CA PRO B 529 -14.12 5.94 72.88
C PRO B 529 -13.70 6.30 71.46
N VAL B 530 -14.45 5.81 70.47
CA VAL B 530 -14.13 5.93 69.05
C VAL B 530 -15.33 5.53 68.19
N GLY B 531 -15.96 6.50 67.55
CA GLY B 531 -17.22 6.25 66.86
C GLY B 531 -18.31 6.14 67.90
N TYR B 532 -19.43 5.52 67.56
CA TYR B 532 -20.48 5.34 68.55
C TYR B 532 -20.02 4.32 69.61
N ASN B 533 -19.33 3.27 69.16
CA ASN B 533 -18.83 2.22 70.03
C ASN B 533 -17.56 2.66 70.75
N ALA B 534 -17.26 2.06 71.90
CA ALA B 534 -16.18 2.62 72.72
C ALA B 534 -15.45 1.72 73.73
N ILE B 535 -14.73 0.67 73.31
CA ILE B 535 -14.90 0.04 72.01
C ILE B 535 -16.05 -0.94 72.17
N GLU B 536 -16.43 -1.12 73.43
CA GLU B 536 -17.55 -1.95 73.84
C GLU B 536 -17.25 -3.44 73.67
N GLY B 537 -17.00 -4.10 74.80
CA GLY B 537 -16.77 -5.53 74.83
C GLY B 537 -15.35 -6.00 74.50
N GLY B 538 -14.42 -5.06 74.35
CA GLY B 538 -13.06 -5.43 74.01
C GLY B 538 -12.97 -5.75 72.53
N SER B 539 -14.03 -5.39 71.82
CA SER B 539 -14.17 -5.71 70.41
C SER B 539 -14.99 -4.62 69.74
N ILE B 540 -14.92 -4.53 68.41
CA ILE B 540 -15.57 -3.43 67.73
C ILE B 540 -17.09 -3.54 67.71
N ARG B 541 -17.59 -4.46 66.90
CA ARG B 541 -19.01 -4.52 66.55
C ARG B 541 -19.51 -3.19 66.00
N THR B 542 -19.15 -2.88 64.77
CA THR B 542 -19.74 -1.72 64.11
C THR B 542 -20.28 -2.06 62.73
N PRO B 543 -21.43 -1.47 62.39
CA PRO B 543 -21.97 -1.47 61.03
C PRO B 543 -21.05 -0.81 60.03
N GLU B 544 -20.34 0.20 60.50
CA GLU B 544 -19.73 1.17 59.61
C GLU B 544 -18.24 0.92 59.40
N PRO B 545 -17.87 0.69 58.14
CA PRO B 545 -16.53 0.26 57.73
C PRO B 545 -15.42 1.22 58.15
N LEU B 546 -15.73 2.50 58.17
CA LEU B 546 -14.73 3.52 58.49
C LEU B 546 -14.25 3.32 59.90
N GLU B 547 -15.14 2.79 60.73
CA GLU B 547 -14.84 2.56 62.11
C GLU B 547 -13.74 1.52 62.22
N ALA B 548 -13.89 0.45 61.46
CA ALA B 548 -12.88 -0.60 61.41
C ALA B 548 -11.61 -0.06 60.80
N ILE B 549 -11.78 0.90 59.88
CA ILE B 549 -10.65 1.53 59.24
C ILE B 549 -9.76 2.25 60.23
N ALA B 550 -10.38 3.02 61.11
CA ALA B 550 -9.60 3.87 62.00
C ALA B 550 -8.72 3.09 62.95
N TYR B 551 -9.18 1.91 63.36
CA TYR B 551 -8.47 1.19 64.43
C TYR B 551 -7.25 0.48 63.89
N ASN B 552 -7.19 0.32 62.58
CA ASN B 552 -6.17 -0.53 61.98
C ASN B 552 -4.79 0.05 62.23
N LYS B 553 -3.84 -0.83 62.49
CA LYS B 553 -2.46 -0.43 62.70
C LYS B 553 -1.78 0.01 61.42
N PRO B 554 -0.76 0.87 61.54
CA PRO B 554 -0.05 1.41 60.38
C PRO B 554 0.59 0.35 59.49
N ILE B 555 0.53 0.54 58.18
CA ILE B 555 1.06 -0.44 57.22
C ILE B 555 1.71 0.22 56.02
N GLN B 556 1.93 -0.56 54.97
CA GLN B 556 2.51 -0.06 53.73
C GLN B 556 1.73 -0.49 52.49
N PRO B 557 1.73 0.36 51.45
CA PRO B 557 1.20 0.11 50.10
C PRO B 557 1.91 -0.99 49.34
N SER B 558 1.20 -1.71 48.47
CA SER B 558 1.78 -2.86 47.78
C SER B 558 1.89 -2.72 46.26
N GLU B 559 0.87 -2.15 45.62
CA GLU B 559 0.75 -2.22 44.16
C GLU B 559 1.76 -1.37 43.39
N VAL B 560 2.00 -1.77 42.14
CA VAL B 560 2.98 -1.15 41.25
C VAL B 560 2.63 0.29 40.96
N LEU B 561 1.38 0.66 41.17
CA LEU B 561 0.95 2.06 41.30
C LEU B 561 1.31 2.96 40.11
N GLN B 562 1.99 2.41 39.11
CA GLN B 562 2.42 3.20 37.96
C GLN B 562 1.28 3.49 37.00
N ALA B 563 1.40 4.62 36.29
CA ALA B 563 0.38 5.04 35.33
C ALA B 563 0.48 4.26 34.01
N LYS B 564 1.54 3.47 33.86
CA LYS B 564 1.75 2.62 32.70
C LYS B 564 1.98 3.39 31.39
N VAL B 565 1.12 4.38 31.13
CA VAL B 565 1.18 5.33 30.02
C VAL B 565 1.24 4.72 28.61
N LEU B 566 0.35 5.20 27.75
CA LEU B 566 0.19 4.69 26.40
C LEU B 566 1.29 5.12 25.45
N ASP B 567 1.48 4.31 24.42
CA ASP B 567 2.30 4.70 23.28
C ASP B 567 1.63 4.13 22.04
N LEU B 568 1.99 4.67 20.87
CA LEU B 568 1.16 4.47 19.70
C LEU B 568 1.78 4.75 18.34
N ALA B 569 3.07 5.08 18.29
CA ALA B 569 3.69 5.50 17.04
C ALA B 569 3.60 4.40 15.99
N ASN B 570 3.69 3.17 16.45
CA ASN B 570 3.43 2.01 15.63
C ASN B 570 2.01 2.08 15.08
N HIS B 571 1.07 2.05 16.01
CA HIS B 571 -0.33 2.03 15.66
C HIS B 571 -0.62 3.30 14.90
N THR B 572 0.15 4.34 15.16
CA THR B 572 -0.01 5.60 14.45
C THR B 572 0.34 5.49 12.98
N THR B 573 1.43 4.81 12.63
CA THR B 573 1.69 4.64 11.21
C THR B 573 0.59 3.75 10.65
N SER B 574 -0.03 2.98 11.55
CA SER B 574 -1.18 2.18 11.12
C SER B 574 -2.50 2.96 10.98
N ILE B 575 -2.80 3.88 11.91
CA ILE B 575 -4.15 4.47 11.98
C ILE B 575 -4.48 5.16 10.66
N HIS B 576 -5.74 5.18 10.20
CA HIS B 576 -7.04 4.86 10.82
C HIS B 576 -7.53 5.80 11.94
N ILE B 577 -8.73 5.51 12.47
CA ILE B 577 -9.43 6.42 13.38
C ILE B 577 -10.32 5.63 14.34
N TRP B 578 -10.77 6.31 15.40
CA TRP B 578 -11.54 5.70 16.46
C TRP B 578 -12.14 6.85 17.25
N PRO B 579 -13.08 6.58 18.16
CA PRO B 579 -13.54 7.71 18.97
C PRO B 579 -12.42 8.25 19.85
N TRP B 580 -11.76 9.31 19.39
CA TRP B 580 -10.58 9.81 20.08
C TRP B 580 -10.87 11.12 20.79
N HIS B 581 -11.76 11.92 20.23
CA HIS B 581 -11.80 13.33 20.60
C HIS B 581 -12.19 13.50 22.06
N GLU B 582 -11.59 14.51 22.65
CA GLU B 582 -11.26 14.65 24.06
C GLU B 582 -9.77 14.68 24.05
N ALA B 583 -9.24 15.87 24.18
CA ALA B 583 -7.80 16.12 24.17
C ALA B 583 -7.54 17.62 24.36
N SER B 584 -8.17 18.52 23.60
CA SER B 584 -9.12 18.24 22.52
C SER B 584 -8.57 18.53 21.13
N THR B 585 -8.22 19.78 20.84
CA THR B 585 -7.82 20.15 19.48
C THR B 585 -6.60 21.08 19.38
N GLU B 586 -6.54 22.14 20.16
CA GLU B 586 -5.44 23.11 20.09
C GLU B 586 -4.67 23.14 21.41
N PHE B 587 -3.41 22.75 21.36
CA PHE B 587 -2.75 22.14 22.51
C PHE B 587 -2.71 23.01 23.75
N ALA B 588 -2.70 24.33 23.61
CA ALA B 588 -2.67 25.17 24.79
C ALA B 588 -3.15 26.60 24.56
N TYR B 589 -3.00 27.41 25.60
CA TYR B 589 -3.59 28.73 25.67
C TYR B 589 -2.76 29.63 26.58
N GLU B 590 -2.75 30.91 26.26
CA GLU B 590 -1.97 31.90 27.01
C GLU B 590 -2.58 32.27 28.35
N ASP B 591 -1.72 32.62 29.31
CA ASP B 591 -2.16 33.24 30.55
C ASP B 591 -1.40 34.54 30.72
N ALA B 592 -2.08 35.56 31.25
CA ALA B 592 -1.51 36.91 31.27
C ALA B 592 -0.98 37.30 32.65
N TYR B 593 0.33 37.45 32.76
CA TYR B 593 0.94 37.93 33.99
C TYR B 593 0.77 39.44 34.13
N SER B 594 0.74 39.91 35.37
CA SER B 594 0.67 41.34 35.63
C SER B 594 1.30 41.66 36.98
N VAL B 595 1.77 42.90 37.13
CA VAL B 595 2.40 43.35 38.36
C VAL B 595 2.46 44.87 38.37
N THR B 596 2.58 45.48 39.55
CA THR B 596 2.76 46.92 39.66
C THR B 596 3.96 47.28 40.53
N ILE B 597 4.76 48.22 40.04
CA ILE B 597 5.81 48.80 40.87
C ILE B 597 5.92 50.25 40.45
N ARG B 598 6.36 51.10 41.38
CA ARG B 598 6.38 52.53 41.17
C ARG B 598 4.98 53.00 40.76
N ASN B 599 3.98 52.29 41.29
CA ASN B 599 2.57 52.56 41.03
C ASN B 599 2.22 52.59 39.54
N LYS B 600 2.68 51.59 38.78
CA LYS B 600 2.38 51.52 37.37
C LYS B 600 2.02 50.13 36.87
N ARG B 601 0.95 50.04 36.09
CA ARG B 601 0.53 48.78 35.49
C ARG B 601 1.50 48.37 34.40
N TYR B 602 1.71 47.06 34.28
CA TYR B 602 2.70 46.54 33.35
C TYR B 602 2.10 45.48 32.44
N THR B 603 1.49 44.46 33.05
CA THR B 603 0.81 43.38 32.33
C THR B 603 1.75 42.67 31.35
N ALA B 604 2.38 41.60 31.82
CA ALA B 604 3.40 40.92 31.03
C ALA B 604 2.84 40.26 29.77
N GLU B 605 1.61 39.75 29.84
CA GLU B 605 0.92 39.14 28.70
C GLU B 605 1.77 38.14 27.91
N VAL B 606 1.69 36.86 28.24
CA VAL B 606 2.50 35.86 27.56
C VAL B 606 1.68 34.73 27.00
N LYS B 607 2.10 34.25 25.84
CA LYS B 607 1.53 33.09 25.19
C LYS B 607 2.68 32.05 25.17
N GLU B 608 2.55 30.80 24.74
CA GLU B 608 1.60 30.15 23.81
C GLU B 608 1.54 30.77 22.39
N PHE B 609 2.62 30.77 21.59
CA PHE B 609 3.98 30.23 21.80
C PHE B 609 4.15 28.76 22.18
N GLU B 610 5.29 28.22 21.77
CA GLU B 610 5.85 27.04 22.40
C GLU B 610 6.33 27.49 23.77
N LEU B 611 6.59 28.78 23.86
CA LEU B 611 7.18 29.42 25.02
C LEU B 611 8.60 28.90 25.27
N LEU B 612 8.81 27.63 25.01
CA LEU B 612 10.07 26.96 25.29
C LEU B 612 11.24 27.54 24.49
N GLY B 613 10.95 28.09 23.32
CA GLY B 613 11.97 28.74 22.53
C GLY B 613 12.14 28.27 21.10
N LEU B 614 11.03 28.03 20.41
CA LEU B 614 11.04 27.74 18.98
C LEU B 614 9.64 27.85 18.40
N GLY B 615 9.41 28.89 17.61
CA GLY B 615 8.10 29.14 17.05
C GLY B 615 7.72 28.39 15.78
N GLN B 616 6.45 28.52 15.38
CA GLN B 616 5.50 29.31 16.14
C GLN B 616 4.06 28.81 16.05
N ARG B 617 3.49 28.52 17.23
CA ARG B 617 2.04 28.33 17.50
C ARG B 617 1.35 26.95 17.63
N ARG B 618 1.94 25.79 17.33
CA ARG B 618 3.21 25.63 16.64
C ARG B 618 3.16 25.73 15.11
N GLU B 619 2.07 25.37 14.41
CA GLU B 619 0.82 24.76 14.85
C GLU B 619 0.45 23.72 13.77
N ARG B 620 -0.35 22.70 14.06
CA ARG B 620 -1.25 22.59 15.19
C ARG B 620 -1.01 21.29 15.88
N VAL B 621 -1.24 21.25 17.19
CA VAL B 621 -1.25 19.98 17.91
C VAL B 621 -2.27 20.06 19.01
N ARG B 622 -2.66 18.89 19.50
CA ARG B 622 -3.29 18.77 20.80
C ARG B 622 -2.74 17.57 21.55
N ILE B 623 -2.48 17.78 22.83
CA ILE B 623 -2.01 16.72 23.69
C ILE B 623 -3.12 16.31 24.65
N LEU B 624 -3.21 15.02 24.91
CA LEU B 624 -4.11 14.54 25.95
C LEU B 624 -3.68 15.00 27.31
N LYS B 625 -4.64 15.43 28.10
CA LYS B 625 -4.40 15.63 29.51
C LYS B 625 -4.39 14.26 30.15
N PRO B 626 -3.34 13.96 30.91
CA PRO B 626 -3.45 12.73 31.69
C PRO B 626 -4.61 12.86 32.62
N THR B 627 -5.35 11.79 32.86
CA THR B 627 -6.44 11.89 33.80
C THR B 627 -5.79 12.06 35.16
N VAL B 628 -4.80 11.23 35.41
CA VAL B 628 -4.17 11.13 36.70
C VAL B 628 -3.50 12.42 37.11
N ALA B 629 -2.74 13.00 36.20
CA ALA B 629 -1.85 14.09 36.53
C ALA B 629 -2.63 15.28 37.06
N HIS B 630 -3.83 15.47 36.53
CA HIS B 630 -4.63 16.58 36.99
C HIS B 630 -5.51 16.09 38.12
N ALA B 631 -5.83 14.80 38.13
CA ALA B 631 -6.74 14.27 39.13
C ALA B 631 -6.16 14.40 40.54
N ILE B 632 -4.87 14.08 40.64
CA ILE B 632 -4.20 14.09 41.93
C ILE B 632 -4.12 15.50 42.50
N ILE B 633 -3.70 16.43 41.67
CA ILE B 633 -3.51 17.78 42.12
C ILE B 633 -4.88 18.35 42.39
N GLN B 634 -5.91 17.80 41.73
CA GLN B 634 -7.29 18.12 42.08
C GLN B 634 -7.70 17.56 43.43
N MET B 635 -7.08 16.46 43.85
CA MET B 635 -7.34 15.95 45.20
C MET B 635 -6.88 17.03 46.14
N TRP B 636 -5.67 17.50 45.90
CA TRP B 636 -5.17 18.57 46.74
C TRP B 636 -5.97 19.85 46.64
N TYR B 637 -6.50 20.14 45.46
CA TYR B 637 -7.32 21.32 45.32
C TYR B 637 -8.54 21.20 46.20
N SER B 638 -9.06 19.98 46.26
CA SER B 638 -10.20 19.70 47.09
C SER B 638 -9.81 19.94 48.54
N TRP B 639 -8.57 19.59 48.89
CA TRP B 639 -8.10 19.89 50.23
C TRP B 639 -7.98 21.39 50.51
N PHE B 640 -7.59 22.14 49.49
CA PHE B 640 -7.31 23.56 49.66
C PHE B 640 -8.60 24.27 49.96
N VAL B 641 -9.57 24.07 49.07
CA VAL B 641 -10.86 24.70 49.25
C VAL B 641 -11.55 24.12 50.47
N GLU B 642 -11.23 22.89 50.81
CA GLU B 642 -11.81 22.27 52.00
C GLU B 642 -11.42 23.05 53.24
N ASP B 643 -10.12 23.10 53.52
CA ASP B 643 -9.67 23.77 54.73
C ASP B 643 -10.08 25.22 54.66
N ASP B 644 -10.07 25.76 53.45
CA ASP B 644 -10.45 27.14 53.23
C ASP B 644 -11.85 27.39 53.77
N ARG B 645 -12.86 26.96 53.02
CA ARG B 645 -14.23 27.31 53.39
C ARG B 645 -14.69 26.70 54.71
N THR B 646 -14.21 25.51 55.04
CA THR B 646 -14.70 24.84 56.24
C THR B 646 -14.13 25.48 57.49
N LEU B 647 -12.84 25.74 57.48
CA LEU B 647 -12.25 26.30 58.68
C LEU B 647 -12.52 27.80 58.69
N ALA B 648 -12.92 28.34 57.55
CA ALA B 648 -13.47 29.69 57.50
C ALA B 648 -14.82 29.69 58.19
N ALA B 649 -15.55 28.59 58.03
CA ALA B 649 -16.80 28.44 58.74
C ALA B 649 -16.48 28.37 60.22
N ALA B 650 -15.32 27.79 60.55
CA ALA B 650 -14.84 27.86 61.93
C ALA B 650 -14.49 29.29 62.34
N ARG B 651 -14.04 30.09 61.39
CA ARG B 651 -13.74 31.50 61.66
C ARG B 651 -15.03 32.19 62.03
N ARG B 652 -16.13 31.70 61.45
CA ARG B 652 -17.45 32.24 61.71
C ARG B 652 -18.01 31.77 63.04
N THR B 653 -17.84 30.48 63.32
CA THR B 653 -18.48 29.86 64.47
C THR B 653 -17.73 30.13 65.78
N SER B 654 -16.83 29.22 66.13
CA SER B 654 -16.08 29.33 67.38
C SER B 654 -15.15 30.54 67.31
N ARG B 655 -15.57 31.61 67.98
CA ARG B 655 -14.83 32.87 68.00
C ARG B 655 -13.79 32.87 69.13
N ASP B 656 -13.66 31.71 69.79
CA ASP B 656 -12.69 31.56 70.86
C ASP B 656 -11.29 31.88 70.35
N ASP B 657 -10.56 32.65 71.15
CA ASP B 657 -9.25 33.16 70.76
C ASP B 657 -8.25 32.03 70.57
N ALA B 658 -8.41 30.96 71.33
CA ALA B 658 -7.60 29.77 71.13
C ALA B 658 -7.97 29.13 69.81
N GLU B 659 -9.28 29.09 69.55
CA GLU B 659 -9.78 28.54 68.30
C GLU B 659 -9.40 29.48 67.17
N LYS B 660 -9.26 30.76 67.51
CA LYS B 660 -8.68 31.72 66.60
C LYS B 660 -7.26 31.33 66.26
N LEU B 661 -6.52 30.87 67.28
CA LEU B 661 -5.15 30.46 67.06
C LEU B 661 -5.11 29.22 66.18
N ALA B 662 -6.11 28.37 66.32
CA ALA B 662 -6.19 27.14 65.55
C ALA B 662 -6.50 27.39 64.08
N ILE B 663 -7.49 28.24 63.82
CA ILE B 663 -7.84 28.58 62.44
C ILE B 663 -6.66 29.32 61.82
N ASP B 664 -5.98 30.08 62.66
CA ASP B 664 -4.79 30.82 62.25
C ASP B 664 -3.79 29.84 61.69
N GLY B 665 -3.31 28.96 62.56
CA GLY B 665 -2.24 28.07 62.17
C GLY B 665 -2.62 27.13 61.05
N ARG B 666 -3.85 26.64 61.05
CA ARG B 666 -4.25 25.68 60.03
C ARG B 666 -4.43 26.30 58.64
N ARG B 667 -5.19 27.38 58.56
CA ARG B 667 -5.40 27.99 57.26
C ARG B 667 -4.07 28.52 56.75
N MET B 668 -3.25 29.02 57.67
CA MET B 668 -2.01 29.63 57.24
C MET B 668 -0.96 28.55 57.00
N GLN B 669 -1.25 27.32 57.42
CA GLN B 669 -0.32 26.23 57.11
C GLN B 669 -0.69 25.56 55.79
N ASN B 670 -1.97 25.57 55.42
CA ASN B 670 -2.25 25.22 54.04
C ASN B 670 -1.65 26.31 53.17
N ALA B 671 -1.66 27.52 53.70
CA ALA B 671 -1.10 28.64 52.99
C ALA B 671 0.39 28.41 52.80
N VAL B 672 1.07 27.95 53.83
CA VAL B 672 2.51 27.71 53.70
C VAL B 672 2.69 26.49 52.81
N THR B 673 1.67 25.66 52.73
CA THR B 673 1.75 24.46 51.91
C THR B 673 1.88 24.85 50.46
N LEU B 674 0.85 25.48 49.92
CA LEU B 674 0.90 25.90 48.53
C LEU B 674 1.98 26.93 48.29
N LEU B 675 2.29 27.69 49.33
CA LEU B 675 3.44 28.58 49.30
C LEU B 675 4.68 27.81 48.86
N ARG B 676 5.14 26.90 49.71
CA ARG B 676 6.39 26.20 49.46
C ARG B 676 6.29 25.33 48.20
N LYS B 677 5.09 24.87 47.89
CA LYS B 677 4.91 24.05 46.70
C LYS B 677 5.15 24.83 45.43
N ILE B 678 4.47 25.96 45.28
CA ILE B 678 4.67 26.76 44.08
C ILE B 678 6.09 27.30 44.11
N GLU B 679 6.61 27.44 45.31
CA GLU B 679 7.97 27.90 45.53
C GLU B 679 8.93 26.99 44.82
N MET B 680 8.83 25.69 45.08
CA MET B 680 9.72 24.75 44.41
C MET B 680 9.32 24.63 42.94
N ILE B 681 8.07 24.95 42.63
CA ILE B 681 7.62 24.93 41.23
C ILE B 681 8.34 25.98 40.40
N GLY B 682 8.74 27.07 41.03
CA GLY B 682 9.32 28.16 40.29
C GLY B 682 10.73 27.89 39.78
N THR B 683 11.40 26.94 40.41
CA THR B 683 12.78 26.61 40.06
C THR B 683 12.83 25.70 38.84
N THR B 684 11.66 25.27 38.40
CA THR B 684 11.55 24.42 37.22
C THR B 684 12.05 25.16 35.98
N GLY B 685 12.58 24.40 35.03
CA GLY B 685 13.21 24.97 33.88
C GLY B 685 12.28 25.76 32.98
N ILE B 686 11.05 25.27 32.80
CA ILE B 686 10.09 26.08 32.07
C ILE B 686 9.72 27.25 32.96
N GLY B 687 9.82 27.04 34.26
CA GLY B 687 9.50 28.09 35.20
C GLY B 687 10.59 29.12 35.04
N ALA B 688 11.79 28.63 34.81
CA ALA B 688 12.92 29.51 34.56
C ALA B 688 12.69 30.28 33.28
N SER B 689 12.04 29.63 32.31
CA SER B 689 11.78 30.29 31.05
C SER B 689 10.79 31.41 31.27
N ALA B 690 9.75 31.13 32.05
CA ALA B 690 8.71 32.12 32.29
C ALA B 690 9.28 33.29 33.08
N VAL B 691 10.18 32.98 33.99
CA VAL B 691 10.80 34.02 34.79
C VAL B 691 11.62 34.91 33.87
N HIS B 692 12.66 34.37 33.27
CA HIS B 692 13.57 35.19 32.49
C HIS B 692 12.90 35.88 31.32
N LEU B 693 11.94 35.22 30.71
CA LEU B 693 11.36 35.76 29.50
C LEU B 693 10.27 36.79 29.81
N ALA B 694 9.38 36.48 30.75
CA ALA B 694 8.36 37.47 31.10
C ALA B 694 9.03 38.68 31.74
N GLN B 695 10.07 38.43 32.50
CA GLN B 695 10.85 39.51 33.08
C GLN B 695 11.52 40.30 31.98
N SER B 696 11.93 39.61 30.93
CA SER B 696 12.54 40.30 29.80
C SER B 696 11.50 41.20 29.16
N ARG B 697 10.26 40.75 29.14
CA ARG B 697 9.22 41.50 28.46
C ARG B 697 8.85 42.75 29.25
N ILE B 698 8.65 42.60 30.55
CA ILE B 698 8.31 43.75 31.35
C ILE B 698 9.49 44.70 31.52
N VAL B 699 10.72 44.18 31.45
CA VAL B 699 11.88 45.06 31.40
C VAL B 699 11.84 45.82 30.10
N ASP B 700 11.34 45.17 29.06
CA ASP B 700 11.14 45.87 27.81
C ASP B 700 10.06 46.94 27.99
N GLN B 701 9.09 46.66 28.86
CA GLN B 701 8.05 47.62 29.20
C GLN B 701 8.65 48.80 29.95
N MET B 702 9.73 48.55 30.67
CA MET B 702 10.44 49.59 31.39
C MET B 702 11.00 50.56 30.36
N ALA B 703 11.33 50.02 29.19
CA ALA B 703 11.86 50.82 28.10
C ALA B 703 10.75 51.54 27.34
N GLY B 704 9.50 51.22 27.69
CA GLY B 704 8.36 51.91 27.10
C GLY B 704 8.44 53.41 27.32
N ARG B 705 7.97 53.85 28.47
CA ARG B 705 8.23 55.23 28.89
C ARG B 705 9.72 55.36 29.16
N GLY B 706 10.29 56.51 28.81
CA GLY B 706 11.74 56.65 28.87
C GLY B 706 12.36 56.85 30.24
N LEU B 707 11.55 57.23 31.23
CA LEU B 707 12.07 57.52 32.56
C LEU B 707 11.92 56.35 33.52
N ILE B 708 10.99 55.45 33.23
CA ILE B 708 10.88 54.21 33.99
C ILE B 708 11.74 53.16 33.32
N ASP B 709 12.59 53.60 32.40
CA ASP B 709 13.64 52.78 31.84
C ASP B 709 14.87 52.80 32.74
N ASP B 710 14.76 53.56 33.83
CA ASP B 710 15.86 53.72 34.77
C ASP B 710 16.25 52.41 35.45
N SER B 711 16.67 51.44 34.64
CA SER B 711 17.05 50.11 35.09
C SER B 711 15.92 49.41 35.84
N SER B 712 16.20 48.19 36.28
CA SER B 712 15.23 47.42 37.04
C SER B 712 14.91 48.12 38.35
N ASP B 713 13.65 48.08 38.76
CA ASP B 713 13.28 48.62 40.05
C ASP B 713 12.37 47.62 40.80
N LEU B 714 12.01 46.53 40.12
CA LEU B 714 11.24 45.48 40.76
C LEU B 714 12.00 44.76 41.85
N HIS B 715 13.21 44.34 41.55
CA HIS B 715 13.89 43.38 42.40
C HIS B 715 14.41 43.93 43.71
N VAL B 716 13.86 43.39 44.79
CA VAL B 716 14.25 43.68 46.17
C VAL B 716 14.11 42.39 46.94
N GLY B 717 12.86 41.96 47.12
CA GLY B 717 12.56 40.71 47.78
C GLY B 717 11.18 40.17 47.44
N ILE B 718 10.16 40.94 47.77
CA ILE B 718 8.78 40.46 47.65
C ILE B 718 8.41 40.15 46.21
N ASN B 719 8.93 40.91 45.25
CA ASN B 719 8.52 40.72 43.87
C ASN B 719 8.89 39.34 43.36
N ARG B 720 10.03 38.84 43.81
CA ARG B 720 10.56 37.61 43.23
C ARG B 720 9.65 36.45 43.57
N HIS B 721 9.27 36.36 44.83
CA HIS B 721 8.34 35.34 45.27
C HIS B 721 6.98 35.61 44.64
N ARG B 722 6.69 36.89 44.44
CA ARG B 722 5.39 37.33 43.93
C ARG B 722 5.18 36.91 42.49
N ILE B 723 6.29 36.72 41.77
CA ILE B 723 6.22 36.30 40.39
C ILE B 723 6.62 34.83 40.34
N ARG B 724 7.07 34.32 41.47
CA ARG B 724 7.47 32.93 41.56
C ARG B 724 6.25 32.07 41.33
N ILE B 725 5.10 32.61 41.74
CA ILE B 725 3.83 31.95 41.55
C ILE B 725 3.50 31.81 40.07
N TRP B 726 3.96 32.77 39.27
CA TRP B 726 3.63 32.78 37.87
C TRP B 726 4.17 31.54 37.20
N ALA B 727 5.30 31.06 37.69
CA ALA B 727 5.85 29.80 37.20
C ALA B 727 4.89 28.68 37.54
N GLY B 728 4.26 28.81 38.69
CA GLY B 728 3.31 27.81 39.13
C GLY B 728 2.00 28.00 38.42
N LEU B 729 1.88 29.14 37.73
CA LEU B 729 0.69 29.43 36.95
C LEU B 729 0.80 28.84 35.55
N ALA B 730 1.99 28.92 34.97
CA ALA B 730 2.21 28.24 33.71
C ALA B 730 2.16 26.75 33.95
N VAL B 731 2.69 26.34 35.10
CA VAL B 731 2.61 24.96 35.52
C VAL B 731 1.15 24.61 35.81
N LEU B 732 0.37 25.63 36.15
CA LEU B 732 -1.05 25.42 36.39
C LEU B 732 -1.73 25.16 35.06
N GLN B 733 -2.32 26.20 34.51
CA GLN B 733 -3.07 26.07 33.29
C GLN B 733 -2.14 25.88 32.11
N MET B 734 -2.59 25.08 31.15
CA MET B 734 -1.92 24.85 29.89
C MET B 734 -0.48 24.39 30.09
N MET B 735 -0.24 23.78 31.24
CA MET B 735 0.83 22.84 31.36
C MET B 735 0.24 21.50 30.95
N GLY B 736 -1.06 21.52 30.72
CA GLY B 736 -1.80 20.33 30.39
C GLY B 736 -2.43 19.67 31.60
N LEU B 737 -2.40 20.37 32.74
CA LEU B 737 -3.00 19.82 33.94
C LEU B 737 -4.21 20.60 34.42
N LEU B 738 -3.95 21.68 35.15
CA LEU B 738 -5.00 22.35 35.91
C LEU B 738 -6.00 23.03 34.98
N SER B 739 -7.22 23.22 35.46
CA SER B 739 -8.35 23.60 34.61
C SER B 739 -8.85 25.03 34.80
N ARG B 740 -8.03 25.88 35.41
CA ARG B 740 -8.45 27.23 35.80
C ARG B 740 -9.65 27.17 36.71
N SER B 741 -10.22 28.33 37.01
CA SER B 741 -11.15 28.45 38.13
C SER B 741 -10.43 27.81 39.29
N GLU B 742 -9.15 28.14 39.39
CA GLU B 742 -8.20 27.35 40.14
C GLU B 742 -7.14 28.27 40.68
N ALA B 743 -6.40 28.88 39.76
CA ALA B 743 -5.48 29.95 40.13
C ALA B 743 -6.31 31.05 40.74
N GLU B 744 -7.53 31.16 40.22
CA GLU B 744 -8.58 31.98 40.81
C GLU B 744 -8.54 31.76 42.31
N ALA B 745 -8.86 30.52 42.70
CA ALA B 745 -8.85 30.13 44.09
C ALA B 745 -7.48 30.44 44.69
N LEU B 746 -6.43 30.03 43.99
CA LEU B 746 -5.10 30.24 44.52
C LEU B 746 -4.84 31.71 44.74
N THR B 747 -5.33 32.54 43.81
CA THR B 747 -5.11 33.96 43.95
C THR B 747 -5.73 34.41 45.26
N LYS B 748 -6.98 34.02 45.49
CA LYS B 748 -7.62 34.55 46.67
C LYS B 748 -6.87 34.02 47.87
N VAL B 749 -6.37 32.78 47.80
CA VAL B 749 -5.77 32.24 49.00
C VAL B 749 -4.40 32.85 49.16
N LEU B 750 -3.77 33.25 48.05
CA LEU B 750 -2.47 33.86 48.20
C LEU B 750 -2.68 35.27 48.72
N GLY B 751 -3.90 35.77 48.58
CA GLY B 751 -4.23 37.06 49.16
C GLY B 751 -4.58 36.92 50.63
N ASP B 752 -4.89 35.70 51.04
CA ASP B 752 -5.37 35.45 52.39
C ASP B 752 -4.27 35.73 53.39
N SER B 753 -3.02 35.53 52.99
CA SER B 753 -1.93 35.55 53.95
C SER B 753 -0.78 36.43 53.55
N ASN B 754 0.13 36.62 54.50
CA ASN B 754 1.33 37.40 54.31
C ASN B 754 2.18 36.77 53.23
N ALA B 755 2.04 35.46 53.10
CA ALA B 755 2.87 34.69 52.19
C ALA B 755 4.34 34.91 52.51
N LEU B 756 4.92 35.91 51.85
CA LEU B 756 6.36 36.15 51.84
C LEU B 756 7.03 34.86 51.34
N GLY B 757 8.29 34.65 51.68
CA GLY B 757 8.99 33.46 51.23
C GLY B 757 8.46 32.08 51.59
N MET B 758 7.84 31.86 52.76
CA MET B 758 7.70 32.82 53.84
C MET B 758 9.09 33.15 54.35
N VAL B 759 9.96 32.16 54.24
CA VAL B 759 11.41 32.34 54.27
C VAL B 759 11.90 31.39 53.18
N VAL B 760 13.06 31.67 52.59
CA VAL B 760 13.57 30.97 51.41
C VAL B 760 12.71 31.31 50.20
N ALA B 761 13.34 31.80 49.12
CA ALA B 761 14.79 32.04 49.11
#